data_3NO7
# 
_entry.id   3NO7 
# 
_audit_conform.dict_name       mmcif_pdbx.dic 
_audit_conform.dict_version    5.383 
_audit_conform.dict_location   http://mmcif.pdb.org/dictionaries/ascii/mmcif_pdbx.dic 
# 
loop_
_database_2.database_id 
_database_2.database_code 
_database_2.pdbx_database_accession 
_database_2.pdbx_DOI 
PDB   3NO7         pdb_00003no7 10.2210/pdb3no7/pdb 
RCSB  RCSB060073   ?            ?                   
WWPDB D_1000060073 ?            ?                   
# 
loop_
_pdbx_audit_revision_history.ordinal 
_pdbx_audit_revision_history.data_content_type 
_pdbx_audit_revision_history.major_revision 
_pdbx_audit_revision_history.minor_revision 
_pdbx_audit_revision_history.revision_date 
1 'Structure model' 1 0 2010-12-22 
2 'Structure model' 1 1 2011-07-13 
3 'Structure model' 1 2 2014-02-26 
4 'Structure model' 1 3 2023-12-27 
# 
_pdbx_audit_revision_details.ordinal             1 
_pdbx_audit_revision_details.revision_ordinal    1 
_pdbx_audit_revision_details.data_content_type   'Structure model' 
_pdbx_audit_revision_details.provider            repository 
_pdbx_audit_revision_details.type                'Initial release' 
_pdbx_audit_revision_details.description         ? 
_pdbx_audit_revision_details.details             ? 
# 
loop_
_pdbx_audit_revision_group.ordinal 
_pdbx_audit_revision_group.revision_ordinal 
_pdbx_audit_revision_group.data_content_type 
_pdbx_audit_revision_group.group 
1 2 'Structure model' 'Version format compliance' 
2 3 'Structure model' 'Database references'       
3 4 'Structure model' 'Data collection'           
4 4 'Structure model' 'Database references'       
5 4 'Structure model' 'Derived calculations'      
# 
loop_
_pdbx_audit_revision_category.ordinal 
_pdbx_audit_revision_category.revision_ordinal 
_pdbx_audit_revision_category.data_content_type 
_pdbx_audit_revision_category.category 
1 4 'Structure model' chem_comp_atom               
2 4 'Structure model' chem_comp_bond               
3 4 'Structure model' database_2                   
4 4 'Structure model' pdbx_struct_special_symmetry 
5 4 'Structure model' struct_ref_seq_dif           
6 4 'Structure model' struct_site                  
# 
loop_
_pdbx_audit_revision_item.ordinal 
_pdbx_audit_revision_item.revision_ordinal 
_pdbx_audit_revision_item.data_content_type 
_pdbx_audit_revision_item.item 
1 4 'Structure model' '_database_2.pdbx_DOI'                
2 4 'Structure model' '_database_2.pdbx_database_accession' 
3 4 'Structure model' '_struct_ref_seq_dif.details'         
4 4 'Structure model' '_struct_site.pdbx_auth_asym_id'      
5 4 'Structure model' '_struct_site.pdbx_auth_comp_id'      
6 4 'Structure model' '_struct_site.pdbx_auth_seq_id'       
# 
_pdbx_database_status.status_code                     REL 
_pdbx_database_status.entry_id                        3NO7 
_pdbx_database_status.recvd_initial_deposition_date   2010-06-24 
_pdbx_database_status.deposit_site                    RCSB 
_pdbx_database_status.process_site                    PDBJ 
_pdbx_database_status.status_code_sf                  REL 
_pdbx_database_status.status_code_mr                  ? 
_pdbx_database_status.SG_entry                        ? 
_pdbx_database_status.status_code_cs                  ? 
_pdbx_database_status.pdb_format_compatible           Y 
_pdbx_database_status.status_code_nmr_data            ? 
_pdbx_database_status.methods_development_category    ? 
# 
_audit_author.name           'Ye, K.' 
_audit_author.pdbx_ordinal   1 
# 
_citation.id                        primary 
_citation.title                     'Crystal structure and centromere binding of the plasmid segregation protein ParB from pCXC100' 
_citation.journal_abbrev            'Nucleic Acids Res.' 
_citation.journal_volume            39 
_citation.page_first                2954 
_citation.page_last                 2968 
_citation.year                      2011 
_citation.journal_id_ASTM           NARHAD 
_citation.country                   UK 
_citation.journal_id_ISSN           0305-1048 
_citation.journal_id_CSD            0389 
_citation.book_publisher            ? 
_citation.pdbx_database_id_PubMed   21123191 
_citation.pdbx_database_id_DOI      10.1093/nar/gkq915 
# 
loop_
_citation_author.citation_id 
_citation_author.name 
_citation_author.ordinal 
_citation_author.identifier_ORCID 
primary 'Huang, L.' 1 ? 
primary 'Yin, P.'   2 ? 
primary 'Zhu, X.'   3 ? 
primary 'Zhang, Y.' 4 ? 
primary 'Ye, K.'    5 ? 
# 
loop_
_entity.id 
_entity.type 
_entity.src_method 
_entity.pdbx_description 
_entity.formula_weight 
_entity.pdbx_number_of_molecules 
_entity.pdbx_ec 
_entity.pdbx_mutation 
_entity.pdbx_fragment 
_entity.details 
1 polymer     man 'Putative plasmid related protein' 9019.030 2   ? ? 'UNP residues 65-139' ? 
2 non-polymer syn 'SULFATE ION'                      96.063   10  ? ? ?                     ? 
3 water       nat water                              18.015   162 ? ? ?                     ? 
# 
_entity_name_com.entity_id   1 
_entity_name_com.name        ParB 
# 
_entity_poly.entity_id                      1 
_entity_poly.type                           'polypeptide(L)' 
_entity_poly.nstd_linkage                   no 
_entity_poly.nstd_monomer                   no 
_entity_poly.pdbx_seq_one_letter_code       GPEASARSEVKMTVTVGEERRARLRTAYTLTHLQEGHRTFSGFIAAALDAEVQRLEQRYNEGRRFENAERGVTRGRPLGS 
_entity_poly.pdbx_seq_one_letter_code_can   GPEASARSEVKMTVTVGEERRARLRTAYTLTHLQEGHRTFSGFIAAALDAEVQRLEQRYNEGRRFENAERGVTRGRPLGS 
_entity_poly.pdbx_strand_id                 A,B 
_entity_poly.pdbx_target_identifier         ? 
# 
loop_
_pdbx_entity_nonpoly.entity_id 
_pdbx_entity_nonpoly.name 
_pdbx_entity_nonpoly.comp_id 
2 'SULFATE ION' SO4 
3 water         HOH 
# 
loop_
_entity_poly_seq.entity_id 
_entity_poly_seq.num 
_entity_poly_seq.mon_id 
_entity_poly_seq.hetero 
1 1  GLY n 
1 2  PRO n 
1 3  GLU n 
1 4  ALA n 
1 5  SER n 
1 6  ALA n 
1 7  ARG n 
1 8  SER n 
1 9  GLU n 
1 10 VAL n 
1 11 LYS n 
1 12 MET n 
1 13 THR n 
1 14 VAL n 
1 15 THR n 
1 16 VAL n 
1 17 GLY n 
1 18 GLU n 
1 19 GLU n 
1 20 ARG n 
1 21 ARG n 
1 22 ALA n 
1 23 ARG n 
1 24 LEU n 
1 25 ARG n 
1 26 THR n 
1 27 ALA n 
1 28 TYR n 
1 29 THR n 
1 30 LEU n 
1 31 THR n 
1 32 HIS n 
1 33 LEU n 
1 34 GLN n 
1 35 GLU n 
1 36 GLY n 
1 37 HIS n 
1 38 ARG n 
1 39 THR n 
1 40 PHE n 
1 41 SER n 
1 42 GLY n 
1 43 PHE n 
1 44 ILE n 
1 45 ALA n 
1 46 ALA n 
1 47 ALA n 
1 48 LEU n 
1 49 ASP n 
1 50 ALA n 
1 51 GLU n 
1 52 VAL n 
1 53 GLN n 
1 54 ARG n 
1 55 LEU n 
1 56 GLU n 
1 57 GLN n 
1 58 ARG n 
1 59 TYR n 
1 60 ASN n 
1 61 GLU n 
1 62 GLY n 
1 63 ARG n 
1 64 ARG n 
1 65 PHE n 
1 66 GLU n 
1 67 ASN n 
1 68 ALA n 
1 69 GLU n 
1 70 ARG n 
1 71 GLY n 
1 72 VAL n 
1 73 THR n 
1 74 ARG n 
1 75 GLY n 
1 76 ARG n 
1 77 PRO n 
1 78 LEU n 
1 79 GLY n 
1 80 SER n 
# 
_entity_src_gen.entity_id                          1 
_entity_src_gen.pdbx_src_id                        1 
_entity_src_gen.pdbx_alt_source_flag               sample 
_entity_src_gen.pdbx_seq_type                      ? 
_entity_src_gen.pdbx_beg_seq_num                   ? 
_entity_src_gen.pdbx_end_seq_num                   ? 
_entity_src_gen.gene_src_common_name               'Clavibacter xyli cynodontis' 
_entity_src_gen.gene_src_genus                     ? 
_entity_src_gen.pdbx_gene_src_gene                 pCXC100 
_entity_src_gen.gene_src_species                   ? 
_entity_src_gen.gene_src_strain                    ? 
_entity_src_gen.gene_src_tissue                    ? 
_entity_src_gen.gene_src_tissue_fraction           ? 
_entity_src_gen.gene_src_details                   ? 
_entity_src_gen.pdbx_gene_src_fragment             ? 
_entity_src_gen.pdbx_gene_src_scientific_name      'Leifsonia xyli subsp. cynodontis' 
_entity_src_gen.pdbx_gene_src_ncbi_taxonomy_id     31966 
_entity_src_gen.pdbx_gene_src_variant              ? 
_entity_src_gen.pdbx_gene_src_cell_line            ? 
_entity_src_gen.pdbx_gene_src_atcc                 ? 
_entity_src_gen.pdbx_gene_src_organ                ? 
_entity_src_gen.pdbx_gene_src_organelle            ? 
_entity_src_gen.pdbx_gene_src_cell                 ? 
_entity_src_gen.pdbx_gene_src_cellular_location    ? 
_entity_src_gen.host_org_common_name               ? 
_entity_src_gen.pdbx_host_org_scientific_name      'Escherichia coli' 
_entity_src_gen.pdbx_host_org_ncbi_taxonomy_id     562 
_entity_src_gen.host_org_genus                     ? 
_entity_src_gen.pdbx_host_org_gene                 ? 
_entity_src_gen.pdbx_host_org_organ                ? 
_entity_src_gen.host_org_species                   ? 
_entity_src_gen.pdbx_host_org_tissue               ? 
_entity_src_gen.pdbx_host_org_tissue_fraction      ? 
_entity_src_gen.pdbx_host_org_strain               'BL21-Gold (DE3)' 
_entity_src_gen.pdbx_host_org_variant              ? 
_entity_src_gen.pdbx_host_org_cell_line            ? 
_entity_src_gen.pdbx_host_org_atcc                 ? 
_entity_src_gen.pdbx_host_org_culture_collection   ? 
_entity_src_gen.pdbx_host_org_cell                 ? 
_entity_src_gen.pdbx_host_org_organelle            ? 
_entity_src_gen.pdbx_host_org_cellular_location    ? 
_entity_src_gen.pdbx_host_org_vector_type          Plasmid 
_entity_src_gen.pdbx_host_org_vector               ? 
_entity_src_gen.host_org_details                   ? 
_entity_src_gen.expression_system_id               ? 
_entity_src_gen.plasmid_name                       pET-Duet1 
_entity_src_gen.plasmid_details                    ? 
_entity_src_gen.pdbx_description                   ? 
# 
loop_
_chem_comp.id 
_chem_comp.type 
_chem_comp.mon_nstd_flag 
_chem_comp.name 
_chem_comp.pdbx_synonyms 
_chem_comp.formula 
_chem_comp.formula_weight 
ALA 'L-peptide linking' y ALANINE         ? 'C3 H7 N O2'     89.093  
ARG 'L-peptide linking' y ARGININE        ? 'C6 H15 N4 O2 1' 175.209 
ASN 'L-peptide linking' y ASPARAGINE      ? 'C4 H8 N2 O3'    132.118 
ASP 'L-peptide linking' y 'ASPARTIC ACID' ? 'C4 H7 N O4'     133.103 
GLN 'L-peptide linking' y GLUTAMINE       ? 'C5 H10 N2 O3'   146.144 
GLU 'L-peptide linking' y 'GLUTAMIC ACID' ? 'C5 H9 N O4'     147.129 
GLY 'peptide linking'   y GLYCINE         ? 'C2 H5 N O2'     75.067  
HIS 'L-peptide linking' y HISTIDINE       ? 'C6 H10 N3 O2 1' 156.162 
HOH non-polymer         . WATER           ? 'H2 O'           18.015  
ILE 'L-peptide linking' y ISOLEUCINE      ? 'C6 H13 N O2'    131.173 
LEU 'L-peptide linking' y LEUCINE         ? 'C6 H13 N O2'    131.173 
LYS 'L-peptide linking' y LYSINE          ? 'C6 H15 N2 O2 1' 147.195 
MET 'L-peptide linking' y METHIONINE      ? 'C5 H11 N O2 S'  149.211 
PHE 'L-peptide linking' y PHENYLALANINE   ? 'C9 H11 N O2'    165.189 
PRO 'L-peptide linking' y PROLINE         ? 'C5 H9 N O2'     115.130 
SER 'L-peptide linking' y SERINE          ? 'C3 H7 N O3'     105.093 
SO4 non-polymer         . 'SULFATE ION'   ? 'O4 S -2'        96.063  
THR 'L-peptide linking' y THREONINE       ? 'C4 H9 N O3'     119.119 
TYR 'L-peptide linking' y TYROSINE        ? 'C9 H11 N O3'    181.189 
VAL 'L-peptide linking' y VALINE          ? 'C5 H11 N O2'    117.146 
# 
loop_
_pdbx_poly_seq_scheme.asym_id 
_pdbx_poly_seq_scheme.entity_id 
_pdbx_poly_seq_scheme.seq_id 
_pdbx_poly_seq_scheme.mon_id 
_pdbx_poly_seq_scheme.ndb_seq_num 
_pdbx_poly_seq_scheme.pdb_seq_num 
_pdbx_poly_seq_scheme.auth_seq_num 
_pdbx_poly_seq_scheme.pdb_mon_id 
_pdbx_poly_seq_scheme.auth_mon_id 
_pdbx_poly_seq_scheme.pdb_strand_id 
_pdbx_poly_seq_scheme.pdb_ins_code 
_pdbx_poly_seq_scheme.hetero 
A 1 1  GLY 1  60  ?   ?   ?   A . n 
A 1 2  PRO 2  61  ?   ?   ?   A . n 
A 1 3  GLU 3  62  ?   ?   ?   A . n 
A 1 4  ALA 4  63  ?   ?   ?   A . n 
A 1 5  SER 5  64  ?   ?   ?   A . n 
A 1 6  ALA 6  65  ?   ?   ?   A . n 
A 1 7  ARG 7  66  ?   ?   ?   A . n 
A 1 8  SER 8  67  ?   ?   ?   A . n 
A 1 9  GLU 9  68  ?   ?   ?   A . n 
A 1 10 VAL 10 69  69  VAL VAL A . n 
A 1 11 LYS 11 70  70  LYS LYS A . n 
A 1 12 MET 12 71  71  MET MET A . n 
A 1 13 THR 13 72  72  THR THR A . n 
A 1 14 VAL 14 73  73  VAL VAL A . n 
A 1 15 THR 15 74  74  THR THR A . n 
A 1 16 VAL 16 75  75  VAL VAL A . n 
A 1 17 GLY 17 76  76  GLY GLY A . n 
A 1 18 GLU 18 77  77  GLU GLU A . n 
A 1 19 GLU 19 78  78  GLU GLU A . n 
A 1 20 ARG 20 79  79  ARG ARG A . n 
A 1 21 ARG 21 80  80  ARG ARG A . n 
A 1 22 ALA 22 81  81  ALA ALA A . n 
A 1 23 ARG 23 82  82  ARG ARG A . n 
A 1 24 LEU 24 83  83  LEU LEU A . n 
A 1 25 ARG 25 84  84  ARG ARG A . n 
A 1 26 THR 26 85  85  THR THR A . n 
A 1 27 ALA 27 86  86  ALA ALA A . n 
A 1 28 TYR 28 87  87  TYR TYR A . n 
A 1 29 THR 29 88  88  THR THR A . n 
A 1 30 LEU 30 89  89  LEU LEU A . n 
A 1 31 THR 31 90  90  THR THR A . n 
A 1 32 HIS 32 91  91  HIS HIS A . n 
A 1 33 LEU 33 92  92  LEU LEU A . n 
A 1 34 GLN 34 93  93  GLN GLN A . n 
A 1 35 GLU 35 94  94  GLU GLU A . n 
A 1 36 GLY 36 95  95  GLY GLY A . n 
A 1 37 HIS 37 96  96  HIS HIS A . n 
A 1 38 ARG 38 97  97  ARG ARG A . n 
A 1 39 THR 39 98  98  THR THR A . n 
A 1 40 PHE 40 99  99  PHE PHE A . n 
A 1 41 SER 41 100 100 SER SER A . n 
A 1 42 GLY 42 101 101 GLY GLY A . n 
A 1 43 PHE 43 102 102 PHE PHE A . n 
A 1 44 ILE 44 103 103 ILE ILE A . n 
A 1 45 ALA 45 104 104 ALA ALA A . n 
A 1 46 ALA 46 105 105 ALA ALA A . n 
A 1 47 ALA 47 106 106 ALA ALA A . n 
A 1 48 LEU 48 107 107 LEU LEU A . n 
A 1 49 ASP 49 108 108 ASP ASP A . n 
A 1 50 ALA 50 109 109 ALA ALA A . n 
A 1 51 GLU 51 110 110 GLU GLU A . n 
A 1 52 VAL 52 111 111 VAL VAL A . n 
A 1 53 GLN 53 112 112 GLN GLN A . n 
A 1 54 ARG 54 113 113 ARG ARG A . n 
A 1 55 LEU 55 114 114 LEU LEU A . n 
A 1 56 GLU 56 115 115 GLU GLU A . n 
A 1 57 GLN 57 116 116 GLN GLN A . n 
A 1 58 ARG 58 117 117 ARG ARG A . n 
A 1 59 TYR 59 118 118 TYR TYR A . n 
A 1 60 ASN 60 119 119 ASN ASN A . n 
A 1 61 GLU 61 120 120 GLU GLU A . n 
A 1 62 GLY 62 121 121 GLY GLY A . n 
A 1 63 ARG 63 122 122 ARG ARG A . n 
A 1 64 ARG 64 123 123 ARG ARG A . n 
A 1 65 PHE 65 124 124 PHE PHE A . n 
A 1 66 GLU 66 125 125 GLU GLU A . n 
A 1 67 ASN 67 126 126 ASN ASN A . n 
A 1 68 ALA 68 127 127 ALA ALA A . n 
A 1 69 GLU 69 128 128 GLU GLU A . n 
A 1 70 ARG 70 129 ?   ?   ?   A . n 
A 1 71 GLY 71 130 ?   ?   ?   A . n 
A 1 72 VAL 72 131 ?   ?   ?   A . n 
A 1 73 THR 73 132 ?   ?   ?   A . n 
A 1 74 ARG 74 133 ?   ?   ?   A . n 
A 1 75 GLY 75 134 ?   ?   ?   A . n 
A 1 76 ARG 76 135 ?   ?   ?   A . n 
A 1 77 PRO 77 136 ?   ?   ?   A . n 
A 1 78 LEU 78 137 ?   ?   ?   A . n 
A 1 79 GLY 79 138 ?   ?   ?   A . n 
A 1 80 SER 80 139 ?   ?   ?   A . n 
B 1 1  GLY 1  60  ?   ?   ?   B . n 
B 1 2  PRO 2  61  ?   ?   ?   B . n 
B 1 3  GLU 3  62  ?   ?   ?   B . n 
B 1 4  ALA 4  63  ?   ?   ?   B . n 
B 1 5  SER 5  64  ?   ?   ?   B . n 
B 1 6  ALA 6  65  ?   ?   ?   B . n 
B 1 7  ARG 7  66  ?   ?   ?   B . n 
B 1 8  SER 8  67  ?   ?   ?   B . n 
B 1 9  GLU 9  68  ?   ?   ?   B . n 
B 1 10 VAL 10 69  ?   ?   ?   B . n 
B 1 11 LYS 11 70  70  LYS LYS B . n 
B 1 12 MET 12 71  71  MET MET B . n 
B 1 13 THR 13 72  72  THR THR B . n 
B 1 14 VAL 14 73  73  VAL VAL B . n 
B 1 15 THR 15 74  74  THR THR B . n 
B 1 16 VAL 16 75  75  VAL VAL B . n 
B 1 17 GLY 17 76  76  GLY GLY B . n 
B 1 18 GLU 18 77  77  GLU GLU B . n 
B 1 19 GLU 19 78  78  GLU GLU B . n 
B 1 20 ARG 20 79  79  ARG ARG B . n 
B 1 21 ARG 21 80  80  ARG ARG B . n 
B 1 22 ALA 22 81  81  ALA ALA B . n 
B 1 23 ARG 23 82  82  ARG ARG B . n 
B 1 24 LEU 24 83  83  LEU LEU B . n 
B 1 25 ARG 25 84  84  ARG ARG B . n 
B 1 26 THR 26 85  85  THR THR B . n 
B 1 27 ALA 27 86  86  ALA ALA B . n 
B 1 28 TYR 28 87  87  TYR TYR B . n 
B 1 29 THR 29 88  88  THR THR B . n 
B 1 30 LEU 30 89  89  LEU LEU B . n 
B 1 31 THR 31 90  90  THR THR B . n 
B 1 32 HIS 32 91  91  HIS HIS B . n 
B 1 33 LEU 33 92  92  LEU LEU B . n 
B 1 34 GLN 34 93  93  GLN GLN B . n 
B 1 35 GLU 35 94  94  GLU GLU B . n 
B 1 36 GLY 36 95  95  GLY GLY B . n 
B 1 37 HIS 37 96  96  HIS HIS B . n 
B 1 38 ARG 38 97  97  ARG ARG B . n 
B 1 39 THR 39 98  98  THR THR B . n 
B 1 40 PHE 40 99  99  PHE PHE B . n 
B 1 41 SER 41 100 100 SER SER B . n 
B 1 42 GLY 42 101 101 GLY GLY B . n 
B 1 43 PHE 43 102 102 PHE PHE B . n 
B 1 44 ILE 44 103 103 ILE ILE B . n 
B 1 45 ALA 45 104 104 ALA ALA B . n 
B 1 46 ALA 46 105 105 ALA ALA B . n 
B 1 47 ALA 47 106 106 ALA ALA B . n 
B 1 48 LEU 48 107 107 LEU LEU B . n 
B 1 49 ASP 49 108 108 ASP ASP B . n 
B 1 50 ALA 50 109 109 ALA ALA B . n 
B 1 51 GLU 51 110 110 GLU GLU B . n 
B 1 52 VAL 52 111 111 VAL VAL B . n 
B 1 53 GLN 53 112 112 GLN GLN B . n 
B 1 54 ARG 54 113 113 ARG ARG B . n 
B 1 55 LEU 55 114 114 LEU LEU B . n 
B 1 56 GLU 56 115 115 GLU GLU B . n 
B 1 57 GLN 57 116 116 GLN GLN B . n 
B 1 58 ARG 58 117 117 ARG ARG B . n 
B 1 59 TYR 59 118 118 TYR TYR B . n 
B 1 60 ASN 60 119 119 ASN ASN B . n 
B 1 61 GLU 61 120 120 GLU GLU B . n 
B 1 62 GLY 62 121 121 GLY GLY B . n 
B 1 63 ARG 63 122 122 ARG ARG B . n 
B 1 64 ARG 64 123 123 ARG ARG B . n 
B 1 65 PHE 65 124 124 PHE PHE B . n 
B 1 66 GLU 66 125 125 GLU GLU B . n 
B 1 67 ASN 67 126 126 ASN ASN B . n 
B 1 68 ALA 68 127 127 ALA ALA B . n 
B 1 69 GLU 69 128 128 GLU GLU B . n 
B 1 70 ARG 70 129 ?   ?   ?   B . n 
B 1 71 GLY 71 130 ?   ?   ?   B . n 
B 1 72 VAL 72 131 ?   ?   ?   B . n 
B 1 73 THR 73 132 ?   ?   ?   B . n 
B 1 74 ARG 74 133 ?   ?   ?   B . n 
B 1 75 GLY 75 134 ?   ?   ?   B . n 
B 1 76 ARG 76 135 ?   ?   ?   B . n 
B 1 77 PRO 77 136 ?   ?   ?   B . n 
B 1 78 LEU 78 137 ?   ?   ?   B . n 
B 1 79 GLY 79 138 ?   ?   ?   B . n 
B 1 80 SER 80 139 ?   ?   ?   B . n 
# 
loop_
_pdbx_nonpoly_scheme.asym_id 
_pdbx_nonpoly_scheme.entity_id 
_pdbx_nonpoly_scheme.mon_id 
_pdbx_nonpoly_scheme.ndb_seq_num 
_pdbx_nonpoly_scheme.pdb_seq_num 
_pdbx_nonpoly_scheme.auth_seq_num 
_pdbx_nonpoly_scheme.pdb_mon_id 
_pdbx_nonpoly_scheme.auth_mon_id 
_pdbx_nonpoly_scheme.pdb_strand_id 
_pdbx_nonpoly_scheme.pdb_ins_code 
C 2 SO4 1  5   5   SO4 SO4 A . 
D 2 SO4 1  6   6   SO4 SO4 A . 
E 2 SO4 1  8   8   SO4 SO4 A . 
F 2 SO4 1  9   9   SO4 SO4 A . 
G 2 SO4 1  1   1   SO4 SO4 B . 
H 2 SO4 1  2   2   SO4 SO4 B . 
I 2 SO4 1  3   3   SO4 SO4 B . 
J 2 SO4 1  4   4   SO4 SO4 B . 
K 2 SO4 1  7   7   SO4 SO4 B . 
L 2 SO4 1  10  10  SO4 SO4 B . 
M 3 HOH 1  4   4   HOH HOH A . 
M 3 HOH 2  7   7   HOH HOH A . 
M 3 HOH 3  10  10  HOH HOH A . 
M 3 HOH 4  11  11  HOH HOH A . 
M 3 HOH 5  16  16  HOH HOH A . 
M 3 HOH 6  19  19  HOH HOH A . 
M 3 HOH 7  22  22  HOH HOH A . 
M 3 HOH 8  26  26  HOH HOH A . 
M 3 HOH 9  27  27  HOH HOH A . 
M 3 HOH 10 31  31  HOH HOH A . 
M 3 HOH 11 33  33  HOH HOH A . 
M 3 HOH 12 34  34  HOH HOH A . 
M 3 HOH 13 35  35  HOH HOH A . 
M 3 HOH 14 40  40  HOH HOH A . 
M 3 HOH 15 41  41  HOH HOH A . 
M 3 HOH 16 47  47  HOH HOH A . 
M 3 HOH 17 54  54  HOH HOH A . 
M 3 HOH 18 55  55  HOH HOH A . 
M 3 HOH 19 56  56  HOH HOH A . 
M 3 HOH 20 57  57  HOH HOH A . 
M 3 HOH 21 58  58  HOH HOH A . 
M 3 HOH 22 59  59  HOH HOH A . 
M 3 HOH 23 140 5   HOH HOH A . 
M 3 HOH 24 141 6   HOH HOH A . 
M 3 HOH 25 142 9   HOH HOH A . 
M 3 HOH 26 143 143 HOH HOH A . 
M 3 HOH 27 144 144 HOH HOH A . 
M 3 HOH 28 145 145 HOH HOH A . 
M 3 HOH 29 146 146 HOH HOH A . 
M 3 HOH 30 147 147 HOH HOH A . 
M 3 HOH 31 148 61  HOH HOH A . 
M 3 HOH 32 149 62  HOH HOH A . 
M 3 HOH 33 150 66  HOH HOH A . 
M 3 HOH 34 151 68  HOH HOH A . 
M 3 HOH 35 152 70  HOH HOH A . 
M 3 HOH 36 153 153 HOH HOH A . 
M 3 HOH 37 154 154 HOH HOH A . 
M 3 HOH 38 155 71  HOH HOH A . 
M 3 HOH 39 156 74  HOH HOH A . 
M 3 HOH 40 157 157 HOH HOH A . 
M 3 HOH 41 158 78  HOH HOH A . 
M 3 HOH 42 159 80  HOH HOH A . 
M 3 HOH 43 160 82  HOH HOH A . 
M 3 HOH 44 161 87  HOH HOH A . 
M 3 HOH 45 162 88  HOH HOH A . 
M 3 HOH 46 163 89  HOH HOH A . 
M 3 HOH 47 164 90  HOH HOH A . 
M 3 HOH 48 165 91  HOH HOH A . 
M 3 HOH 49 166 94  HOH HOH A . 
M 3 HOH 50 167 96  HOH HOH A . 
M 3 HOH 51 168 97  HOH HOH A . 
M 3 HOH 52 169 103 HOH HOH A . 
M 3 HOH 53 170 105 HOH HOH A . 
M 3 HOH 54 171 106 HOH HOH A . 
M 3 HOH 55 172 108 HOH HOH A . 
M 3 HOH 56 173 113 HOH HOH A . 
M 3 HOH 57 174 116 HOH HOH A . 
M 3 HOH 58 175 117 HOH HOH A . 
M 3 HOH 59 176 118 HOH HOH A . 
M 3 HOH 60 177 119 HOH HOH A . 
M 3 HOH 61 178 121 HOH HOH A . 
M 3 HOH 62 179 123 HOH HOH A . 
M 3 HOH 63 180 129 HOH HOH A . 
M 3 HOH 64 181 130 HOH HOH A . 
M 3 HOH 65 182 131 HOH HOH A . 
M 3 HOH 66 183 132 HOH HOH A . 
M 3 HOH 67 184 133 HOH HOH A . 
M 3 HOH 68 185 134 HOH HOH A . 
M 3 HOH 69 186 136 HOH HOH A . 
M 3 HOH 70 187 139 HOH HOH A . 
N 3 HOH 1  8   8   HOH HOH B . 
N 3 HOH 2  12  12  HOH HOH B . 
N 3 HOH 3  13  13  HOH HOH B . 
N 3 HOH 4  14  14  HOH HOH B . 
N 3 HOH 5  15  15  HOH HOH B . 
N 3 HOH 6  17  17  HOH HOH B . 
N 3 HOH 7  18  18  HOH HOH B . 
N 3 HOH 8  20  20  HOH HOH B . 
N 3 HOH 9  21  21  HOH HOH B . 
N 3 HOH 10 23  23  HOH HOH B . 
N 3 HOH 11 24  24  HOH HOH B . 
N 3 HOH 12 25  25  HOH HOH B . 
N 3 HOH 13 28  28  HOH HOH B . 
N 3 HOH 14 29  29  HOH HOH B . 
N 3 HOH 15 30  30  HOH HOH B . 
N 3 HOH 16 32  32  HOH HOH B . 
N 3 HOH 17 36  36  HOH HOH B . 
N 3 HOH 18 37  37  HOH HOH B . 
N 3 HOH 19 38  38  HOH HOH B . 
N 3 HOH 20 39  39  HOH HOH B . 
N 3 HOH 21 42  42  HOH HOH B . 
N 3 HOH 22 43  43  HOH HOH B . 
N 3 HOH 23 44  44  HOH HOH B . 
N 3 HOH 24 45  45  HOH HOH B . 
N 3 HOH 25 46  46  HOH HOH B . 
N 3 HOH 26 48  48  HOH HOH B . 
N 3 HOH 27 49  49  HOH HOH B . 
N 3 HOH 28 50  50  HOH HOH B . 
N 3 HOH 29 51  51  HOH HOH B . 
N 3 HOH 30 52  52  HOH HOH B . 
N 3 HOH 31 53  53  HOH HOH B . 
N 3 HOH 32 140 140 HOH HOH B . 
N 3 HOH 33 141 141 HOH HOH B . 
N 3 HOH 34 142 142 HOH HOH B . 
N 3 HOH 35 143 1   HOH HOH B . 
N 3 HOH 36 144 2   HOH HOH B . 
N 3 HOH 37 145 3   HOH HOH B . 
N 3 HOH 38 146 60  HOH HOH B . 
N 3 HOH 39 147 63  HOH HOH B . 
N 3 HOH 40 148 148 HOH HOH B . 
N 3 HOH 41 149 149 HOH HOH B . 
N 3 HOH 42 150 150 HOH HOH B . 
N 3 HOH 43 151 151 HOH HOH B . 
N 3 HOH 44 152 152 HOH HOH B . 
N 3 HOH 45 153 64  HOH HOH B . 
N 3 HOH 46 154 65  HOH HOH B . 
N 3 HOH 47 155 155 HOH HOH B . 
N 3 HOH 48 156 156 HOH HOH B . 
N 3 HOH 49 157 67  HOH HOH B . 
N 3 HOH 50 158 158 HOH HOH B . 
N 3 HOH 51 159 159 HOH HOH B . 
N 3 HOH 52 160 160 HOH HOH B . 
N 3 HOH 53 161 161 HOH HOH B . 
N 3 HOH 54 162 162 HOH HOH B . 
N 3 HOH 55 163 69  HOH HOH B . 
N 3 HOH 56 164 72  HOH HOH B . 
N 3 HOH 57 165 73  HOH HOH B . 
N 3 HOH 58 166 75  HOH HOH B . 
N 3 HOH 59 167 76  HOH HOH B . 
N 3 HOH 60 168 77  HOH HOH B . 
N 3 HOH 61 169 79  HOH HOH B . 
N 3 HOH 62 170 81  HOH HOH B . 
N 3 HOH 63 171 83  HOH HOH B . 
N 3 HOH 64 172 84  HOH HOH B . 
N 3 HOH 65 173 85  HOH HOH B . 
N 3 HOH 66 174 86  HOH HOH B . 
N 3 HOH 67 175 92  HOH HOH B . 
N 3 HOH 68 176 93  HOH HOH B . 
N 3 HOH 69 177 95  HOH HOH B . 
N 3 HOH 70 178 98  HOH HOH B . 
N 3 HOH 71 179 99  HOH HOH B . 
N 3 HOH 72 180 100 HOH HOH B . 
N 3 HOH 73 181 101 HOH HOH B . 
N 3 HOH 74 182 102 HOH HOH B . 
N 3 HOH 75 183 104 HOH HOH B . 
N 3 HOH 76 184 107 HOH HOH B . 
N 3 HOH 77 185 109 HOH HOH B . 
N 3 HOH 78 186 110 HOH HOH B . 
N 3 HOH 79 187 111 HOH HOH B . 
N 3 HOH 80 188 112 HOH HOH B . 
N 3 HOH 81 189 114 HOH HOH B . 
N 3 HOH 82 190 115 HOH HOH B . 
N 3 HOH 83 191 120 HOH HOH B . 
N 3 HOH 84 192 122 HOH HOH B . 
N 3 HOH 85 193 124 HOH HOH B . 
N 3 HOH 86 194 125 HOH HOH B . 
N 3 HOH 87 195 126 HOH HOH B . 
N 3 HOH 88 196 127 HOH HOH B . 
N 3 HOH 89 197 128 HOH HOH B . 
N 3 HOH 90 198 135 HOH HOH B . 
N 3 HOH 91 199 137 HOH HOH B . 
N 3 HOH 92 200 138 HOH HOH B . 
# 
loop_
_software.name 
_software.classification 
_software.version 
_software.citation_id 
_software.pdbx_ordinal 
SHARP    phasing          .        ? 1 
REFMAC   refinement       5.5.0102 ? 2 
HKL-2000 'data reduction' .        ? 3 
HKL-2000 'data scaling'   .        ? 4 
# 
_cell.entry_id           3NO7 
_cell.length_a           74.186 
_cell.length_b           74.186 
_cell.length_c           52.596 
_cell.angle_alpha        90.00 
_cell.angle_beta         90.00 
_cell.angle_gamma        120.00 
_cell.Z_PDB              12 
_cell.pdbx_unique_axis   ? 
_cell.length_a_esd       ? 
_cell.length_b_esd       ? 
_cell.length_c_esd       ? 
_cell.angle_alpha_esd    ? 
_cell.angle_beta_esd     ? 
_cell.angle_gamma_esd    ? 
# 
_symmetry.entry_id                         3NO7 
_symmetry.space_group_name_H-M             'P 32 2 1' 
_symmetry.pdbx_full_space_group_name_H-M   ? 
_symmetry.cell_setting                     ? 
_symmetry.Int_Tables_number                154 
_symmetry.space_group_name_Hall            ? 
# 
_exptl.entry_id          3NO7 
_exptl.method            'X-RAY DIFFRACTION' 
_exptl.crystals_number   1 
# 
_exptl_crystal.id                    1 
_exptl_crystal.density_meas          ? 
_exptl_crystal.density_Matthews      2.32 
_exptl_crystal.density_percent_sol   46.90 
_exptl_crystal.description           ? 
_exptl_crystal.F_000                 ? 
_exptl_crystal.preparation           ? 
# 
_exptl_crystal_grow.crystal_id      1 
_exptl_crystal_grow.method          'VAPOR DIFFUSION, HANGING DROP' 
_exptl_crystal_grow.temp            293 
_exptl_crystal_grow.temp_details    ? 
_exptl_crystal_grow.pH              6.0 
_exptl_crystal_grow.pdbx_details    
'1.8M Li2SO4, 0.01M MgSO4, 0.05M cacodylate-Na, pH 6.0, VAPOR DIFFUSION, HANGING DROP, temperature 293K' 
_exptl_crystal_grow.pdbx_pH_range   . 
# 
_diffrn.id                     1 
_diffrn.ambient_temp           100 
_diffrn.ambient_temp_details   ? 
_diffrn.crystal_id             1 
# 
_diffrn_detector.diffrn_id              1 
_diffrn_detector.detector               CCD 
_diffrn_detector.type                   'MARMOSAIC 225 mm CCD' 
_diffrn_detector.pdbx_collection_date   ? 
_diffrn_detector.details                ? 
# 
_diffrn_radiation.diffrn_id                        1 
_diffrn_radiation.wavelength_id                    1 
_diffrn_radiation.pdbx_monochromatic_or_laue_m_l   M 
_diffrn_radiation.monochromator                    ? 
_diffrn_radiation.pdbx_diffrn_protocol             'SINGLE WAVELENGTH' 
_diffrn_radiation.pdbx_scattering_type             x-ray 
# 
_diffrn_radiation_wavelength.id           1 
_diffrn_radiation_wavelength.wavelength   0.9796 
_diffrn_radiation_wavelength.wt           1.0 
# 
_diffrn_source.diffrn_id                   1 
_diffrn_source.source                      SYNCHROTRON 
_diffrn_source.type                        'SSRF BEAMLINE BL17U' 
_diffrn_source.pdbx_synchrotron_site       SSRF 
_diffrn_source.pdbx_synchrotron_beamline   BL17U 
_diffrn_source.pdbx_wavelength             ? 
_diffrn_source.pdbx_wavelength_list        0.9796 
# 
_reflns.entry_id                     3NO7 
_reflns.observed_criterion_sigma_I   ? 
_reflns.observed_criterion_sigma_F   ? 
_reflns.d_resolution_low             50 
_reflns.d_resolution_high            1.4 
_reflns.number_obs                   33276 
_reflns.number_all                   ? 
_reflns.percent_possible_obs         99.9 
_reflns.pdbx_Rmerge_I_obs            0.113 
_reflns.pdbx_Rsym_value              ? 
_reflns.pdbx_netI_over_sigmaI        28.0 
_reflns.B_iso_Wilson_estimate        ? 
_reflns.pdbx_redundancy              6.2 
_reflns.R_free_details               ? 
_reflns.limit_h_max                  ? 
_reflns.limit_h_min                  ? 
_reflns.limit_k_max                  ? 
_reflns.limit_k_min                  ? 
_reflns.limit_l_max                  ? 
_reflns.limit_l_min                  ? 
_reflns.observed_criterion_F_max     ? 
_reflns.observed_criterion_F_min     ? 
_reflns.pdbx_chi_squared             ? 
_reflns.pdbx_scaling_rejects         ? 
_reflns.pdbx_ordinal                 1 
_reflns.pdbx_diffrn_id               1 
# 
_reflns_shell.d_res_high                  1.4 
_reflns_shell.d_res_low                   1.42 
_reflns_shell.percent_possible_all        99.9 
_reflns_shell.Rmerge_I_obs                0.627 
_reflns_shell.pdbx_Rsym_value             ? 
_reflns_shell.meanI_over_sigI_obs         2.3 
_reflns_shell.pdbx_redundancy             4.1 
_reflns_shell.percent_possible_obs        ? 
_reflns_shell.number_unique_all           ? 
_reflns_shell.number_measured_all         ? 
_reflns_shell.number_measured_obs         ? 
_reflns_shell.number_unique_obs           ? 
_reflns_shell.pdbx_chi_squared            ? 
_reflns_shell.pdbx_rejects                ? 
_reflns_shell.pdbx_netI_over_sigmaI_obs   ? 
_reflns_shell.number_possible             ? 
_reflns_shell.Rmerge_F_all                ? 
_reflns_shell.Rmerge_F_obs                ? 
_reflns_shell.Rmerge_I_all                ? 
_reflns_shell.meanI_over_sigI_all         ? 
_reflns_shell.pdbx_Rrim_I_all             ? 
_reflns_shell.pdbx_Rpim_I_all             ? 
_reflns_shell.pdbx_ordinal                1 
_reflns_shell.pdbx_diffrn_id              1 
# 
_refine.entry_id                                 3NO7 
_refine.ls_number_reflns_obs                     31419 
_refine.ls_number_reflns_all                     ? 
_refine.pdbx_ls_sigma_I                          ? 
_refine.pdbx_ls_sigma_F                          ? 
_refine.pdbx_data_cutoff_high_absF               ? 
_refine.pdbx_data_cutoff_low_absF                ? 
_refine.pdbx_data_cutoff_high_rms_absF           ? 
_refine.ls_d_res_low                             20.00 
_refine.ls_d_res_high                            1.40 
_refine.ls_percent_reflns_obs                    99.50 
_refine.ls_R_factor_obs                          0.19818 
_refine.ls_R_factor_all                          ? 
_refine.ls_R_factor_R_work                       0.19742 
_refine.ls_R_factor_R_free                       0.21243 
_refine.ls_R_factor_R_free_error                 ? 
_refine.ls_R_factor_R_free_error_details         ? 
_refine.ls_percent_reflns_R_free                 5.1 
_refine.ls_number_reflns_R_free                  1672 
_refine.ls_number_parameters                     ? 
_refine.ls_number_restraints                     ? 
_refine.occupancy_min                            ? 
_refine.occupancy_max                            ? 
_refine.correlation_coeff_Fo_to_Fc               0.955 
_refine.correlation_coeff_Fo_to_Fc_free          0.945 
_refine.B_iso_mean                               16.602 
_refine.aniso_B[1][1]                            0.01 
_refine.aniso_B[2][2]                            0.01 
_refine.aniso_B[3][3]                            -0.01 
_refine.aniso_B[1][2]                            0.00 
_refine.aniso_B[1][3]                            0.00 
_refine.aniso_B[2][3]                            0.00 
_refine.solvent_model_details                    MASK 
_refine.solvent_model_param_ksol                 ? 
_refine.solvent_model_param_bsol                 ? 
_refine.pdbx_solvent_vdw_probe_radii             1.20 
_refine.pdbx_solvent_ion_probe_radii             0.80 
_refine.pdbx_solvent_shrinkage_radii             0.80 
_refine.pdbx_ls_cross_valid_method               THROUGHOUT 
_refine.details                                  'HYDROGENS HAVE BEEN ADDED IN THE RIDING POSITIONS' 
_refine.pdbx_starting_model                      ? 
_refine.pdbx_method_to_determine_struct          MIR 
_refine.pdbx_isotropic_thermal_model             ? 
_refine.pdbx_stereochemistry_target_values       'MAXIMUM LIKELIHOOD' 
_refine.pdbx_stereochem_target_val_spec_case     ? 
_refine.pdbx_R_Free_selection_details            RANDOM 
_refine.pdbx_overall_ESU_R_Free                  0.059 
_refine.overall_SU_ML                            0.034 
_refine.overall_SU_B                             0.835 
_refine.overall_SU_R_Cruickshank_DPI             ? 
_refine.ls_redundancy_reflns_obs                 ? 
_refine.B_iso_min                                ? 
_refine.B_iso_max                                ? 
_refine.overall_SU_R_free                        ? 
_refine.ls_wR_factor_R_free                      ? 
_refine.ls_wR_factor_R_work                      ? 
_refine.overall_FOM_free_R_set                   ? 
_refine.overall_FOM_work_R_set                   ? 
_refine.pdbx_refine_id                           'X-RAY DIFFRACTION' 
_refine.pdbx_overall_phase_error                 ? 
_refine.pdbx_overall_ESU_R                       ? 
_refine.pdbx_diffrn_id                           1 
_refine.pdbx_TLS_residual_ADP_flag               ? 
_refine.pdbx_overall_SU_R_free_Cruickshank_DPI   ? 
_refine.pdbx_overall_SU_R_Blow_DPI               ? 
_refine.pdbx_overall_SU_R_free_Blow_DPI          ? 
# 
_refine_hist.pdbx_refine_id                   'X-RAY DIFFRACTION' 
_refine_hist.cycle_id                         LAST 
_refine_hist.pdbx_number_atoms_protein        975 
_refine_hist.pdbx_number_atoms_nucleic_acid   0 
_refine_hist.pdbx_number_atoms_ligand         50 
_refine_hist.number_atoms_solvent             162 
_refine_hist.number_atoms_total               1187 
_refine_hist.d_res_high                       1.40 
_refine_hist.d_res_low                        20.00 
# 
loop_
_refine_ls_restr.type 
_refine_ls_restr.dev_ideal 
_refine_ls_restr.dev_ideal_target 
_refine_ls_restr.weight 
_refine_ls_restr.number 
_refine_ls_restr.pdbx_refine_id 
_refine_ls_restr.pdbx_restraint_function 
r_bond_refined_d             0.007  0.021  ? 1027 'X-RAY DIFFRACTION' ? 
r_bond_other_d               ?      ?      ? ?    'X-RAY DIFFRACTION' ? 
r_angle_refined_deg          1.029  1.977  ? 1382 'X-RAY DIFFRACTION' ? 
r_angle_other_deg            ?      ?      ? ?    'X-RAY DIFFRACTION' ? 
r_dihedral_angle_1_deg       5.068  5.000  ? 117  'X-RAY DIFFRACTION' ? 
r_dihedral_angle_2_deg       28.287 21.667 ? 60   'X-RAY DIFFRACTION' ? 
r_dihedral_angle_3_deg       12.478 15.000 ? 177  'X-RAY DIFFRACTION' ? 
r_dihedral_angle_4_deg       11.872 15.000 ? 18   'X-RAY DIFFRACTION' ? 
r_chiral_restr               0.069  0.200  ? 142  'X-RAY DIFFRACTION' ? 
r_gen_planes_refined         0.004  0.020  ? 768  'X-RAY DIFFRACTION' ? 
r_gen_planes_other           ?      ?      ? ?    'X-RAY DIFFRACTION' ? 
r_nbd_refined                ?      ?      ? ?    'X-RAY DIFFRACTION' ? 
r_nbd_other                  ?      ?      ? ?    'X-RAY DIFFRACTION' ? 
r_nbtor_refined              ?      ?      ? ?    'X-RAY DIFFRACTION' ? 
r_nbtor_other                ?      ?      ? ?    'X-RAY DIFFRACTION' ? 
r_xyhbond_nbd_refined        ?      ?      ? ?    'X-RAY DIFFRACTION' ? 
r_xyhbond_nbd_other          ?      ?      ? ?    'X-RAY DIFFRACTION' ? 
r_metal_ion_refined          ?      ?      ? ?    'X-RAY DIFFRACTION' ? 
r_metal_ion_other            ?      ?      ? ?    'X-RAY DIFFRACTION' ? 
r_symmetry_vdw_refined       ?      ?      ? ?    'X-RAY DIFFRACTION' ? 
r_symmetry_vdw_other         ?      ?      ? ?    'X-RAY DIFFRACTION' ? 
r_symmetry_hbond_refined     ?      ?      ? ?    'X-RAY DIFFRACTION' ? 
r_symmetry_hbond_other       ?      ?      ? ?    'X-RAY DIFFRACTION' ? 
r_symmetry_metal_ion_refined ?      ?      ? ?    'X-RAY DIFFRACTION' ? 
r_symmetry_metal_ion_other   ?      ?      ? ?    'X-RAY DIFFRACTION' ? 
r_mcbond_it                  0.652  1.500  ? 585  'X-RAY DIFFRACTION' ? 
r_mcbond_other               ?      ?      ? ?    'X-RAY DIFFRACTION' ? 
r_mcangle_it                 1.326  2.000  ? 929  'X-RAY DIFFRACTION' ? 
r_scbond_it                  2.143  3.000  ? 442  'X-RAY DIFFRACTION' ? 
r_scangle_it                 3.547  4.500  ? 453  'X-RAY DIFFRACTION' ? 
r_rigid_bond_restr           ?      ?      ? ?    'X-RAY DIFFRACTION' ? 
r_sphericity_free            ?      ?      ? ?    'X-RAY DIFFRACTION' ? 
r_sphericity_bonded          ?      ?      ? ?    'X-RAY DIFFRACTION' ? 
# 
_refine_ls_shell.pdbx_refine_id                   'X-RAY DIFFRACTION' 
_refine_ls_shell.pdbx_total_number_of_bins_used   20 
_refine_ls_shell.d_res_high                       1.399 
_refine_ls_shell.d_res_low                        1.436 
_refine_ls_shell.number_reflns_R_work             2246 
_refine_ls_shell.R_factor_R_work                  0.239 
_refine_ls_shell.percent_reflns_obs               99.00 
_refine_ls_shell.R_factor_R_free                  0.248 
_refine_ls_shell.R_factor_R_free_error            ? 
_refine_ls_shell.percent_reflns_R_free            ? 
_refine_ls_shell.number_reflns_R_free             121 
_refine_ls_shell.number_reflns_all                ? 
_refine_ls_shell.R_factor_all                     ? 
_refine_ls_shell.number_reflns_obs                ? 
_refine_ls_shell.redundancy_reflns_obs            ? 
# 
_struct.entry_id                  3NO7 
_struct.title                     'Crystal structure of the centromere-binding protein ParB from plasmid pCXC100' 
_struct.pdbx_model_details        ? 
_struct.pdbx_CASP_flag            ? 
_struct.pdbx_model_type_details   ? 
# 
_struct_keywords.entry_id        3NO7 
_struct_keywords.pdbx_keywords   'DNA BINDING PROTEIN' 
_struct_keywords.text            'Ribbon-helix-helix, DNA BINDING PROTEIN' 
# 
loop_
_struct_asym.id 
_struct_asym.pdbx_blank_PDB_chainid_flag 
_struct_asym.pdbx_modified 
_struct_asym.entity_id 
_struct_asym.details 
A N N 1 ? 
B N N 1 ? 
C N N 2 ? 
D N N 2 ? 
E N N 2 ? 
F N N 2 ? 
G N N 2 ? 
H N N 2 ? 
I N N 2 ? 
J N N 2 ? 
K N N 2 ? 
L N N 2 ? 
M N N 3 ? 
N N N 3 ? 
# 
_struct_ref.id                         1 
_struct_ref.db_name                    UNP 
_struct_ref.db_code                    Q6EEF9_LEIXC 
_struct_ref.pdbx_db_accession          Q6EEF9 
_struct_ref.entity_id                  1 
_struct_ref.pdbx_seq_one_letter_code   ARSEVKMTVTVGEERRARLRTAYTLTHLQEGHRTFSGFIAAALDAEVQRLEQRYNEGRRFENAERGVTRGRPLGS 
_struct_ref.pdbx_align_begin           65 
_struct_ref.pdbx_db_isoform            ? 
# 
loop_
_struct_ref_seq.align_id 
_struct_ref_seq.ref_id 
_struct_ref_seq.pdbx_PDB_id_code 
_struct_ref_seq.pdbx_strand_id 
_struct_ref_seq.seq_align_beg 
_struct_ref_seq.pdbx_seq_align_beg_ins_code 
_struct_ref_seq.seq_align_end 
_struct_ref_seq.pdbx_seq_align_end_ins_code 
_struct_ref_seq.pdbx_db_accession 
_struct_ref_seq.db_align_beg 
_struct_ref_seq.pdbx_db_align_beg_ins_code 
_struct_ref_seq.db_align_end 
_struct_ref_seq.pdbx_db_align_end_ins_code 
_struct_ref_seq.pdbx_auth_seq_align_beg 
_struct_ref_seq.pdbx_auth_seq_align_end 
1 1 3NO7 A 6 ? 80 ? Q6EEF9 65 ? 139 ? 65 139 
2 1 3NO7 B 6 ? 80 ? Q6EEF9 65 ? 139 ? 65 139 
# 
loop_
_struct_ref_seq_dif.align_id 
_struct_ref_seq_dif.pdbx_pdb_id_code 
_struct_ref_seq_dif.mon_id 
_struct_ref_seq_dif.pdbx_pdb_strand_id 
_struct_ref_seq_dif.seq_num 
_struct_ref_seq_dif.pdbx_pdb_ins_code 
_struct_ref_seq_dif.pdbx_seq_db_name 
_struct_ref_seq_dif.pdbx_seq_db_accession_code 
_struct_ref_seq_dif.db_mon_id 
_struct_ref_seq_dif.pdbx_seq_db_seq_num 
_struct_ref_seq_dif.details 
_struct_ref_seq_dif.pdbx_auth_seq_num 
_struct_ref_seq_dif.pdbx_ordinal 
1 3NO7 GLY A 1 ? UNP Q6EEF9 ? ? 'expression tag' 60 1  
1 3NO7 PRO A 2 ? UNP Q6EEF9 ? ? 'expression tag' 61 2  
1 3NO7 GLU A 3 ? UNP Q6EEF9 ? ? 'expression tag' 62 3  
1 3NO7 ALA A 4 ? UNP Q6EEF9 ? ? 'expression tag' 63 4  
1 3NO7 SER A 5 ? UNP Q6EEF9 ? ? 'expression tag' 64 5  
2 3NO7 GLY B 1 ? UNP Q6EEF9 ? ? 'expression tag' 60 6  
2 3NO7 PRO B 2 ? UNP Q6EEF9 ? ? 'expression tag' 61 7  
2 3NO7 GLU B 3 ? UNP Q6EEF9 ? ? 'expression tag' 62 8  
2 3NO7 ALA B 4 ? UNP Q6EEF9 ? ? 'expression tag' 63 9  
2 3NO7 SER B 5 ? UNP Q6EEF9 ? ? 'expression tag' 64 10 
# 
_pdbx_struct_assembly.id                   1 
_pdbx_struct_assembly.details              author_and_software_defined_assembly 
_pdbx_struct_assembly.method_details       PISA 
_pdbx_struct_assembly.oligomeric_details   dimeric 
_pdbx_struct_assembly.oligomeric_count     2 
# 
loop_
_pdbx_struct_assembly_prop.biol_id 
_pdbx_struct_assembly_prop.type 
_pdbx_struct_assembly_prop.value 
_pdbx_struct_assembly_prop.details 
1 'ABSA (A^2)' 3510 ? 
1 MORE         -24  ? 
1 'SSA (A^2)'  8020 ? 
# 
_pdbx_struct_assembly_gen.assembly_id       1 
_pdbx_struct_assembly_gen.oper_expression   1 
_pdbx_struct_assembly_gen.asym_id_list      A,B,C,D,E,F,G,H,I,J,K,L,M,N 
# 
_pdbx_struct_oper_list.id                   1 
_pdbx_struct_oper_list.type                 'identity operation' 
_pdbx_struct_oper_list.name                 1_555 
_pdbx_struct_oper_list.symmetry_operation   x,y,z 
_pdbx_struct_oper_list.matrix[1][1]         1.0000000000 
_pdbx_struct_oper_list.matrix[1][2]         0.0000000000 
_pdbx_struct_oper_list.matrix[1][3]         0.0000000000 
_pdbx_struct_oper_list.vector[1]            0.0000000000 
_pdbx_struct_oper_list.matrix[2][1]         0.0000000000 
_pdbx_struct_oper_list.matrix[2][2]         1.0000000000 
_pdbx_struct_oper_list.matrix[2][3]         0.0000000000 
_pdbx_struct_oper_list.vector[2]            0.0000000000 
_pdbx_struct_oper_list.matrix[3][1]         0.0000000000 
_pdbx_struct_oper_list.matrix[3][2]         0.0000000000 
_pdbx_struct_oper_list.matrix[3][3]         1.0000000000 
_pdbx_struct_oper_list.vector[3]            0.0000000000 
# 
_struct_biol.id        1 
_struct_biol.details   ? 
# 
loop_
_struct_conf.conf_type_id 
_struct_conf.id 
_struct_conf.pdbx_PDB_helix_id 
_struct_conf.beg_label_comp_id 
_struct_conf.beg_label_asym_id 
_struct_conf.beg_label_seq_id 
_struct_conf.pdbx_beg_PDB_ins_code 
_struct_conf.end_label_comp_id 
_struct_conf.end_label_asym_id 
_struct_conf.end_label_seq_id 
_struct_conf.pdbx_end_PDB_ins_code 
_struct_conf.beg_auth_comp_id 
_struct_conf.beg_auth_asym_id 
_struct_conf.beg_auth_seq_id 
_struct_conf.end_auth_comp_id 
_struct_conf.end_auth_asym_id 
_struct_conf.end_auth_seq_id 
_struct_conf.pdbx_PDB_helix_class 
_struct_conf.details 
_struct_conf.pdbx_PDB_helix_length 
HELX_P HELX_P1 1 GLY A 17 ? GLY A 36 ? GLY A 76 GLY A 95  1 ? 20 
HELX_P HELX_P2 2 THR A 39 ? ASN A 60 ? THR A 98 ASN A 119 1 ? 22 
HELX_P HELX_P3 3 GLY B 17 ? GLY B 36 ? GLY B 76 GLY B 95  1 ? 20 
HELX_P HELX_P4 4 THR B 39 ? ASN B 60 ? THR B 98 ASN B 119 1 ? 22 
# 
_struct_conf_type.id          HELX_P 
_struct_conf_type.criteria    ? 
_struct_conf_type.reference   ? 
# 
_struct_sheet.id               A 
_struct_sheet.type             ? 
_struct_sheet.number_strands   2 
_struct_sheet.details          ? 
# 
_struct_sheet_order.sheet_id     A 
_struct_sheet_order.range_id_1   1 
_struct_sheet_order.range_id_2   2 
_struct_sheet_order.offset       ? 
_struct_sheet_order.sense        anti-parallel 
# 
loop_
_struct_sheet_range.sheet_id 
_struct_sheet_range.id 
_struct_sheet_range.beg_label_comp_id 
_struct_sheet_range.beg_label_asym_id 
_struct_sheet_range.beg_label_seq_id 
_struct_sheet_range.pdbx_beg_PDB_ins_code 
_struct_sheet_range.end_label_comp_id 
_struct_sheet_range.end_label_asym_id 
_struct_sheet_range.end_label_seq_id 
_struct_sheet_range.pdbx_end_PDB_ins_code 
_struct_sheet_range.beg_auth_comp_id 
_struct_sheet_range.beg_auth_asym_id 
_struct_sheet_range.beg_auth_seq_id 
_struct_sheet_range.end_auth_comp_id 
_struct_sheet_range.end_auth_asym_id 
_struct_sheet_range.end_auth_seq_id 
A 1 THR A 13 ? THR A 15 ? THR A 72 THR A 74 
A 2 THR B 13 ? THR B 15 ? THR B 72 THR B 74 
# 
_pdbx_struct_sheet_hbond.sheet_id                A 
_pdbx_struct_sheet_hbond.range_id_1              1 
_pdbx_struct_sheet_hbond.range_id_2              2 
_pdbx_struct_sheet_hbond.range_1_label_atom_id   N 
_pdbx_struct_sheet_hbond.range_1_label_comp_id   VAL 
_pdbx_struct_sheet_hbond.range_1_label_asym_id   A 
_pdbx_struct_sheet_hbond.range_1_label_seq_id    14 
_pdbx_struct_sheet_hbond.range_1_PDB_ins_code    ? 
_pdbx_struct_sheet_hbond.range_1_auth_atom_id    N 
_pdbx_struct_sheet_hbond.range_1_auth_comp_id    VAL 
_pdbx_struct_sheet_hbond.range_1_auth_asym_id    A 
_pdbx_struct_sheet_hbond.range_1_auth_seq_id     73 
_pdbx_struct_sheet_hbond.range_2_label_atom_id   O 
_pdbx_struct_sheet_hbond.range_2_label_comp_id   VAL 
_pdbx_struct_sheet_hbond.range_2_label_asym_id   B 
_pdbx_struct_sheet_hbond.range_2_label_seq_id    14 
_pdbx_struct_sheet_hbond.range_2_PDB_ins_code    ? 
_pdbx_struct_sheet_hbond.range_2_auth_atom_id    O 
_pdbx_struct_sheet_hbond.range_2_auth_comp_id    VAL 
_pdbx_struct_sheet_hbond.range_2_auth_asym_id    B 
_pdbx_struct_sheet_hbond.range_2_auth_seq_id     73 
# 
loop_
_struct_site.id 
_struct_site.pdbx_evidence_code 
_struct_site.pdbx_auth_asym_id 
_struct_site.pdbx_auth_comp_id 
_struct_site.pdbx_auth_seq_id 
_struct_site.pdbx_auth_ins_code 
_struct_site.pdbx_num_residues 
_struct_site.details 
AC1 Software A SO4 5  ? 3  'BINDING SITE FOR RESIDUE SO4 A 5'  
AC2 Software A SO4 6  ? 3  'BINDING SITE FOR RESIDUE SO4 A 6'  
AC3 Software A SO4 8  ? 11 'BINDING SITE FOR RESIDUE SO4 A 8'  
AC4 Software A SO4 9  ? 6  'BINDING SITE FOR RESIDUE SO4 A 9'  
AC5 Software B SO4 1  ? 7  'BINDING SITE FOR RESIDUE SO4 B 1'  
AC6 Software B SO4 2  ? 6  'BINDING SITE FOR RESIDUE SO4 B 2'  
AC7 Software B SO4 3  ? 3  'BINDING SITE FOR RESIDUE SO4 B 3'  
AC8 Software B SO4 4  ? 4  'BINDING SITE FOR RESIDUE SO4 B 4'  
AC9 Software B SO4 7  ? 7  'BINDING SITE FOR RESIDUE SO4 B 7'  
BC1 Software B SO4 10 ? 9  'BINDING SITE FOR RESIDUE SO4 B 10' 
# 
loop_
_struct_site_gen.id 
_struct_site_gen.site_id 
_struct_site_gen.pdbx_num_res 
_struct_site_gen.label_comp_id 
_struct_site_gen.label_asym_id 
_struct_site_gen.label_seq_id 
_struct_site_gen.pdbx_auth_ins_code 
_struct_site_gen.auth_comp_id 
_struct_site_gen.auth_asym_id 
_struct_site_gen.auth_seq_id 
_struct_site_gen.label_atom_id 
_struct_site_gen.label_alt_id 
_struct_site_gen.symmetry 
_struct_site_gen.details 
1  AC1 3  ARG A 58 ? ARG A 117 . ? 3_655 ? 
2  AC1 3  ARG A 63 ? ARG A 122 . ? 1_555 ? 
3  AC1 3  ARG A 64 ? ARG A 123 . ? 1_555 ? 
4  AC2 3  ARG A 21 ? ARG A 80  . ? 1_555 ? 
5  AC2 3  ARG A 25 ? ARG A 84  . ? 1_555 ? 
6  AC2 3  HOH M .  ? HOH A 154 . ? 1_555 ? 
7  AC3 11 GLY A 36 ? GLY A 95  . ? 1_555 ? 
8  AC3 11 GLY A 36 ? GLY A 95  . ? 6_555 ? 
9  AC3 11 HIS A 37 ? HIS A 96  . ? 1_555 ? 
10 AC3 11 HIS A 37 ? HIS A 96  . ? 6_555 ? 
11 AC3 11 ARG A 38 ? ARG A 97  . ? 6_555 ? 
12 AC3 11 ARG A 38 ? ARG A 97  . ? 1_555 ? 
13 AC3 11 GLY A 42 ? GLY A 101 . ? 6_555 ? 
14 AC3 11 GLY A 42 ? GLY A 101 . ? 1_555 ? 
15 AC3 11 PHE A 43 ? PHE A 102 . ? 1_555 ? 
16 AC3 11 HOH M .  ? HOH A 145 . ? 6_555 ? 
17 AC3 11 HOH M .  ? HOH A 145 . ? 1_555 ? 
18 AC4 6  ARG A 25 ? ARG A 84  . ? 1_555 ? 
19 AC4 6  THR A 39 ? THR A 98  . ? 1_555 ? 
20 AC4 6  PHE A 40 ? PHE A 99  . ? 1_555 ? 
21 AC4 6  HOH M .  ? HOH A 146 . ? 1_555 ? 
22 AC4 6  HOH M .  ? HOH A 187 . ? 1_555 ? 
23 AC4 6  HOH N .  ? HOH B 151 . ? 1_555 ? 
24 AC5 7  VAL A 14 ? VAL A 73  . ? 1_555 ? 
25 AC5 7  THR A 15 ? THR A 74  . ? 1_555 ? 
26 AC5 7  HOH M .  ? HOH A 147 . ? 1_555 ? 
27 AC5 7  HOH M .  ? HOH A 168 . ? 1_555 ? 
28 AC5 7  ARG B 21 ? ARG B 80  . ? 1_555 ? 
29 AC5 7  SER B 41 ? SER B 100 . ? 1_555 ? 
30 AC5 7  HOH N .  ? HOH B 193 . ? 1_555 ? 
31 AC6 6  HIS B 37 ? HIS B 96  . ? 1_555 ? 
32 AC6 6  ARG B 38 ? ARG B 97  . ? 1_555 ? 
33 AC6 6  THR B 39 ? THR B 98  . ? 1_555 ? 
34 AC6 6  GLY B 42 ? GLY B 101 . ? 1_555 ? 
35 AC6 6  HOH N .  ? HOH B 189 . ? 1_555 ? 
36 AC6 6  HOH N .  ? HOH B 197 . ? 1_555 ? 
37 AC7 3  LYS B 11 ? LYS B 70  . ? 1_555 ? 
38 AC7 3  MET B 12 ? MET B 71  . ? 1_555 ? 
39 AC7 3  THR B 13 ? THR B 72  . ? 1_555 ? 
40 AC8 4  LYS A 11 ? LYS A 70  . ? 1_555 ? 
41 AC8 4  ARG B 21 ? ARG B 80  . ? 1_555 ? 
42 AC8 4  ARG B 25 ? ARG B 84  . ? 1_555 ? 
43 AC8 4  HOH N .  ? HOH B 174 . ? 1_555 ? 
44 AC9 7  HOH N .  ? HOH B 50  . ? 1_555 ? 
45 AC9 7  HOH N .  ? HOH B 52  . ? 1_555 ? 
46 AC9 7  ARG B 25 ? ARG B 84  . ? 1_555 ? 
47 AC9 7  THR B 39 ? THR B 98  . ? 1_555 ? 
48 AC9 7  PHE B 40 ? PHE B 99  . ? 1_555 ? 
49 AC9 7  HOH N .  ? HOH B 146 . ? 1_555 ? 
50 AC9 7  HOH N .  ? HOH B 193 . ? 1_555 ? 
51 BC1 9  ARG A 21 ? ARG A 80  . ? 1_555 ? 
52 BC1 9  SER A 41 ? SER A 100 . ? 1_555 ? 
53 BC1 9  HOH M .  ? HOH A 174 . ? 1_555 ? 
54 BC1 9  HOH N .  ? HOH B 36  . ? 1_555 ? 
55 BC1 9  VAL B 14 ? VAL B 73  . ? 1_555 ? 
56 BC1 9  THR B 15 ? THR B 74  . ? 1_555 ? 
57 BC1 9  HOH N .  ? HOH B 143 . ? 6_555 ? 
58 BC1 9  HOH N .  ? HOH B 151 . ? 1_555 ? 
59 BC1 9  HOH N .  ? HOH B 161 . ? 1_555 ? 
# 
_pdbx_struct_special_symmetry.id              1 
_pdbx_struct_special_symmetry.PDB_model_num   1 
_pdbx_struct_special_symmetry.auth_asym_id    A 
_pdbx_struct_special_symmetry.auth_comp_id    SO4 
_pdbx_struct_special_symmetry.auth_seq_id     8 
_pdbx_struct_special_symmetry.PDB_ins_code    ? 
_pdbx_struct_special_symmetry.label_asym_id   E 
_pdbx_struct_special_symmetry.label_comp_id   SO4 
_pdbx_struct_special_symmetry.label_seq_id    . 
# 
loop_
_pdbx_unobs_or_zero_occ_residues.id 
_pdbx_unobs_or_zero_occ_residues.PDB_model_num 
_pdbx_unobs_or_zero_occ_residues.polymer_flag 
_pdbx_unobs_or_zero_occ_residues.occupancy_flag 
_pdbx_unobs_or_zero_occ_residues.auth_asym_id 
_pdbx_unobs_or_zero_occ_residues.auth_comp_id 
_pdbx_unobs_or_zero_occ_residues.auth_seq_id 
_pdbx_unobs_or_zero_occ_residues.PDB_ins_code 
_pdbx_unobs_or_zero_occ_residues.label_asym_id 
_pdbx_unobs_or_zero_occ_residues.label_comp_id 
_pdbx_unobs_or_zero_occ_residues.label_seq_id 
1  1 Y 1 A GLY 60  ? A GLY 1  
2  1 Y 1 A PRO 61  ? A PRO 2  
3  1 Y 1 A GLU 62  ? A GLU 3  
4  1 Y 1 A ALA 63  ? A ALA 4  
5  1 Y 1 A SER 64  ? A SER 5  
6  1 Y 1 A ALA 65  ? A ALA 6  
7  1 Y 1 A ARG 66  ? A ARG 7  
8  1 Y 1 A SER 67  ? A SER 8  
9  1 Y 1 A GLU 68  ? A GLU 9  
10 1 Y 1 A ARG 129 ? A ARG 70 
11 1 Y 1 A GLY 130 ? A GLY 71 
12 1 Y 1 A VAL 131 ? A VAL 72 
13 1 Y 1 A THR 132 ? A THR 73 
14 1 Y 1 A ARG 133 ? A ARG 74 
15 1 Y 1 A GLY 134 ? A GLY 75 
16 1 Y 1 A ARG 135 ? A ARG 76 
17 1 Y 1 A PRO 136 ? A PRO 77 
18 1 Y 1 A LEU 137 ? A LEU 78 
19 1 Y 1 A GLY 138 ? A GLY 79 
20 1 Y 1 A SER 139 ? A SER 80 
21 1 Y 1 B GLY 60  ? B GLY 1  
22 1 Y 1 B PRO 61  ? B PRO 2  
23 1 Y 1 B GLU 62  ? B GLU 3  
24 1 Y 1 B ALA 63  ? B ALA 4  
25 1 Y 1 B SER 64  ? B SER 5  
26 1 Y 1 B ALA 65  ? B ALA 6  
27 1 Y 1 B ARG 66  ? B ARG 7  
28 1 Y 1 B SER 67  ? B SER 8  
29 1 Y 1 B GLU 68  ? B GLU 9  
30 1 Y 1 B VAL 69  ? B VAL 10 
31 1 Y 1 B ARG 129 ? B ARG 70 
32 1 Y 1 B GLY 130 ? B GLY 71 
33 1 Y 1 B VAL 131 ? B VAL 72 
34 1 Y 1 B THR 132 ? B THR 73 
35 1 Y 1 B ARG 133 ? B ARG 74 
36 1 Y 1 B GLY 134 ? B GLY 75 
37 1 Y 1 B ARG 135 ? B ARG 76 
38 1 Y 1 B PRO 136 ? B PRO 77 
39 1 Y 1 B LEU 137 ? B LEU 78 
40 1 Y 1 B GLY 138 ? B GLY 79 
41 1 Y 1 B SER 139 ? B SER 80 
# 
loop_
_chem_comp_atom.comp_id 
_chem_comp_atom.atom_id 
_chem_comp_atom.type_symbol 
_chem_comp_atom.pdbx_aromatic_flag 
_chem_comp_atom.pdbx_stereo_config 
_chem_comp_atom.pdbx_ordinal 
ALA N    N N N 1   
ALA CA   C N S 2   
ALA C    C N N 3   
ALA O    O N N 4   
ALA CB   C N N 5   
ALA OXT  O N N 6   
ALA H    H N N 7   
ALA H2   H N N 8   
ALA HA   H N N 9   
ALA HB1  H N N 10  
ALA HB2  H N N 11  
ALA HB3  H N N 12  
ALA HXT  H N N 13  
ARG N    N N N 14  
ARG CA   C N S 15  
ARG C    C N N 16  
ARG O    O N N 17  
ARG CB   C N N 18  
ARG CG   C N N 19  
ARG CD   C N N 20  
ARG NE   N N N 21  
ARG CZ   C N N 22  
ARG NH1  N N N 23  
ARG NH2  N N N 24  
ARG OXT  O N N 25  
ARG H    H N N 26  
ARG H2   H N N 27  
ARG HA   H N N 28  
ARG HB2  H N N 29  
ARG HB3  H N N 30  
ARG HG2  H N N 31  
ARG HG3  H N N 32  
ARG HD2  H N N 33  
ARG HD3  H N N 34  
ARG HE   H N N 35  
ARG HH11 H N N 36  
ARG HH12 H N N 37  
ARG HH21 H N N 38  
ARG HH22 H N N 39  
ARG HXT  H N N 40  
ASN N    N N N 41  
ASN CA   C N S 42  
ASN C    C N N 43  
ASN O    O N N 44  
ASN CB   C N N 45  
ASN CG   C N N 46  
ASN OD1  O N N 47  
ASN ND2  N N N 48  
ASN OXT  O N N 49  
ASN H    H N N 50  
ASN H2   H N N 51  
ASN HA   H N N 52  
ASN HB2  H N N 53  
ASN HB3  H N N 54  
ASN HD21 H N N 55  
ASN HD22 H N N 56  
ASN HXT  H N N 57  
ASP N    N N N 58  
ASP CA   C N S 59  
ASP C    C N N 60  
ASP O    O N N 61  
ASP CB   C N N 62  
ASP CG   C N N 63  
ASP OD1  O N N 64  
ASP OD2  O N N 65  
ASP OXT  O N N 66  
ASP H    H N N 67  
ASP H2   H N N 68  
ASP HA   H N N 69  
ASP HB2  H N N 70  
ASP HB3  H N N 71  
ASP HD2  H N N 72  
ASP HXT  H N N 73  
GLN N    N N N 74  
GLN CA   C N S 75  
GLN C    C N N 76  
GLN O    O N N 77  
GLN CB   C N N 78  
GLN CG   C N N 79  
GLN CD   C N N 80  
GLN OE1  O N N 81  
GLN NE2  N N N 82  
GLN OXT  O N N 83  
GLN H    H N N 84  
GLN H2   H N N 85  
GLN HA   H N N 86  
GLN HB2  H N N 87  
GLN HB3  H N N 88  
GLN HG2  H N N 89  
GLN HG3  H N N 90  
GLN HE21 H N N 91  
GLN HE22 H N N 92  
GLN HXT  H N N 93  
GLU N    N N N 94  
GLU CA   C N S 95  
GLU C    C N N 96  
GLU O    O N N 97  
GLU CB   C N N 98  
GLU CG   C N N 99  
GLU CD   C N N 100 
GLU OE1  O N N 101 
GLU OE2  O N N 102 
GLU OXT  O N N 103 
GLU H    H N N 104 
GLU H2   H N N 105 
GLU HA   H N N 106 
GLU HB2  H N N 107 
GLU HB3  H N N 108 
GLU HG2  H N N 109 
GLU HG3  H N N 110 
GLU HE2  H N N 111 
GLU HXT  H N N 112 
GLY N    N N N 113 
GLY CA   C N N 114 
GLY C    C N N 115 
GLY O    O N N 116 
GLY OXT  O N N 117 
GLY H    H N N 118 
GLY H2   H N N 119 
GLY HA2  H N N 120 
GLY HA3  H N N 121 
GLY HXT  H N N 122 
HIS N    N N N 123 
HIS CA   C N S 124 
HIS C    C N N 125 
HIS O    O N N 126 
HIS CB   C N N 127 
HIS CG   C Y N 128 
HIS ND1  N Y N 129 
HIS CD2  C Y N 130 
HIS CE1  C Y N 131 
HIS NE2  N Y N 132 
HIS OXT  O N N 133 
HIS H    H N N 134 
HIS H2   H N N 135 
HIS HA   H N N 136 
HIS HB2  H N N 137 
HIS HB3  H N N 138 
HIS HD1  H N N 139 
HIS HD2  H N N 140 
HIS HE1  H N N 141 
HIS HE2  H N N 142 
HIS HXT  H N N 143 
HOH O    O N N 144 
HOH H1   H N N 145 
HOH H2   H N N 146 
ILE N    N N N 147 
ILE CA   C N S 148 
ILE C    C N N 149 
ILE O    O N N 150 
ILE CB   C N S 151 
ILE CG1  C N N 152 
ILE CG2  C N N 153 
ILE CD1  C N N 154 
ILE OXT  O N N 155 
ILE H    H N N 156 
ILE H2   H N N 157 
ILE HA   H N N 158 
ILE HB   H N N 159 
ILE HG12 H N N 160 
ILE HG13 H N N 161 
ILE HG21 H N N 162 
ILE HG22 H N N 163 
ILE HG23 H N N 164 
ILE HD11 H N N 165 
ILE HD12 H N N 166 
ILE HD13 H N N 167 
ILE HXT  H N N 168 
LEU N    N N N 169 
LEU CA   C N S 170 
LEU C    C N N 171 
LEU O    O N N 172 
LEU CB   C N N 173 
LEU CG   C N N 174 
LEU CD1  C N N 175 
LEU CD2  C N N 176 
LEU OXT  O N N 177 
LEU H    H N N 178 
LEU H2   H N N 179 
LEU HA   H N N 180 
LEU HB2  H N N 181 
LEU HB3  H N N 182 
LEU HG   H N N 183 
LEU HD11 H N N 184 
LEU HD12 H N N 185 
LEU HD13 H N N 186 
LEU HD21 H N N 187 
LEU HD22 H N N 188 
LEU HD23 H N N 189 
LEU HXT  H N N 190 
LYS N    N N N 191 
LYS CA   C N S 192 
LYS C    C N N 193 
LYS O    O N N 194 
LYS CB   C N N 195 
LYS CG   C N N 196 
LYS CD   C N N 197 
LYS CE   C N N 198 
LYS NZ   N N N 199 
LYS OXT  O N N 200 
LYS H    H N N 201 
LYS H2   H N N 202 
LYS HA   H N N 203 
LYS HB2  H N N 204 
LYS HB3  H N N 205 
LYS HG2  H N N 206 
LYS HG3  H N N 207 
LYS HD2  H N N 208 
LYS HD3  H N N 209 
LYS HE2  H N N 210 
LYS HE3  H N N 211 
LYS HZ1  H N N 212 
LYS HZ2  H N N 213 
LYS HZ3  H N N 214 
LYS HXT  H N N 215 
MET N    N N N 216 
MET CA   C N S 217 
MET C    C N N 218 
MET O    O N N 219 
MET CB   C N N 220 
MET CG   C N N 221 
MET SD   S N N 222 
MET CE   C N N 223 
MET OXT  O N N 224 
MET H    H N N 225 
MET H2   H N N 226 
MET HA   H N N 227 
MET HB2  H N N 228 
MET HB3  H N N 229 
MET HG2  H N N 230 
MET HG3  H N N 231 
MET HE1  H N N 232 
MET HE2  H N N 233 
MET HE3  H N N 234 
MET HXT  H N N 235 
PHE N    N N N 236 
PHE CA   C N S 237 
PHE C    C N N 238 
PHE O    O N N 239 
PHE CB   C N N 240 
PHE CG   C Y N 241 
PHE CD1  C Y N 242 
PHE CD2  C Y N 243 
PHE CE1  C Y N 244 
PHE CE2  C Y N 245 
PHE CZ   C Y N 246 
PHE OXT  O N N 247 
PHE H    H N N 248 
PHE H2   H N N 249 
PHE HA   H N N 250 
PHE HB2  H N N 251 
PHE HB3  H N N 252 
PHE HD1  H N N 253 
PHE HD2  H N N 254 
PHE HE1  H N N 255 
PHE HE2  H N N 256 
PHE HZ   H N N 257 
PHE HXT  H N N 258 
PRO N    N N N 259 
PRO CA   C N S 260 
PRO C    C N N 261 
PRO O    O N N 262 
PRO CB   C N N 263 
PRO CG   C N N 264 
PRO CD   C N N 265 
PRO OXT  O N N 266 
PRO H    H N N 267 
PRO HA   H N N 268 
PRO HB2  H N N 269 
PRO HB3  H N N 270 
PRO HG2  H N N 271 
PRO HG3  H N N 272 
PRO HD2  H N N 273 
PRO HD3  H N N 274 
PRO HXT  H N N 275 
SER N    N N N 276 
SER CA   C N S 277 
SER C    C N N 278 
SER O    O N N 279 
SER CB   C N N 280 
SER OG   O N N 281 
SER OXT  O N N 282 
SER H    H N N 283 
SER H2   H N N 284 
SER HA   H N N 285 
SER HB2  H N N 286 
SER HB3  H N N 287 
SER HG   H N N 288 
SER HXT  H N N 289 
SO4 S    S N N 290 
SO4 O1   O N N 291 
SO4 O2   O N N 292 
SO4 O3   O N N 293 
SO4 O4   O N N 294 
THR N    N N N 295 
THR CA   C N S 296 
THR C    C N N 297 
THR O    O N N 298 
THR CB   C N R 299 
THR OG1  O N N 300 
THR CG2  C N N 301 
THR OXT  O N N 302 
THR H    H N N 303 
THR H2   H N N 304 
THR HA   H N N 305 
THR HB   H N N 306 
THR HG1  H N N 307 
THR HG21 H N N 308 
THR HG22 H N N 309 
THR HG23 H N N 310 
THR HXT  H N N 311 
TYR N    N N N 312 
TYR CA   C N S 313 
TYR C    C N N 314 
TYR O    O N N 315 
TYR CB   C N N 316 
TYR CG   C Y N 317 
TYR CD1  C Y N 318 
TYR CD2  C Y N 319 
TYR CE1  C Y N 320 
TYR CE2  C Y N 321 
TYR CZ   C Y N 322 
TYR OH   O N N 323 
TYR OXT  O N N 324 
TYR H    H N N 325 
TYR H2   H N N 326 
TYR HA   H N N 327 
TYR HB2  H N N 328 
TYR HB3  H N N 329 
TYR HD1  H N N 330 
TYR HD2  H N N 331 
TYR HE1  H N N 332 
TYR HE2  H N N 333 
TYR HH   H N N 334 
TYR HXT  H N N 335 
VAL N    N N N 336 
VAL CA   C N S 337 
VAL C    C N N 338 
VAL O    O N N 339 
VAL CB   C N N 340 
VAL CG1  C N N 341 
VAL CG2  C N N 342 
VAL OXT  O N N 343 
VAL H    H N N 344 
VAL H2   H N N 345 
VAL HA   H N N 346 
VAL HB   H N N 347 
VAL HG11 H N N 348 
VAL HG12 H N N 349 
VAL HG13 H N N 350 
VAL HG21 H N N 351 
VAL HG22 H N N 352 
VAL HG23 H N N 353 
VAL HXT  H N N 354 
# 
loop_
_chem_comp_bond.comp_id 
_chem_comp_bond.atom_id_1 
_chem_comp_bond.atom_id_2 
_chem_comp_bond.value_order 
_chem_comp_bond.pdbx_aromatic_flag 
_chem_comp_bond.pdbx_stereo_config 
_chem_comp_bond.pdbx_ordinal 
ALA N   CA   sing N N 1   
ALA N   H    sing N N 2   
ALA N   H2   sing N N 3   
ALA CA  C    sing N N 4   
ALA CA  CB   sing N N 5   
ALA CA  HA   sing N N 6   
ALA C   O    doub N N 7   
ALA C   OXT  sing N N 8   
ALA CB  HB1  sing N N 9   
ALA CB  HB2  sing N N 10  
ALA CB  HB3  sing N N 11  
ALA OXT HXT  sing N N 12  
ARG N   CA   sing N N 13  
ARG N   H    sing N N 14  
ARG N   H2   sing N N 15  
ARG CA  C    sing N N 16  
ARG CA  CB   sing N N 17  
ARG CA  HA   sing N N 18  
ARG C   O    doub N N 19  
ARG C   OXT  sing N N 20  
ARG CB  CG   sing N N 21  
ARG CB  HB2  sing N N 22  
ARG CB  HB3  sing N N 23  
ARG CG  CD   sing N N 24  
ARG CG  HG2  sing N N 25  
ARG CG  HG3  sing N N 26  
ARG CD  NE   sing N N 27  
ARG CD  HD2  sing N N 28  
ARG CD  HD3  sing N N 29  
ARG NE  CZ   sing N N 30  
ARG NE  HE   sing N N 31  
ARG CZ  NH1  sing N N 32  
ARG CZ  NH2  doub N N 33  
ARG NH1 HH11 sing N N 34  
ARG NH1 HH12 sing N N 35  
ARG NH2 HH21 sing N N 36  
ARG NH2 HH22 sing N N 37  
ARG OXT HXT  sing N N 38  
ASN N   CA   sing N N 39  
ASN N   H    sing N N 40  
ASN N   H2   sing N N 41  
ASN CA  C    sing N N 42  
ASN CA  CB   sing N N 43  
ASN CA  HA   sing N N 44  
ASN C   O    doub N N 45  
ASN C   OXT  sing N N 46  
ASN CB  CG   sing N N 47  
ASN CB  HB2  sing N N 48  
ASN CB  HB3  sing N N 49  
ASN CG  OD1  doub N N 50  
ASN CG  ND2  sing N N 51  
ASN ND2 HD21 sing N N 52  
ASN ND2 HD22 sing N N 53  
ASN OXT HXT  sing N N 54  
ASP N   CA   sing N N 55  
ASP N   H    sing N N 56  
ASP N   H2   sing N N 57  
ASP CA  C    sing N N 58  
ASP CA  CB   sing N N 59  
ASP CA  HA   sing N N 60  
ASP C   O    doub N N 61  
ASP C   OXT  sing N N 62  
ASP CB  CG   sing N N 63  
ASP CB  HB2  sing N N 64  
ASP CB  HB3  sing N N 65  
ASP CG  OD1  doub N N 66  
ASP CG  OD2  sing N N 67  
ASP OD2 HD2  sing N N 68  
ASP OXT HXT  sing N N 69  
GLN N   CA   sing N N 70  
GLN N   H    sing N N 71  
GLN N   H2   sing N N 72  
GLN CA  C    sing N N 73  
GLN CA  CB   sing N N 74  
GLN CA  HA   sing N N 75  
GLN C   O    doub N N 76  
GLN C   OXT  sing N N 77  
GLN CB  CG   sing N N 78  
GLN CB  HB2  sing N N 79  
GLN CB  HB3  sing N N 80  
GLN CG  CD   sing N N 81  
GLN CG  HG2  sing N N 82  
GLN CG  HG3  sing N N 83  
GLN CD  OE1  doub N N 84  
GLN CD  NE2  sing N N 85  
GLN NE2 HE21 sing N N 86  
GLN NE2 HE22 sing N N 87  
GLN OXT HXT  sing N N 88  
GLU N   CA   sing N N 89  
GLU N   H    sing N N 90  
GLU N   H2   sing N N 91  
GLU CA  C    sing N N 92  
GLU CA  CB   sing N N 93  
GLU CA  HA   sing N N 94  
GLU C   O    doub N N 95  
GLU C   OXT  sing N N 96  
GLU CB  CG   sing N N 97  
GLU CB  HB2  sing N N 98  
GLU CB  HB3  sing N N 99  
GLU CG  CD   sing N N 100 
GLU CG  HG2  sing N N 101 
GLU CG  HG3  sing N N 102 
GLU CD  OE1  doub N N 103 
GLU CD  OE2  sing N N 104 
GLU OE2 HE2  sing N N 105 
GLU OXT HXT  sing N N 106 
GLY N   CA   sing N N 107 
GLY N   H    sing N N 108 
GLY N   H2   sing N N 109 
GLY CA  C    sing N N 110 
GLY CA  HA2  sing N N 111 
GLY CA  HA3  sing N N 112 
GLY C   O    doub N N 113 
GLY C   OXT  sing N N 114 
GLY OXT HXT  sing N N 115 
HIS N   CA   sing N N 116 
HIS N   H    sing N N 117 
HIS N   H2   sing N N 118 
HIS CA  C    sing N N 119 
HIS CA  CB   sing N N 120 
HIS CA  HA   sing N N 121 
HIS C   O    doub N N 122 
HIS C   OXT  sing N N 123 
HIS CB  CG   sing N N 124 
HIS CB  HB2  sing N N 125 
HIS CB  HB3  sing N N 126 
HIS CG  ND1  sing Y N 127 
HIS CG  CD2  doub Y N 128 
HIS ND1 CE1  doub Y N 129 
HIS ND1 HD1  sing N N 130 
HIS CD2 NE2  sing Y N 131 
HIS CD2 HD2  sing N N 132 
HIS CE1 NE2  sing Y N 133 
HIS CE1 HE1  sing N N 134 
HIS NE2 HE2  sing N N 135 
HIS OXT HXT  sing N N 136 
HOH O   H1   sing N N 137 
HOH O   H2   sing N N 138 
ILE N   CA   sing N N 139 
ILE N   H    sing N N 140 
ILE N   H2   sing N N 141 
ILE CA  C    sing N N 142 
ILE CA  CB   sing N N 143 
ILE CA  HA   sing N N 144 
ILE C   O    doub N N 145 
ILE C   OXT  sing N N 146 
ILE CB  CG1  sing N N 147 
ILE CB  CG2  sing N N 148 
ILE CB  HB   sing N N 149 
ILE CG1 CD1  sing N N 150 
ILE CG1 HG12 sing N N 151 
ILE CG1 HG13 sing N N 152 
ILE CG2 HG21 sing N N 153 
ILE CG2 HG22 sing N N 154 
ILE CG2 HG23 sing N N 155 
ILE CD1 HD11 sing N N 156 
ILE CD1 HD12 sing N N 157 
ILE CD1 HD13 sing N N 158 
ILE OXT HXT  sing N N 159 
LEU N   CA   sing N N 160 
LEU N   H    sing N N 161 
LEU N   H2   sing N N 162 
LEU CA  C    sing N N 163 
LEU CA  CB   sing N N 164 
LEU CA  HA   sing N N 165 
LEU C   O    doub N N 166 
LEU C   OXT  sing N N 167 
LEU CB  CG   sing N N 168 
LEU CB  HB2  sing N N 169 
LEU CB  HB3  sing N N 170 
LEU CG  CD1  sing N N 171 
LEU CG  CD2  sing N N 172 
LEU CG  HG   sing N N 173 
LEU CD1 HD11 sing N N 174 
LEU CD1 HD12 sing N N 175 
LEU CD1 HD13 sing N N 176 
LEU CD2 HD21 sing N N 177 
LEU CD2 HD22 sing N N 178 
LEU CD2 HD23 sing N N 179 
LEU OXT HXT  sing N N 180 
LYS N   CA   sing N N 181 
LYS N   H    sing N N 182 
LYS N   H2   sing N N 183 
LYS CA  C    sing N N 184 
LYS CA  CB   sing N N 185 
LYS CA  HA   sing N N 186 
LYS C   O    doub N N 187 
LYS C   OXT  sing N N 188 
LYS CB  CG   sing N N 189 
LYS CB  HB2  sing N N 190 
LYS CB  HB3  sing N N 191 
LYS CG  CD   sing N N 192 
LYS CG  HG2  sing N N 193 
LYS CG  HG3  sing N N 194 
LYS CD  CE   sing N N 195 
LYS CD  HD2  sing N N 196 
LYS CD  HD3  sing N N 197 
LYS CE  NZ   sing N N 198 
LYS CE  HE2  sing N N 199 
LYS CE  HE3  sing N N 200 
LYS NZ  HZ1  sing N N 201 
LYS NZ  HZ2  sing N N 202 
LYS NZ  HZ3  sing N N 203 
LYS OXT HXT  sing N N 204 
MET N   CA   sing N N 205 
MET N   H    sing N N 206 
MET N   H2   sing N N 207 
MET CA  C    sing N N 208 
MET CA  CB   sing N N 209 
MET CA  HA   sing N N 210 
MET C   O    doub N N 211 
MET C   OXT  sing N N 212 
MET CB  CG   sing N N 213 
MET CB  HB2  sing N N 214 
MET CB  HB3  sing N N 215 
MET CG  SD   sing N N 216 
MET CG  HG2  sing N N 217 
MET CG  HG3  sing N N 218 
MET SD  CE   sing N N 219 
MET CE  HE1  sing N N 220 
MET CE  HE2  sing N N 221 
MET CE  HE3  sing N N 222 
MET OXT HXT  sing N N 223 
PHE N   CA   sing N N 224 
PHE N   H    sing N N 225 
PHE N   H2   sing N N 226 
PHE CA  C    sing N N 227 
PHE CA  CB   sing N N 228 
PHE CA  HA   sing N N 229 
PHE C   O    doub N N 230 
PHE C   OXT  sing N N 231 
PHE CB  CG   sing N N 232 
PHE CB  HB2  sing N N 233 
PHE CB  HB3  sing N N 234 
PHE CG  CD1  doub Y N 235 
PHE CG  CD2  sing Y N 236 
PHE CD1 CE1  sing Y N 237 
PHE CD1 HD1  sing N N 238 
PHE CD2 CE2  doub Y N 239 
PHE CD2 HD2  sing N N 240 
PHE CE1 CZ   doub Y N 241 
PHE CE1 HE1  sing N N 242 
PHE CE2 CZ   sing Y N 243 
PHE CE2 HE2  sing N N 244 
PHE CZ  HZ   sing N N 245 
PHE OXT HXT  sing N N 246 
PRO N   CA   sing N N 247 
PRO N   CD   sing N N 248 
PRO N   H    sing N N 249 
PRO CA  C    sing N N 250 
PRO CA  CB   sing N N 251 
PRO CA  HA   sing N N 252 
PRO C   O    doub N N 253 
PRO C   OXT  sing N N 254 
PRO CB  CG   sing N N 255 
PRO CB  HB2  sing N N 256 
PRO CB  HB3  sing N N 257 
PRO CG  CD   sing N N 258 
PRO CG  HG2  sing N N 259 
PRO CG  HG3  sing N N 260 
PRO CD  HD2  sing N N 261 
PRO CD  HD3  sing N N 262 
PRO OXT HXT  sing N N 263 
SER N   CA   sing N N 264 
SER N   H    sing N N 265 
SER N   H2   sing N N 266 
SER CA  C    sing N N 267 
SER CA  CB   sing N N 268 
SER CA  HA   sing N N 269 
SER C   O    doub N N 270 
SER C   OXT  sing N N 271 
SER CB  OG   sing N N 272 
SER CB  HB2  sing N N 273 
SER CB  HB3  sing N N 274 
SER OG  HG   sing N N 275 
SER OXT HXT  sing N N 276 
SO4 S   O1   doub N N 277 
SO4 S   O2   doub N N 278 
SO4 S   O3   sing N N 279 
SO4 S   O4   sing N N 280 
THR N   CA   sing N N 281 
THR N   H    sing N N 282 
THR N   H2   sing N N 283 
THR CA  C    sing N N 284 
THR CA  CB   sing N N 285 
THR CA  HA   sing N N 286 
THR C   O    doub N N 287 
THR C   OXT  sing N N 288 
THR CB  OG1  sing N N 289 
THR CB  CG2  sing N N 290 
THR CB  HB   sing N N 291 
THR OG1 HG1  sing N N 292 
THR CG2 HG21 sing N N 293 
THR CG2 HG22 sing N N 294 
THR CG2 HG23 sing N N 295 
THR OXT HXT  sing N N 296 
TYR N   CA   sing N N 297 
TYR N   H    sing N N 298 
TYR N   H2   sing N N 299 
TYR CA  C    sing N N 300 
TYR CA  CB   sing N N 301 
TYR CA  HA   sing N N 302 
TYR C   O    doub N N 303 
TYR C   OXT  sing N N 304 
TYR CB  CG   sing N N 305 
TYR CB  HB2  sing N N 306 
TYR CB  HB3  sing N N 307 
TYR CG  CD1  doub Y N 308 
TYR CG  CD2  sing Y N 309 
TYR CD1 CE1  sing Y N 310 
TYR CD1 HD1  sing N N 311 
TYR CD2 CE2  doub Y N 312 
TYR CD2 HD2  sing N N 313 
TYR CE1 CZ   doub Y N 314 
TYR CE1 HE1  sing N N 315 
TYR CE2 CZ   sing Y N 316 
TYR CE2 HE2  sing N N 317 
TYR CZ  OH   sing N N 318 
TYR OH  HH   sing N N 319 
TYR OXT HXT  sing N N 320 
VAL N   CA   sing N N 321 
VAL N   H    sing N N 322 
VAL N   H2   sing N N 323 
VAL CA  C    sing N N 324 
VAL CA  CB   sing N N 325 
VAL CA  HA   sing N N 326 
VAL C   O    doub N N 327 
VAL C   OXT  sing N N 328 
VAL CB  CG1  sing N N 329 
VAL CB  CG2  sing N N 330 
VAL CB  HB   sing N N 331 
VAL CG1 HG11 sing N N 332 
VAL CG1 HG12 sing N N 333 
VAL CG1 HG13 sing N N 334 
VAL CG2 HG21 sing N N 335 
VAL CG2 HG22 sing N N 336 
VAL CG2 HG23 sing N N 337 
VAL OXT HXT  sing N N 338 
# 
_atom_sites.entry_id                    3NO7 
_atom_sites.fract_transf_matrix[1][1]   0.00179835 
_atom_sites.fract_transf_matrix[1][2]   -0.01104804 
_atom_sites.fract_transf_matrix[1][3]   0.01081557 
_atom_sites.fract_transf_matrix[2][1]   0.00080622 
_atom_sites.fract_transf_matrix[2][2]   0.00389830 
_atom_sites.fract_transf_matrix[2][3]   0.01504734 
_atom_sites.fract_transf_matrix[3][1]   -0.01888522 
_atom_sites.fract_transf_matrix[3][2]   -0.00166199 
_atom_sites.fract_transf_matrix[3][3]   0.00144242 
_atom_sites.fract_transf_vector[1]      0.102860 
_atom_sites.fract_transf_vector[2]      -0.334598 
_atom_sites.fract_transf_vector[3]      0.138799 
# 
loop_
_atom_type.symbol 
C 
N 
O 
S 
# 
loop_
_atom_site.group_PDB 
_atom_site.id 
_atom_site.type_symbol 
_atom_site.label_atom_id 
_atom_site.label_alt_id 
_atom_site.label_comp_id 
_atom_site.label_asym_id 
_atom_site.label_entity_id 
_atom_site.label_seq_id 
_atom_site.pdbx_PDB_ins_code 
_atom_site.Cartn_x 
_atom_site.Cartn_y 
_atom_site.Cartn_z 
_atom_site.occupancy 
_atom_site.B_iso_or_equiv 
_atom_site.pdbx_formal_charge 
_atom_site.auth_seq_id 
_atom_site.auth_comp_id 
_atom_site.auth_asym_id 
_atom_site.auth_atom_id 
_atom_site.pdbx_PDB_model_num 
ATOM   1    N N   . VAL A 1 10 ? -10.522 12.667  13.033  1.00 27.42 ? 69  VAL A N   1 
ATOM   2    C CA  . VAL A 1 10 ? -10.734 11.492  12.131  1.00 26.95 ? 69  VAL A CA  1 
ATOM   3    C C   . VAL A 1 10 ? -9.795  11.551  10.924  1.00 26.21 ? 69  VAL A C   1 
ATOM   4    O O   . VAL A 1 10 ? -9.878  12.463  10.097  1.00 26.64 ? 69  VAL A O   1 
ATOM   5    C CB  . VAL A 1 10 ? -12.210 11.377  11.663  1.00 27.33 ? 69  VAL A CB  1 
ATOM   6    C CG1 . VAL A 1 10 ? -12.390 10.176  10.744  1.00 27.33 ? 69  VAL A CG1 1 
ATOM   7    C CG2 . VAL A 1 10 ? -13.150 11.278  12.866  1.00 28.02 ? 69  VAL A CG2 1 
ATOM   8    N N   . LYS A 1 11 ? -8.901  10.570  10.835  1.00 24.93 ? 70  LYS A N   1 
ATOM   9    C CA  . LYS A 1 11 ? -7.909  10.530  9.768   1.00 23.42 ? 70  LYS A CA  1 
ATOM   10   C C   . LYS A 1 11 ? -8.321  9.570   8.657   1.00 21.56 ? 70  LYS A C   1 
ATOM   11   O O   . LYS A 1 11 ? -8.680  8.417   8.913   1.00 21.04 ? 70  LYS A O   1 
ATOM   12   C CB  . LYS A 1 11 ? -6.535  10.162  10.323  1.00 23.98 ? 70  LYS A CB  1 
ATOM   13   C CG  . LYS A 1 11 ? -5.806  11.331  10.961  1.00 25.88 ? 70  LYS A CG  1 
ATOM   14   C CD  . LYS A 1 11 ? -4.666  10.843  11.828  1.00 28.15 ? 70  LYS A CD  1 
ATOM   15   C CE  . LYS A 1 11 ? -4.072  11.979  12.644  1.00 29.39 ? 70  LYS A CE  1 
ATOM   16   N NZ  . LYS A 1 11 ? -3.208  11.458  13.737  1.00 30.73 ? 70  LYS A NZ  1 
ATOM   17   N N   . MET A 1 12 ? -8.265  10.062  7.424   1.00 20.09 ? 71  MET A N   1 
ATOM   18   C CA  . MET A 1 12 ? -8.742  9.306   6.269   1.00 18.71 ? 71  MET A CA  1 
ATOM   19   C C   . MET A 1 12 ? -7.668  9.137   5.199   1.00 17.39 ? 71  MET A C   1 
ATOM   20   O O   . MET A 1 12 ? -7.933  8.591   4.126   1.00 16.49 ? 71  MET A O   1 
ATOM   21   C CB  . MET A 1 12 ? -9.992  9.965   5.680   1.00 19.43 ? 71  MET A CB  1 
ATOM   22   C CG  . MET A 1 12 ? -11.164 10.016  6.652   1.00 20.49 ? 71  MET A CG  1 
ATOM   23   S SD  . MET A 1 12 ? -12.570 10.857  5.924   1.00 24.65 ? 71  MET A SD  1 
ATOM   24   C CE  . MET A 1 12 ? -13.685 10.955  7.325   1.00 26.25 ? 71  MET A CE  1 
ATOM   25   N N   . THR A 1 13 ? -6.458  9.600   5.504   1.00 16.17 ? 72  THR A N   1 
ATOM   26   C CA  . THR A 1 13 ? -5.321  9.522   4.591   1.00 15.66 ? 72  THR A CA  1 
ATOM   27   C C   . THR A 1 13 ? -4.142  8.867   5.308   1.00 14.81 ? 72  THR A C   1 
ATOM   28   O O   . THR A 1 13 ? -4.140  8.782   6.538   1.00 15.15 ? 72  THR A O   1 
ATOM   29   C CB  . THR A 1 13 ? -4.882  10.927  4.125   1.00 16.14 ? 72  THR A CB  1 
ATOM   30   O OG1 . THR A 1 13 ? -4.451  11.692  5.257   1.00 17.00 ? 72  THR A OG1 1 
ATOM   31   C CG2 . THR A 1 13 ? -6.028  11.663  3.425   1.00 16.19 ? 72  THR A CG2 1 
ATOM   32   N N   . VAL A 1 14 ? -3.154  8.408   4.531   1.00 14.16 ? 73  VAL A N   1 
ATOM   33   C CA  . VAL A 1 14 ? -1.833  8.045   5.060   1.00 13.67 ? 73  VAL A CA  1 
ATOM   34   C C   . VAL A 1 14 ? -0.759  8.840   4.322   1.00 14.12 ? 73  VAL A C   1 
ATOM   35   O O   . VAL A 1 14 ? -0.883  9.114   3.126   1.00 14.18 ? 73  VAL A O   1 
ATOM   36   C CB  . VAL A 1 14 ? -1.527  6.515   4.993   1.00 13.54 ? 73  VAL A CB  1 
ATOM   37   C CG1 . VAL A 1 14 ? -2.451  5.728   5.906   1.00 13.08 ? 73  VAL A CG1 1 
ATOM   38   C CG2 . VAL A 1 14 ? -1.599  5.982   3.556   1.00 13.91 ? 73  VAL A CG2 1 
ATOM   39   N N   . THR A 1 15 ? 0.292   9.216   5.044   1.00 14.53 ? 74  THR A N   1 
ATOM   40   C CA  . THR A 1 15 ? 1.388   9.969   4.452   1.00 15.26 ? 74  THR A CA  1 
ATOM   41   C C   . THR A 1 15 ? 2.322   9.024   3.707   1.00 14.56 ? 74  THR A C   1 
ATOM   42   O O   . THR A 1 15 ? 2.706   7.977   4.232   1.00 14.73 ? 74  THR A O   1 
ATOM   43   C CB  . THR A 1 15 ? 2.132   10.771  5.536   1.00 15.41 ? 74  THR A CB  1 
ATOM   44   O OG1 . THR A 1 15 ? 1.232   11.749  6.075   1.00 18.08 ? 74  THR A OG1 1 
ATOM   45   C CG2 . THR A 1 15 ? 3.358   11.479  4.960   1.00 16.46 ? 74  THR A CG2 1 
ATOM   46   N N   . VAL A 1 16 ? 2.662   9.395   2.469   1.00 14.68 ? 75  VAL A N   1 
ATOM   47   C CA  . VAL A 1 16 ? 3.579   8.601   1.647   1.00 14.91 ? 75  VAL A CA  1 
ATOM   48   C C   . VAL A 1 16 ? 4.813   9.387   1.206   1.00 15.18 ? 75  VAL A C   1 
ATOM   49   O O   . VAL A 1 16 ? 5.835   8.789   0.879   1.00 15.36 ? 75  VAL A O   1 
ATOM   50   C CB  . VAL A 1 16 ? 2.865   7.966   0.409   1.00 14.88 ? 75  VAL A CB  1 
ATOM   51   C CG1 . VAL A 1 16 ? 1.685   7.111   0.849   1.00 15.01 ? 75  VAL A CG1 1 
ATOM   52   C CG2 . VAL A 1 16 ? 2.387   9.028   -0.577  1.00 13.66 ? 75  VAL A CG2 1 
ATOM   53   N N   . GLY A 1 17 ? 4.711   10.714  1.196   1.00 15.76 ? 76  GLY A N   1 
ATOM   54   C CA  . GLY A 1 17 ? 5.772   11.569  0.656   1.00 16.84 ? 76  GLY A CA  1 
ATOM   55   C C   . GLY A 1 17 ? 5.493   11.966  -0.788  1.00 17.75 ? 76  GLY A C   1 
ATOM   56   O O   . GLY A 1 17 ? 4.854   11.226  -1.529  1.00 17.09 ? 76  GLY A O   1 
ATOM   57   N N   . GLU A 1 18 ? 5.967   13.149  -1.182  1.00 18.26 ? 77  GLU A N   1 
ATOM   58   C CA  . GLU A 1 18 ? 5.789   13.663  -2.541  1.00 18.74 ? 77  GLU A CA  1 
ATOM   59   C C   . GLU A 1 18 ? 6.346   12.722  -3.608  1.00 17.87 ? 77  GLU A C   1 
ATOM   60   O O   . GLU A 1 18 ? 5.662   12.432  -4.590  1.00 17.07 ? 77  GLU A O   1 
ATOM   61   C CB  . GLU A 1 18 ? 6.432   15.055  -2.654  1.00 19.83 ? 77  GLU A CB  1 
ATOM   62   C CG  . GLU A 1 18 ? 6.611   15.605  -4.064  1.00 23.71 ? 77  GLU A CG  1 
ATOM   63   C CD  . GLU A 1 18 ? 7.378   16.924  -4.082  1.00 27.58 ? 77  GLU A CD  1 
ATOM   64   O OE1 . GLU A 1 18 ? 7.270   17.693  -3.103  1.00 30.19 ? 77  GLU A OE1 1 
ATOM   65   O OE2 . GLU A 1 18 ? 8.086   17.192  -5.076  1.00 30.46 ? 77  GLU A OE2 1 
ATOM   66   N N   . GLU A 1 19 ? 7.576   12.250  -3.412  1.00 17.05 ? 78  GLU A N   1 
ATOM   67   C CA  . GLU A 1 19 ? 8.239   11.403  -4.403  1.00 16.89 ? 78  GLU A CA  1 
ATOM   68   C C   . GLU A 1 19 ? 7.556   10.047  -4.566  1.00 15.38 ? 78  GLU A C   1 
ATOM   69   O O   . GLU A 1 19 ? 7.399   9.539   -5.685  1.00 15.21 ? 78  GLU A O   1 
ATOM   70   C CB  . GLU A 1 19 ? 9.718   11.216  -4.069  1.00 17.51 ? 78  GLU A CB  1 
ATOM   71   C CG  . GLU A 1 19 ? 10.573  12.443  -4.373  1.00 21.42 ? 78  GLU A CG  1 
ATOM   72   C CD  . GLU A 1 19 ? 12.035  12.105  -4.619  1.00 26.59 ? 78  GLU A CD  1 
ATOM   73   O OE1 . GLU A 1 19 ? 12.516  11.056  -4.127  1.00 29.90 ? 78  GLU A OE1 1 
ATOM   74   O OE2 . GLU A 1 19 ? 12.709  12.904  -5.307  1.00 29.89 ? 78  GLU A OE2 1 
ATOM   75   N N   . ARG A 1 20 ? 7.154   9.465   -3.442  1.00 14.06 ? 79  ARG A N   1 
ATOM   76   C CA  . ARG A 1 20 ? 6.480   8.182   -3.477  1.00 12.54 ? 79  ARG A CA  1 
ATOM   77   C C   . ARG A 1 20 ? 5.106   8.303   -4.123  1.00 11.94 ? 79  ARG A C   1 
ATOM   78   O O   . ARG A 1 20 ? 4.737   7.441   -4.917  1.00 10.67 ? 79  ARG A O   1 
ATOM   79   C CB  . ARG A 1 20 ? 6.384   7.586   -2.077  1.00 12.23 ? 79  ARG A CB  1 
ATOM   80   C CG  . ARG A 1 20 ? 5.641   6.252   -2.018  1.00 11.97 ? 79  ARG A CG  1 
ATOM   81   C CD  . ARG A 1 20 ? 5.829   5.598   -0.659  1.00 12.34 ? 79  ARG A CD  1 
ATOM   82   N NE  . ARG A 1 20 ? 7.188   5.087   -0.503  1.00 12.41 ? 79  ARG A NE  1 
ATOM   83   C CZ  . ARG A 1 20 ? 8.144   5.676   0.218   1.00 12.41 ? 79  ARG A CZ  1 
ATOM   84   N NH1 . ARG A 1 20 ? 7.904   6.803   0.874   1.00 13.19 ? 79  ARG A NH1 1 
ATOM   85   N NH2 . ARG A 1 20 ? 9.347   5.124   0.275   1.00 13.03 ? 79  ARG A NH2 1 
ATOM   86   N N   . ARG A 1 21 ? 4.360   9.366   -3.813  1.00 11.23 ? 80  ARG A N   1 
ATOM   87   C CA  . ARG A 1 21 ? 3.076   9.573   -4.491  1.00 11.86 ? 80  ARG A CA  1 
ATOM   88   C C   . ARG A 1 21 ? 3.276   9.670   -5.998  1.00 11.57 ? 80  ARG A C   1 
ATOM   89   O O   . ARG A 1 21 ? 2.500   9.100   -6.764  1.00 11.64 ? 80  ARG A O   1 
ATOM   90   C CB  . ARG A 1 21 ? 2.273   10.777  -3.961  1.00 12.18 ? 80  ARG A CB  1 
ATOM   91   C CG  . ARG A 1 21 ? 0.852   10.826  -4.549  1.00 14.84 ? 80  ARG A CG  1 
ATOM   92   C CD  . ARG A 1 21 ? -0.025  11.948  -4.037  1.00 16.99 ? 80  ARG A CD  1 
ATOM   93   N NE  . ARG A 1 21 ? -1.174  12.130  -4.926  1.00 18.26 ? 80  ARG A NE  1 
ATOM   94   C CZ  . ARG A 1 21 ? -2.394  11.641  -4.715  1.00 18.66 ? 80  ARG A CZ  1 
ATOM   95   N NH1 . ARG A 1 21 ? -2.675  10.959  -3.606  1.00 18.37 ? 80  ARG A NH1 1 
ATOM   96   N NH2 . ARG A 1 21 ? -3.347  11.857  -5.607  1.00 20.09 ? 80  ARG A NH2 1 
ATOM   97   N N   . ALA A 1 22 ? 4.328   10.366  -6.426  1.00 11.70 ? 81  ALA A N   1 
ATOM   98   C CA  . ALA A 1 22 ? 4.613   10.464  -7.856  1.00 11.38 ? 81  ALA A CA  1 
ATOM   99   C C   . ALA A 1 22 ? 4.955   9.103   -8.481  1.00 10.84 ? 81  ALA A C   1 
ATOM   100  O O   . ALA A 1 22 ? 4.501   8.795   -9.583  1.00 11.04 ? 81  ALA A O   1 
ATOM   101  C CB  . ALA A 1 22 ? 5.723   11.484  -8.119  1.00 12.18 ? 81  ALA A CB  1 
ATOM   102  N N   . ARG A 1 23 ? 5.730   8.282   -7.766  1.00 10.37 ? 82  ARG A N   1 
ATOM   103  C CA  . ARG A 1 23 ? 6.036   6.939   -8.250  1.00 10.39 ? 82  ARG A CA  1 
ATOM   104  C C   . ARG A 1 23 ? 4.774   6.085   -8.361  1.00 9.63  ? 82  ARG A C   1 
ATOM   105  O O   . ARG A 1 23 ? 4.614   5.315   -9.298  1.00 9.50  ? 82  ARG A O   1 
ATOM   106  C CB  . ARG A 1 23 ? 7.047   6.242   -7.346  1.00 10.57 ? 82  ARG A CB  1 
ATOM   107  C CG  . ARG A 1 23 ? 8.467   6.801   -7.434  1.00 13.07 ? 82  ARG A CG  1 
ATOM   108  C CD  . ARG A 1 23 ? 9.490   5.818   -6.872  1.00 14.99 ? 82  ARG A CD  1 
ATOM   109  N NE  . ARG A 1 23 ? 9.210   5.409   -5.493  1.00 16.38 ? 82  ARG A NE  1 
ATOM   110  C CZ  . ARG A 1 23 ? 9.573   6.097   -4.413  1.00 17.37 ? 82  ARG A CZ  1 
ATOM   111  N NH1 . ARG A 1 23 ? 10.218  7.251   -4.526  1.00 18.43 ? 82  ARG A NH1 1 
ATOM   112  N NH2 . ARG A 1 23 ? 9.281   5.632   -3.204  1.00 17.68 ? 82  ARG A NH2 1 
ATOM   113  N N   . LEU A 1 24 ? 3.878   6.220   -7.385  1.00 9.36  ? 83  LEU A N   1 
ATOM   114  C CA  . LEU A 1 24 ? 2.615   5.497   -7.403  1.00 9.16  ? 83  LEU A CA  1 
ATOM   115  C C   . LEU A 1 24 ? 1.714   5.931   -8.558  1.00 8.89  ? 83  LEU A C   1 
ATOM   116  O O   . LEU A 1 24 ? 1.124   5.079   -9.209  1.00 8.54  ? 83  LEU A O   1 
ATOM   117  C CB  . LEU A 1 24 ? 1.885   5.645   -6.060  1.00 9.03  ? 83  LEU A CB  1 
ATOM   118  C CG  . LEU A 1 24 ? 2.510   4.867   -4.901  1.00 9.70  ? 83  LEU A CG  1 
ATOM   119  C CD1 . LEU A 1 24 ? 2.055   5.448   -3.570  1.00 11.13 ? 83  LEU A CD1 1 
ATOM   120  C CD2 . LEU A 1 24 ? 2.171   3.383   -4.996  1.00 9.95  ? 83  LEU A CD2 1 
ATOM   121  N N   . ARG A 1 25 ? 1.617   7.245   -8.799  1.00 9.68  ? 84  ARG A N   1 
ATOM   122  C CA  . ARG A 1 25 ? 0.870   7.747   -9.958  1.00 10.06 ? 84  ARG A CA  1 
ATOM   123  C C   . ARG A 1 25 ? 1.419   7.204   -11.274 1.00 9.49  ? 84  ARG A C   1 
ATOM   124  O O   . ARG A 1 25 ? 0.655   6.786   -12.131 1.00 9.82  ? 84  ARG A O   1 
ATOM   125  C CB  . ARG A 1 25 ? 0.843   9.281   -9.983  1.00 10.72 ? 84  ARG A CB  1 
ATOM   126  C CG  . ARG A 1 25 ? 0.284   9.914   -11.270 1.00 14.93 ? 84  ARG A CG  1 
ATOM   127  C CD  . ARG A 1 25 ? -1.177  9.563   -11.555 1.00 16.49 ? 84  ARG A CD  1 
ATOM   128  N NE  . ARG A 1 25 ? -2.107  10.152  -10.590 1.00 17.48 ? 84  ARG A NE  1 
ATOM   129  C CZ  . ARG A 1 25 ? -3.416  9.902   -10.562 1.00 18.74 ? 84  ARG A CZ  1 
ATOM   130  N NH1 . ARG A 1 25 ? -3.961  9.077   -11.445 1.00 20.35 ? 84  ARG A NH1 1 
ATOM   131  N NH2 . ARG A 1 25 ? -4.179  10.477  -9.643  1.00 20.47 ? 84  ARG A NH2 1 
ATOM   132  N N   . THR A 1 26 ? 2.747   7.183   -11.416 1.00 9.88  ? 85  THR A N   1 
ATOM   133  C CA  . THR A 1 26 ? 3.354   6.684   -12.644 1.00 9.91  ? 85  THR A CA  1 
ATOM   134  C C   . THR A 1 26 ? 3.063   5.189   -12.831 1.00 9.21  ? 85  THR A C   1 
ATOM   135  O O   . THR A 1 26 ? 2.656   4.741   -13.902 1.00 9.99  ? 85  THR A O   1 
ATOM   136  C CB  . THR A 1 26 ? 4.864   6.929   -12.632 1.00 9.82  ? 85  THR A CB  1 
ATOM   137  O OG1 . THR A 1 26 ? 5.109   8.344   -12.601 1.00 11.52 ? 85  THR A OG1 1 
ATOM   138  C CG2 . THR A 1 26 ? 5.539   6.300   -13.859 1.00 10.65 ? 85  THR A CG2 1 
ATOM   139  N N   . ALA A 1 27 ? 3.247   4.411   -11.765 1.00 8.63  ? 86  ALA A N   1 
ATOM   140  C CA  . ALA A 1 27 ? 2.959   2.983   -11.815 1.00 8.76  ? 86  ALA A CA  1 
ATOM   141  C C   . ALA A 1 27 ? 1.500   2.750   -12.195 1.00 9.03  ? 86  ALA A C   1 
ATOM   142  O O   . ALA A 1 27 ? 1.181   1.910   -13.037 1.00 8.68  ? 86  ALA A O   1 
ATOM   143  C CB  . ALA A 1 27 ? 3.274   2.350   -10.468 1.00 9.09  ? 86  ALA A CB  1 
ATOM   144  N N   . TYR A 1 28 ? 0.610   3.496   -11.550 1.00 8.59  ? 87  TYR A N   1 
ATOM   145  C CA  . TYR A 1 28 ? -0.811  3.412   -11.858 1.00 9.24  ? 87  TYR A CA  1 
ATOM   146  C C   . TYR A 1 28 ? -1.093  3.685   -13.344 1.00 9.64  ? 87  TYR A C   1 
ATOM   147  O O   . TYR A 1 28 ? -1.742  2.890   -14.019 1.00 9.83  ? 87  TYR A O   1 
ATOM   148  C CB  . TYR A 1 28 ? -1.620  4.389   -10.975 1.00 9.27  ? 87  TYR A CB  1 
ATOM   149  C CG  . TYR A 1 28 ? -3.070  4.496   -11.401 1.00 9.32  ? 87  TYR A CG  1 
ATOM   150  C CD1 . TYR A 1 28 ? -4.003  3.516   -11.048 1.00 9.93  ? 87  TYR A CD1 1 
ATOM   151  C CD2 . TYR A 1 28 ? -3.496  5.555   -12.194 1.00 9.99  ? 87  TYR A CD2 1 
ATOM   152  C CE1 . TYR A 1 28 ? -5.322  3.598   -11.475 1.00 11.01 ? 87  TYR A CE1 1 
ATOM   153  C CE2 . TYR A 1 28 ? -4.817  5.644   -12.625 1.00 11.58 ? 87  TYR A CE2 1 
ATOM   154  C CZ  . TYR A 1 28 ? -5.715  4.662   -12.262 1.00 12.18 ? 87  TYR A CZ  1 
ATOM   155  O OH  . TYR A 1 28 ? -7.025  4.752   -12.683 1.00 14.86 ? 87  TYR A OH  1 
ATOM   156  N N   . THR A 1 29 ? -0.583  4.798   -13.857 1.00 10.04 ? 88  THR A N   1 
ATOM   157  C CA  . THR A 1 29 ? -0.873  5.159   -15.239 1.00 11.15 ? 88  THR A CA  1 
ATOM   158  C C   . THR A 1 29 ? -0.467  4.032   -16.185 1.00 10.83 ? 88  THR A C   1 
ATOM   159  O O   . THR A 1 29 ? -1.213  3.657   -17.094 1.00 10.83 ? 88  THR A O   1 
ATOM   160  C CB  . THR A 1 29 ? -0.174  6.482   -15.594 1.00 11.42 ? 88  THR A CB  1 
ATOM   161  O OG1 . THR A 1 29 ? -0.689  7.513   -14.742 1.00 13.87 ? 88  THR A OG1 1 
ATOM   162  C CG2 . THR A 1 29 ? -0.413  6.888   -17.065 1.00 13.24 ? 88  THR A CG2 1 
ATOM   163  N N   . LEU A 1 30 ? 0.708   3.468   -15.947 1.00 10.65 ? 89  LEU A N   1 
ATOM   164  C CA  . LEU A 1 30 ? 1.259   2.484   -16.873 1.00 10.47 ? 89  LEU A CA  1 
ATOM   165  C C   . LEU A 1 30 ? 0.677   1.078   -16.750 1.00 10.51 ? 89  LEU A C   1 
ATOM   166  O O   . LEU A 1 30 ? 0.833   0.263   -17.665 1.00 11.56 ? 89  LEU A O   1 
ATOM   167  C CB  . LEU A 1 30 ? 2.787   2.441   -16.755 1.00 10.69 ? 89  LEU A CB  1 
ATOM   168  C CG  . LEU A 1 30 ? 3.505   3.742   -17.135 1.00 11.26 ? 89  LEU A CG  1 
ATOM   169  C CD1 . LEU A 1 30 ? 4.972   3.659   -16.788 1.00 13.67 ? 89  LEU A CD1 1 
ATOM   170  C CD2 . LEU A 1 30 ? 3.322   4.077   -18.615 1.00 14.10 ? 89  LEU A CD2 1 
ATOM   171  N N   . THR A 1 31 ? 0.014   0.770   -15.632 1.00 9.85  ? 90  THR A N   1 
ATOM   172  C CA  . THR A 1 31 ? -0.400  -0.619  -15.366 1.00 9.80  ? 90  THR A CA  1 
ATOM   173  C C   . THR A 1 31 ? -1.872  -0.827  -15.001 1.00 9.80  ? 90  THR A C   1 
ATOM   174  O O   . THR A 1 31 ? -2.327  -1.964  -14.918 1.00 9.76  ? 90  THR A O   1 
ATOM   175  C CB  . THR A 1 31 ? 0.438   -1.274  -14.234 1.00 9.94  ? 90  THR A CB  1 
ATOM   176  O OG1 . THR A 1 31 ? 0.151   -0.633  -12.986 1.00 10.03 ? 90  THR A OG1 1 
ATOM   177  C CG2 . THR A 1 31 ? 1.934   -1.200  -14.519 1.00 10.45 ? 90  THR A CG2 1 
ATOM   178  N N   . HIS A 1 32 ? -2.616  0.254   -14.781 1.00 9.87  ? 91  HIS A N   1 
ATOM   179  C CA  . HIS A 1 32 ? -3.973  0.099   -14.232 1.00 10.92 ? 91  HIS A CA  1 
ATOM   180  C C   . HIS A 1 32 ? -4.954  -0.643  -15.125 1.00 11.22 ? 91  HIS A C   1 
ATOM   181  O O   . HIS A 1 32 ? -5.812  -1.374  -14.629 1.00 11.51 ? 91  HIS A O   1 
ATOM   182  C CB  . HIS A 1 32 ? -4.575  1.431   -13.771 1.00 11.10 ? 91  HIS A CB  1 
ATOM   183  C CG  . HIS A 1 32 ? -5.001  2.338   -14.881 1.00 12.64 ? 91  HIS A CG  1 
ATOM   184  N ND1 . HIS A 1 32 ? -6.326  2.532   -15.214 1.00 17.24 ? 91  HIS A ND1 1 
ATOM   185  C CD2 . HIS A 1 32 ? -4.282  3.112   -15.726 1.00 13.88 ? 91  HIS A CD2 1 
ATOM   186  C CE1 . HIS A 1 32 ? -6.401  3.394   -16.211 1.00 16.94 ? 91  HIS A CE1 1 
ATOM   187  N NE2 . HIS A 1 32 ? -5.177  3.760   -16.543 1.00 17.98 ? 91  HIS A NE2 1 
ATOM   188  N N   . LEU A 1 33 ? -4.837  -0.447  -16.433 1.00 11.99 ? 92  LEU A N   1 
ATOM   189  C CA  . LEU A 1 33 ? -5.714  -1.141  -17.382 1.00 13.07 ? 92  LEU A CA  1 
ATOM   190  C C   . LEU A 1 33 ? -5.460  -2.651  -17.321 1.00 13.17 ? 92  LEU A C   1 
ATOM   191  O O   . LEU A 1 33 ? -6.396  -3.448  -17.234 1.00 13.71 ? 92  LEU A O   1 
ATOM   192  C CB  . LEU A 1 33 ? -5.535  -0.595  -18.808 1.00 14.02 ? 92  LEU A CB  1 
ATOM   193  C CG  . LEU A 1 33 ? -5.923  0.860   -19.102 1.00 16.36 ? 92  LEU A CG  1 
ATOM   194  C CD1 . LEU A 1 33 ? -5.631  1.195   -20.564 1.00 18.80 ? 92  LEU A CD1 1 
ATOM   195  C CD2 . LEU A 1 33 ? -7.398  1.117   -18.788 1.00 19.03 ? 92  LEU A CD2 1 
ATOM   196  N N   . GLN A 1 34 ? -4.181  -3.036  -17.304 1.00 12.88 ? 93  GLN A N   1 
ATOM   197  C CA  . GLN A 1 34 ? -3.796  -4.450  -17.219 1.00 13.16 ? 93  GLN A CA  1 
ATOM   198  C C   . GLN A 1 34 ? -4.197  -5.076  -15.885 1.00 13.04 ? 93  GLN A C   1 
ATOM   199  O O   . GLN A 1 34 ? -4.524  -6.263  -15.805 1.00 13.98 ? 93  GLN A O   1 
ATOM   200  C CB  . GLN A 1 34 ? -2.281  -4.597  -17.398 1.00 13.21 ? 93  GLN A CB  1 
ATOM   201  C CG  . GLN A 1 34 ? -1.704  -4.002  -18.679 1.00 13.48 ? 93  GLN A CG  1 
ATOM   202  C CD  . GLN A 1 34 ? -1.192  -2.589  -18.495 1.00 14.12 ? 93  GLN A CD  1 
ATOM   203  O OE1 . GLN A 1 34 ? -1.927  -1.690  -18.083 1.00 12.81 ? 93  GLN A OE1 1 
ATOM   204  N NE2 . GLN A 1 34 ? 0.092   -2.386  -18.788 1.00 13.77 ? 93  GLN A NE2 1 
ATOM   205  N N   . GLU A 1 35 ? -4.137  -4.274  -14.821 1.00 12.11 ? 94  GLU A N   1 
ATOM   206  C CA  . GLU A 1 35 ? -4.465  -4.730  -13.474 1.00 12.64 ? 94  GLU A CA  1 
ATOM   207  C C   . GLU A 1 35 ? -5.955  -4.629  -13.150 1.00 12.73 ? 94  GLU A C   1 
ATOM   208  O O   . GLU A 1 35 ? -6.404  -5.150  -12.131 1.00 14.43 ? 94  GLU A O   1 
ATOM   209  C CB  . GLU A 1 35 ? -3.656  -3.929  -12.443 1.00 11.92 ? 94  GLU A CB  1 
ATOM   210  C CG  . GLU A 1 35 ? -2.161  -4.270  -12.467 1.00 14.16 ? 94  GLU A CG  1 
ATOM   211  C CD  . GLU A 1 35 ? -1.878  -5.587  -11.794 1.00 15.30 ? 94  GLU A CD  1 
ATOM   212  O OE1 . GLU A 1 35 ? -2.087  -5.679  -10.569 1.00 18.07 ? 94  GLU A OE1 1 
ATOM   213  O OE2 . GLU A 1 35 ? -1.439  -6.532  -12.480 1.00 16.49 ? 94  GLU A OE2 1 
ATOM   214  N N   . GLY A 1 36 ? -6.711  -3.955  -14.002 1.00 12.53 ? 95  GLY A N   1 
ATOM   215  C CA  . GLY A 1 36 ? -8.154  -3.824  -13.784 1.00 12.94 ? 95  GLY A CA  1 
ATOM   216  C C   . GLY A 1 36 ? -8.574  -2.802  -12.743 1.00 13.11 ? 95  GLY A C   1 
ATOM   217  O O   . GLY A 1 36 ? -9.663  -2.910  -12.181 1.00 13.87 ? 95  GLY A O   1 
ATOM   218  N N   . HIS A 1 37 ? -7.735  -1.810  -12.474 1.00 12.29 ? 96  HIS A N   1 
ATOM   219  C CA  . HIS A 1 37 ? -8.111  -0.725  -11.567 1.00 11.84 ? 96  HIS A CA  1 
ATOM   220  C C   . HIS A 1 37 ? -8.638  0.454   -12.350 1.00 12.25 ? 96  HIS A C   1 
ATOM   221  O O   . HIS A 1 37 ? -7.967  0.970   -13.244 1.00 13.55 ? 96  HIS A O   1 
ATOM   222  C CB  . HIS A 1 37 ? -6.935  -0.284  -10.684 1.00 11.90 ? 96  HIS A CB  1 
ATOM   223  C CG  . HIS A 1 37 ? -6.395  -1.379  -9.829  1.00 12.57 ? 96  HIS A CG  1 
ATOM   224  N ND1 . HIS A 1 37 ? -7.160  -2.023  -8.884  1.00 14.64 ? 96  HIS A ND1 1 
ATOM   225  C CD2 . HIS A 1 37 ? -5.171  -1.957  -9.784  1.00 14.75 ? 96  HIS A CD2 1 
ATOM   226  C CE1 . HIS A 1 37 ? -6.434  -2.953  -8.294  1.00 16.68 ? 96  HIS A CE1 1 
ATOM   227  N NE2 . HIS A 1 37 ? -5.225  -2.935  -8.823  1.00 15.46 ? 96  HIS A NE2 1 
ATOM   228  N N   . ARG A 1 38 ? -9.833  0.904   -11.995 1.00 11.80 ? 97  ARG A N   1 
ATOM   229  C CA  . ARG A 1 38 ? -10.476 1.981   -12.738 1.00 11.96 ? 97  ARG A CA  1 
ATOM   230  C C   . ARG A 1 38 ? -10.083 3.376   -12.261 1.00 11.42 ? 97  ARG A C   1 
ATOM   231  O O   . ARG A 1 38 ? -10.224 4.357   -13.001 1.00 12.05 ? 97  ARG A O   1 
ATOM   232  C CB  . ARG A 1 38 ? -11.994 1.799   -12.713 1.00 12.79 ? 97  ARG A CB  1 
ATOM   233  C CG  . ARG A 1 38 ? -12.541 0.880   -13.811 1.00 16.81 ? 97  ARG A CG  1 
ATOM   234  C CD  . ARG A 1 38 ? -11.775 -0.414  -13.927 1.00 23.74 ? 97  ARG A CD  1 
ATOM   235  N NE  . ARG A 1 38 ? -12.465 -1.419  -14.730 1.00 27.45 ? 97  ARG A NE  1 
ATOM   236  C CZ  . ARG A 1 38 ? -13.061 -2.490  -14.220 1.00 28.99 ? 97  ARG A CZ  1 
ATOM   237  N NH1 . ARG A 1 38 ? -13.053 -2.690  -12.906 1.00 29.45 ? 97  ARG A NH1 1 
ATOM   238  N NH2 . ARG A 1 38 ? -13.661 -3.361  -15.020 1.00 31.07 ? 97  ARG A NH2 1 
ATOM   239  N N   . THR A 1 39 ? -9.587  3.469   -11.027 1.00 9.48  ? 98  THR A N   1 
ATOM   240  C CA  . THR A 1 39 ? -9.183  4.749   -10.447 1.00 9.20  ? 98  THR A CA  1 
ATOM   241  C C   . THR A 1 39 ? -7.921  4.570   -9.620  1.00 8.60  ? 98  THR A C   1 
ATOM   242  O O   . THR A 1 39 ? -7.637  3.472   -9.116  1.00 8.04  ? 98  THR A O   1 
ATOM   243  C CB  . THR A 1 39 ? -10.278 5.335   -9.519  1.00 8.73  ? 98  THR A CB  1 
ATOM   244  O OG1 . THR A 1 39 ? -10.439 4.484   -8.371  1.00 9.41  ? 98  THR A OG1 1 
ATOM   245  C CG2 . THR A 1 39 ? -11.628 5.500   -10.256 1.00 9.92  ? 98  THR A CG2 1 
ATOM   246  N N   . PHE A 1 40 ? -7.189  5.657   -9.438  1.00 8.47  ? 99  PHE A N   1 
ATOM   247  C CA  . PHE A 1 40 ? -6.040  5.670   -8.559  1.00 8.45  ? 99  PHE A CA  1 
ATOM   248  C C   . PHE A 1 40 ? -6.460  5.289   -7.130  1.00 8.51  ? 99  PHE A C   1 
ATOM   249  O O   . PHE A 1 40 ? -5.771  4.497   -6.456  1.00 8.07  ? 99  PHE A O   1 
ATOM   250  C CB  . PHE A 1 40 ? -5.371  7.048   -8.611  1.00 8.95  ? 99  PHE A CB  1 
ATOM   251  C CG  . PHE A 1 40 ? -4.113  7.146   -7.787  1.00 8.20  ? 99  PHE A CG  1 
ATOM   252  C CD1 . PHE A 1 40 ? -2.934  6.505   -8.189  1.00 9.54  ? 99  PHE A CD1 1 
ATOM   253  C CD2 . PHE A 1 40 ? -4.112  7.862   -6.601  1.00 11.45 ? 99  PHE A CD2 1 
ATOM   254  C CE1 . PHE A 1 40 ? -1.771  6.613   -7.412  1.00 10.34 ? 99  PHE A CE1 1 
ATOM   255  C CE2 . PHE A 1 40 ? -2.960  7.967   -5.823  1.00 11.30 ? 99  PHE A CE2 1 
ATOM   256  C CZ  . PHE A 1 40 ? -1.796  7.345   -6.237  1.00 12.03 ? 99  PHE A CZ  1 
ATOM   257  N N   . SER A 1 41 ? -7.592  5.835   -6.670  1.00 8.74  ? 100 SER A N   1 
ATOM   258  C CA  . SER A 1 41 ? -8.100  5.531   -5.338  1.00 9.31  ? 100 SER A CA  1 
ATOM   259  C C   . SER A 1 41 ? -8.288  4.033   -5.162  1.00 8.13  ? 100 SER A C   1 
ATOM   260  O O   . SER A 1 41 ? -7.927  3.478   -4.117  1.00 9.06  ? 100 SER A O   1 
ATOM   261  C CB  . SER A 1 41 ? -9.426  6.251   -5.094  1.00 10.30 ? 100 SER A CB  1 
ATOM   262  O OG  . SER A 1 41 ? -9.265  7.645   -5.253  1.00 14.12 ? 100 SER A OG  1 
ATOM   263  N N   . GLY A 1 42 ? -8.842  3.373   -6.179  1.00 7.81  ? 101 GLY A N   1 
ATOM   264  C CA  . GLY A 1 42 ? -9.042  1.941   -6.111  1.00 7.89  ? 101 GLY A CA  1 
ATOM   265  C C   . GLY A 1 42 ? -7.739  1.148   -6.148  1.00 7.63  ? 101 GLY A C   1 
ATOM   266  O O   . GLY A 1 42 ? -7.605  0.130   -5.483  1.00 7.72  ? 101 GLY A O   1 
ATOM   267  N N   . PHE A 1 43 ? -6.764  1.607   -6.923  1.00 7.41  ? 102 PHE A N   1 
ATOM   268  C CA  . PHE A 1 43 ? -5.435  1.000   -6.948  1.00 7.18  ? 102 PHE A CA  1 
ATOM   269  C C   . PHE A 1 43 ? -4.786  1.047   -5.556  1.00 7.04  ? 102 PHE A C   1 
ATOM   270  O O   . PHE A 1 43 ? -4.269  0.037   -5.077  1.00 7.48  ? 102 PHE A O   1 
ATOM   271  C CB  . PHE A 1 43 ? -4.593  1.754   -7.991  1.00 7.85  ? 102 PHE A CB  1 
ATOM   272  C CG  . PHE A 1 43 ? -3.105  1.560   -7.859  1.00 8.44  ? 102 PHE A CG  1 
ATOM   273  C CD1 . PHE A 1 43 ? -2.541  0.302   -8.022  1.00 12.19 ? 102 PHE A CD1 1 
ATOM   274  C CD2 . PHE A 1 43 ? -2.273  2.636   -7.568  1.00 10.08 ? 102 PHE A CD2 1 
ATOM   275  C CE1 . PHE A 1 43 ? -1.153  0.114   -7.903  1.00 14.20 ? 102 PHE A CE1 1 
ATOM   276  C CE2 . PHE A 1 43 ? -0.883  2.464   -7.464  1.00 11.48 ? 102 PHE A CE2 1 
ATOM   277  C CZ  . PHE A 1 43 ? -0.331  1.205   -7.635  1.00 13.84 ? 102 PHE A CZ  1 
ATOM   278  N N   . ILE A 1 44 ? -4.825  2.209   -4.911  1.00 6.94  ? 103 ILE A N   1 
ATOM   279  C CA  . ILE A 1 44 ? -4.250  2.360   -3.571  1.00 7.62  ? 103 ILE A CA  1 
ATOM   280  C C   . ILE A 1 44 ? -4.967  1.489   -2.547  1.00 7.84  ? 103 ILE A C   1 
ATOM   281  O O   . ILE A 1 44 ? -4.331  0.782   -1.751  1.00 7.48  ? 103 ILE A O   1 
ATOM   282  C CB  . ILE A 1 44 ? -4.275  3.845   -3.132  1.00 8.01  ? 103 ILE A CB  1 
ATOM   283  C CG1 . ILE A 1 44 ? -3.360  4.708   -4.026  1.00 8.28  ? 103 ILE A CG1 1 
ATOM   284  C CG2 . ILE A 1 44 ? -3.939  3.998   -1.635  1.00 7.84  ? 103 ILE A CG2 1 
ATOM   285  C CD1 . ILE A 1 44 ? -1.863  4.352   -3.975  1.00 11.61 ? 103 ILE A CD1 1 
ATOM   286  N N   . ALA A 1 45 ? -6.294  1.525   -2.566  1.00 7.31  ? 104 ALA A N   1 
ATOM   287  C CA  . ALA A 1 45 ? -7.090  0.746   -1.621  1.00 7.57  ? 104 ALA A CA  1 
ATOM   288  C C   . ALA A 1 45 ? -6.782  -0.739  -1.765  1.00 7.40  ? 104 ALA A C   1 
ATOM   289  O O   . ALA A 1 45 ? -6.622  -1.432  -0.754  1.00 8.28  ? 104 ALA A O   1 
ATOM   290  C CB  . ALA A 1 45 ? -8.570  1.002   -1.817  1.00 7.93  ? 104 ALA A CB  1 
ATOM   291  N N   . ALA A 1 46 ? -6.696  -1.244  -3.005  1.00 7.42  ? 105 ALA A N   1 
ATOM   292  C CA  . ALA A 1 46 ? -6.447  -2.668  -3.232  1.00 8.09  ? 105 ALA A CA  1 
ATOM   293  C C   . ALA A 1 46 ? -5.055  -3.076  -2.762  1.00 8.25  ? 105 ALA A C   1 
ATOM   294  O O   . ALA A 1 46 ? -4.887  -4.151  -2.172  1.00 8.67  ? 105 ALA A O   1 
ATOM   295  C CB  . ALA A 1 46 ? -6.638  -3.023  -4.705  1.00 8.54  ? 105 ALA A CB  1 
ATOM   296  N N   . ALA A 1 47 ? -4.060  -2.230  -3.024  1.00 8.24  ? 106 ALA A N   1 
ATOM   297  C CA  . ALA A 1 47 ? -2.681  -2.524  -2.607  1.00 9.18  ? 106 ALA A CA  1 
ATOM   298  C C   . ALA A 1 47 ? -2.578  -2.610  -1.094  1.00 9.19  ? 106 ALA A C   1 
ATOM   299  O O   . ALA A 1 47 ? -1.962  -3.525  -0.552  1.00 9.79  ? 106 ALA A O   1 
ATOM   300  C CB  . ALA A 1 47 ? -1.734  -1.475  -3.139  1.00 9.81  ? 106 ALA A CB  1 
ATOM   301  N N   . LEU A 1 48 ? -3.187  -1.658  -0.407  1.00 8.04  ? 107 LEU A N   1 
ATOM   302  C CA  . LEU A 1 48 ? -3.104  -1.633  1.047   1.00 8.51  ? 107 LEU A CA  1 
ATOM   303  C C   . LEU A 1 48 ? -3.924  -2.748  1.688   1.00 9.22  ? 107 LEU A C   1 
ATOM   304  O O   . LEU A 1 48 ? -3.477  -3.379  2.658   1.00 9.44  ? 107 LEU A O   1 
ATOM   305  C CB  . LEU A 1 48 ? -3.484  -0.248  1.556   1.00 8.30  ? 107 LEU A CB  1 
ATOM   306  C CG  . LEU A 1 48 ? -2.434  0.811   1.191   1.00 9.09  ? 107 LEU A CG  1 
ATOM   307  C CD1 . LEU A 1 48 ? -2.978  2.187   1.512   1.00 10.43 ? 107 LEU A CD1 1 
ATOM   308  C CD2 . LEU A 1 48 ? -1.108  0.563   1.937   1.00 9.69  ? 107 LEU A CD2 1 
ATOM   309  N N   . ASP A 1 49 ? -5.093  -3.048  1.129   1.00 9.06  ? 108 ASP A N   1 
ATOM   310  C CA  . ASP A 1 49 ? -5.891  -4.165  1.636   1.00 9.87  ? 108 ASP A CA  1 
ATOM   311  C C   . ASP A 1 49 ? -5.173  -5.496  1.442   1.00 9.67  ? 108 ASP A C   1 
ATOM   312  O O   . ASP A 1 49 ? -5.256  -6.369  2.310   1.00 10.09 ? 108 ASP A O   1 
ATOM   313  C CB  . ASP A 1 49 ? -7.275  -4.219  0.991   1.00 10.26 ? 108 ASP A CB  1 
ATOM   314  C CG  . ASP A 1 49 ? -8.240  -3.187  1.564   1.00 12.55 ? 108 ASP A CG  1 
ATOM   315  O OD1 . ASP A 1 49 ? -7.916  -2.449  2.518   1.00 12.49 ? 108 ASP A OD1 1 
ATOM   316  O OD2 . ASP A 1 49 ? -9.368  -3.103  1.033   1.00 14.53 ? 108 ASP A OD2 1 
ATOM   317  N N   . ALA A 1 50 ? -4.464  -5.660  0.324   1.00 9.50  ? 109 ALA A N   1 
ATOM   318  C CA  . ALA A 1 50 ? -3.699  -6.879  0.082   1.00 9.62  ? 109 ALA A CA  1 
ATOM   319  C C   . ALA A 1 50 ? -2.617  -7.069  1.141   1.00 9.63  ? 109 ALA A C   1 
ATOM   320  O O   . ALA A 1 50 ? -2.367  -8.203  1.557   1.00 10.66 ? 109 ALA A O   1 
ATOM   321  C CB  . ALA A 1 50 ? -3.098  -6.886  -1.322  1.00 9.92  ? 109 ALA A CB  1 
ATOM   322  N N   . GLU A 1 51 ? -1.990  -5.977  1.575   1.00 10.13 ? 110 GLU A N   1 
ATOM   323  C CA  . GLU A 1 51 ? -0.975  -6.069  2.622   1.00 10.32 ? 110 GLU A CA  1 
ATOM   324  C C   . GLU A 1 51 ? -1.587  -6.498  3.949   1.00 9.85  ? 110 GLU A C   1 
ATOM   325  O O   . GLU A 1 51 ? -1.040  -7.378  4.623   1.00 9.52  ? 110 GLU A O   1 
ATOM   326  C CB  . GLU A 1 51 ? -0.197  -4.764  2.775   1.00 10.65 ? 110 GLU A CB  1 
ATOM   327  C CG  . GLU A 1 51 ? 0.872   -4.788  3.883   1.00 12.95 ? 110 GLU A CG  1 
ATOM   328  C CD  . GLU A 1 51 ? 1.993   -5.801  3.652   1.00 17.90 ? 110 GLU A CD  1 
ATOM   329  O OE1 . GLU A 1 51 ? 2.150   -6.326  2.525   1.00 19.42 ? 110 GLU A OE1 1 
ATOM   330  O OE2 . GLU A 1 51 ? 2.745   -6.058  4.614   1.00 19.32 ? 110 GLU A OE2 1 
ATOM   331  N N   . VAL A 1 52 ? -2.709  -5.892  4.328   1.00 9.20  ? 111 VAL A N   1 
ATOM   332  C CA  . VAL A 1 52 ? -3.379  -6.290  5.566   1.00 9.76  ? 111 VAL A CA  1 
ATOM   333  C C   . VAL A 1 52 ? -3.735  -7.777  5.508   1.00 10.04 ? 111 VAL A C   1 
ATOM   334  O O   . VAL A 1 52 ? -3.483  -8.525  6.465   1.00 10.40 ? 111 VAL A O   1 
ATOM   335  C CB  . VAL A 1 52 ? -4.604  -5.405  5.849   1.00 9.34  ? 111 VAL A CB  1 
ATOM   336  C CG1 . VAL A 1 52 ? -5.398  -5.922  7.051   1.00 10.45 ? 111 VAL A CG1 1 
ATOM   337  C CG2 . VAL A 1 52 ? -4.167  -3.982  6.105   1.00 10.67 ? 111 VAL A CG2 1 
ATOM   338  N N   . GLN A 1 53 ? -4.285  -8.224  4.387   1.00 10.40 ? 112 GLN A N   1 
ATOM   339  C CA  . GLN A 1 53 ? -4.649  -9.625  4.250   1.00 11.69 ? 112 GLN A CA  1 
ATOM   340  C C   . GLN A 1 53 ? -3.435  -10.557 4.341   1.00 10.96 ? 112 GLN A C   1 
ATOM   341  O O   . GLN A 1 53 ? -3.519  -11.611 4.964   1.00 11.47 ? 112 GLN A O   1 
ATOM   342  C CB  . GLN A 1 53 ? -5.432  -9.853  2.950   1.00 12.16 ? 112 GLN A CB  1 
ATOM   343  C CG  . GLN A 1 53 ? -6.842  -9.280  2.986   1.00 17.81 ? 112 GLN A CG  1 
ATOM   344  C CD  . GLN A 1 53 ? -7.421  -9.026  1.603   1.00 22.21 ? 112 GLN A CD  1 
ATOM   345  O OE1 . GLN A 1 53 ? -6.951  -9.576  0.602   1.00 25.74 ? 112 GLN A OE1 1 
ATOM   346  N NE2 . GLN A 1 53 ? -8.450  -8.188  1.542   1.00 25.20 ? 112 GLN A NE2 1 
ATOM   347  N N   . ARG A 1 54 ? -2.309  -10.156 3.751   1.00 10.91 ? 113 ARG A N   1 
ATOM   348  C CA  . ARG A 1 54 ? -1.066  -10.921 3.849   1.00 11.36 ? 113 ARG A CA  1 
ATOM   349  C C   . ARG A 1 54 ? -0.638  -11.074 5.313   1.00 10.94 ? 113 ARG A C   1 
ATOM   350  O O   . ARG A 1 54 ? -0.281  -12.171 5.753   1.00 10.97 ? 113 ARG A O   1 
ATOM   351  C CB  . ARG A 1 54 ? 0.037   -10.247 3.024   1.00 11.65 ? 113 ARG A CB  1 
ATOM   352  C CG  . ARG A 1 54 ? 1.270   -11.116 2.829   1.00 13.71 ? 113 ARG A CG  1 
ATOM   353  C CD  . ARG A 1 54 ? 2.352   -10.361 2.078   1.00 15.84 ? 113 ARG A CD  1 
ATOM   354  N NE  . ARG A 1 54 ? 2.901   -9.308  2.918   1.00 18.90 ? 113 ARG A NE  1 
ATOM   355  C CZ  . ARG A 1 54 ? 3.852   -9.491  3.827   1.00 20.07 ? 113 ARG A CZ  1 
ATOM   356  N NH1 . ARG A 1 54 ? 4.384   -10.697 4.003   1.00 20.95 ? 113 ARG A NH1 1 
ATOM   357  N NH2 . ARG A 1 54 ? 4.277   -8.462  4.550   1.00 19.92 ? 113 ARG A NH2 1 
ATOM   358  N N   . LEU A 1 55 ? -0.708  -9.990  6.077   1.00 10.06 ? 114 LEU A N   1 
ATOM   359  C CA  . LEU A 1 55 ? -0.350  -10.020 7.492   1.00 10.08 ? 114 LEU A CA  1 
ATOM   360  C C   . LEU A 1 55 ? -1.315  -10.873 8.310   1.00 10.83 ? 114 LEU A C   1 
ATOM   361  O O   . LEU A 1 55 ? -0.880  -11.600 9.210   1.00 10.49 ? 114 LEU A O   1 
ATOM   362  C CB  . LEU A 1 55 ? -0.284  -8.592  8.023   1.00 9.93  ? 114 LEU A CB  1 
ATOM   363  C CG  . LEU A 1 55 ? 0.821   -7.711  7.426   1.00 9.12  ? 114 LEU A CG  1 
ATOM   364  C CD1 . LEU A 1 55 ? 0.640   -6.282  7.891   1.00 9.19  ? 114 LEU A CD1 1 
ATOM   365  C CD2 . LEU A 1 55 ? 2.230   -8.219  7.786   1.00 10.78 ? 114 LEU A CD2 1 
ATOM   366  N N   . GLU A 1 56 ? -2.611  -10.820 7.995   1.00 11.04 ? 115 GLU A N   1 
ATOM   367  C CA  . GLU A 1 56 ? -3.598  -11.702 8.635   1.00 11.76 ? 115 GLU A CA  1 
ATOM   368  C C   . GLU A 1 56 ? -3.230  -13.162 8.420   1.00 12.20 ? 115 GLU A C   1 
ATOM   369  O O   . GLU A 1 56 ? -3.295  -13.975 9.349   1.00 12.22 ? 115 GLU A O   1 
ATOM   370  C CB  . GLU A 1 56 ? -4.996  -11.485 8.059   1.00 11.99 ? 115 GLU A CB  1 
ATOM   371  C CG  . GLU A 1 56 ? -5.644  -10.157 8.361   1.00 12.89 ? 115 GLU A CG  1 
ATOM   372  C CD  . GLU A 1 56 ? -6.876  -9.904  7.494   1.00 12.73 ? 115 GLU A CD  1 
ATOM   373  O OE1 . GLU A 1 56 ? -7.237  -10.776 6.676   1.00 17.46 ? 115 GLU A OE1 1 
ATOM   374  O OE2 . GLU A 1 56 ? -7.499  -8.839  7.640   1.00 15.41 ? 115 GLU A OE2 1 
ATOM   375  N N   . GLN A 1 57 ? -2.854  -13.494 7.189   1.00 12.90 ? 116 GLN A N   1 
ATOM   376  C CA  . GLN A 1 57 ? -2.463  -14.856 6.845   1.00 14.72 ? 116 GLN A CA  1 
ATOM   377  C C   . GLN A 1 57 ? -1.209  -15.300 7.585   1.00 14.39 ? 116 GLN A C   1 
ATOM   378  O O   . GLN A 1 57 ? -1.155  -16.417 8.120   1.00 15.51 ? 116 GLN A O   1 
ATOM   379  C CB  . GLN A 1 57 ? -2.271  -14.987 5.327   1.00 15.25 ? 116 GLN A CB  1 
ATOM   380  C CG  . GLN A 1 57 ? -3.576  -14.954 4.526   1.00 19.06 ? 116 GLN A CG  1 
ATOM   381  C CD  . GLN A 1 57 ? -4.533  -16.080 4.894   1.00 24.03 ? 116 GLN A CD  1 
ATOM   382  O OE1 . GLN A 1 57 ? -5.747  -15.873 4.975   1.00 27.89 ? 116 GLN A OE1 1 
ATOM   383  N NE2 . GLN A 1 57 ? -3.994  -17.280 5.118   1.00 26.22 ? 116 GLN A NE2 1 
ATOM   384  N N   . ARG A 1 58 ? -0.207  -14.427 7.629   1.00 14.50 ? 117 ARG A N   1 
ATOM   385  C CA  . ARG A 1 58 ? 1.084   -14.767 8.223   1.00 15.25 ? 117 ARG A CA  1 
ATOM   386  C C   . ARG A 1 58 ? 1.050   -14.854 9.745   1.00 15.00 ? 117 ARG A C   1 
ATOM   387  O O   . ARG A 1 58 ? 1.718   -15.709 10.332  1.00 15.42 ? 117 ARG A O   1 
ATOM   388  C CB  . ARG A 1 58 ? 2.165   -13.755 7.809   1.00 15.55 ? 117 ARG A CB  1 
ATOM   389  C CG  . ARG A 1 58 ? 2.505   -13.674 6.315   1.00 18.70 ? 117 ARG A CG  1 
ATOM   390  C CD  . ARG A 1 58 ? 2.995   -14.991 5.726   1.00 24.18 ? 117 ARG A CD  1 
ATOM   391  N NE  . ARG A 1 58 ? 3.280   -14.875 4.291   1.00 28.02 ? 117 ARG A NE  1 
ATOM   392  C CZ  . ARG A 1 58 ? 2.368   -14.958 3.321   1.00 29.49 ? 117 ARG A CZ  1 
ATOM   393  N NH1 . ARG A 1 58 ? 1.085   -15.155 3.607   1.00 30.89 ? 117 ARG A NH1 1 
ATOM   394  N NH2 . ARG A 1 58 ? 2.743   -14.840 2.053   1.00 30.66 ? 117 ARG A NH2 1 
ATOM   395  N N   . TYR A 1 59 ? 0.275   -13.978 10.380  1.00 13.85 ? 118 TYR A N   1 
ATOM   396  C CA  . TYR A 1 59 ? 0.382   -13.777 11.824  1.00 13.97 ? 118 TYR A CA  1 
ATOM   397  C C   . TYR A 1 59 ? -0.885  -13.966 12.631  1.00 13.98 ? 118 TYR A C   1 
ATOM   398  O O   . TYR A 1 59 ? -0.824  -13.995 13.859  1.00 15.48 ? 118 TYR A O   1 
ATOM   399  C CB  . TYR A 1 59 ? 0.953   -12.391 12.117  1.00 13.46 ? 118 TYR A CB  1 
ATOM   400  C CG  . TYR A 1 59 ? 2.306   -12.178 11.505  1.00 12.29 ? 118 TYR A CG  1 
ATOM   401  C CD1 . TYR A 1 59 ? 3.402   -12.947 11.914  1.00 12.56 ? 118 TYR A CD1 1 
ATOM   402  C CD2 . TYR A 1 59 ? 2.499   -11.237 10.493  1.00 12.16 ? 118 TYR A CD2 1 
ATOM   403  C CE1 . TYR A 1 59 ? 4.646   -12.767 11.341  1.00 12.94 ? 118 TYR A CE1 1 
ATOM   404  C CE2 . TYR A 1 59 ? 3.752   -11.052 9.912   1.00 11.02 ? 118 TYR A CE2 1 
ATOM   405  C CZ  . TYR A 1 59 ? 4.823   -11.818 10.346  1.00 12.77 ? 118 TYR A CZ  1 
ATOM   406  O OH  . TYR A 1 59 ? 6.056   -11.640 9.780   1.00 14.40 ? 118 TYR A OH  1 
ATOM   407  N N   . ASN A 1 60 ? -2.029  -14.081 11.970  1.00 13.86 ? 119 ASN A N   1 
ATOM   408  C CA  . ASN A 1 60 ? -3.292  -14.175 12.682  1.00 13.88 ? 119 ASN A CA  1 
ATOM   409  C C   . ASN A 1 60 ? -4.155  -15.351 12.244  1.00 15.01 ? 119 ASN A C   1 
ATOM   410  O O   . ASN A 1 60 ? -5.377  -15.313 12.377  1.00 15.07 ? 119 ASN A O   1 
ATOM   411  C CB  . ASN A 1 60 ? -4.078  -12.866 12.546  1.00 13.53 ? 119 ASN A CB  1 
ATOM   412  C CG  . ASN A 1 60 ? -4.957  -12.593 13.749  1.00 13.04 ? 119 ASN A CG  1 
ATOM   413  O OD1 . ASN A 1 60 ? -4.512  -12.719 14.895  1.00 13.48 ? 119 ASN A OD1 1 
ATOM   414  N ND2 . ASN A 1 60 ? -6.200  -12.209 13.501  1.00 11.59 ? 119 ASN A ND2 1 
ATOM   415  N N   . GLU A 1 61 ? -3.505  -16.383 11.703  1.00 15.96 ? 120 GLU A N   1 
ATOM   416  C CA  . GLU A 1 61 ? -4.184  -17.602 11.224  1.00 17.88 ? 120 GLU A CA  1 
ATOM   417  C C   . GLU A 1 61 ? -5.266  -17.303 10.176  1.00 17.61 ? 120 GLU A C   1 
ATOM   418  O O   . GLU A 1 61 ? -6.275  -18.014 10.077  1.00 18.66 ? 120 GLU A O   1 
ATOM   419  C CB  . GLU A 1 61 ? -4.747  -18.425 12.400  1.00 18.33 ? 120 GLU A CB  1 
ATOM   420  C CG  . GLU A 1 61 ? -3.761  -18.661 13.548  1.00 21.88 ? 120 GLU A CG  1 
ATOM   421  C CD  . GLU A 1 61 ? -2.813  -19.838 13.327  1.00 26.67 ? 120 GLU A CD  1 
ATOM   422  O OE1 . GLU A 1 61 ? -2.353  -20.055 12.183  1.00 29.24 ? 120 GLU A OE1 1 
ATOM   423  O OE2 . GLU A 1 61 ? -2.521  -20.550 14.316  1.00 29.34 ? 120 GLU A OE2 1 
ATOM   424  N N   . GLY A 1 62 ? -5.061  -16.244 9.395   1.00 17.26 ? 121 GLY A N   1 
ATOM   425  C CA  . GLY A 1 62 ? -5.997  -15.882 8.336   1.00 17.20 ? 121 GLY A CA  1 
ATOM   426  C C   . GLY A 1 62 ? -7.239  -15.138 8.787   1.00 17.11 ? 121 GLY A C   1 
ATOM   427  O O   . GLY A 1 62 ? -8.086  -14.781 7.964   1.00 17.88 ? 121 GLY A O   1 
ATOM   428  N N   . ARG A 1 63 ? -7.340  -14.883 10.090  1.00 16.17 ? 122 ARG A N   1 
ATOM   429  C CA  . ARG A 1 63 ? -8.482  -14.164 10.646  1.00 15.59 ? 122 ARG A CA  1 
ATOM   430  C C   . ARG A 1 63 ? -8.211  -12.668 10.644  1.00 14.74 ? 122 ARG A C   1 
ATOM   431  O O   . ARG A 1 63 ? -7.052  -12.250 10.702  1.00 13.94 ? 122 ARG A O   1 
ATOM   432  C CB  . ARG A 1 63 ? -8.778  -14.640 12.066  1.00 16.07 ? 122 ARG A CB  1 
ATOM   433  C CG  . ARG A 1 63 ? -8.994  -16.143 12.149  1.00 18.86 ? 122 ARG A CG  1 
ATOM   434  C CD  . ARG A 1 63 ? -9.854  -16.526 13.316  1.00 23.28 ? 122 ARG A CD  1 
ATOM   435  N NE  . ARG A 1 63 ? -10.037 -17.973 13.356  1.00 25.84 ? 122 ARG A NE  1 
ATOM   436  C CZ  . ARG A 1 63 ? -10.769 -18.618 14.256  1.00 26.17 ? 122 ARG A CZ  1 
ATOM   437  N NH1 . ARG A 1 63 ? -11.412 -17.950 15.206  1.00 27.68 ? 122 ARG A NH1 1 
ATOM   438  N NH2 . ARG A 1 63 ? -10.860 -19.938 14.198  1.00 27.29 ? 122 ARG A NH2 1 
ATOM   439  N N   . ARG A 1 64 ? -9.267  -11.862 10.591  1.00 14.44 ? 123 ARG A N   1 
ATOM   440  C CA  . ARG A 1 64 ? -9.096  -10.416 10.670  1.00 14.26 ? 123 ARG A CA  1 
ATOM   441  C C   . ARG A 1 64 ? -8.527  -10.039 12.035  1.00 13.43 ? 123 ARG A C   1 
ATOM   442  O O   . ARG A 1 64 ? -8.856  -10.670 13.041  1.00 14.09 ? 123 ARG A O   1 
ATOM   443  C CB  . ARG A 1 64 ? -10.421 -9.698  10.440  1.00 14.91 ? 123 ARG A CB  1 
ATOM   444  C CG  . ARG A 1 64 ? -10.960 -9.870  9.032   1.00 18.50 ? 123 ARG A CG  1 
ATOM   445  C CD  . ARG A 1 64 ? -12.147 -8.968  8.777   1.00 24.27 ? 123 ARG A CD  1 
ATOM   446  N NE  . ARG A 1 64 ? -13.391 -9.480  9.343   1.00 28.00 ? 123 ARG A NE  1 
ATOM   447  C CZ  . ARG A 1 64 ? -14.604 -9.044  9.003   1.00 29.88 ? 123 ARG A CZ  1 
ATOM   448  N NH1 . ARG A 1 64 ? -14.742 -8.089  8.090   1.00 31.37 ? 123 ARG A NH1 1 
ATOM   449  N NH2 . ARG A 1 64 ? -15.684 -9.566  9.570   1.00 31.48 ? 123 ARG A NH2 1 
ATOM   450  N N   . PHE A 1 65 ? -7.652  -9.041  12.069  1.00 12.32 ? 124 PHE A N   1 
ATOM   451  C CA  . PHE A 1 65 ? -7.213  -8.471  13.341  1.00 11.90 ? 124 PHE A CA  1 
ATOM   452  C C   . PHE A 1 65 ? -8.348  -7.648  13.954  1.00 12.21 ? 124 PHE A C   1 
ATOM   453  O O   . PHE A 1 65 ? -9.065  -6.944  13.236  1.00 12.46 ? 124 PHE A O   1 
ATOM   454  C CB  . PHE A 1 65 ? -6.028  -7.530  13.124  1.00 11.42 ? 124 PHE A CB  1 
ATOM   455  C CG  . PHE A 1 65 ? -4.774  -8.191  12.611  1.00 11.21 ? 124 PHE A CG  1 
ATOM   456  C CD1 . PHE A 1 65 ? -4.009  -9.008  13.432  1.00 12.12 ? 124 PHE A CD1 1 
ATOM   457  C CD2 . PHE A 1 65 ? -4.324  -7.933  11.324  1.00 11.23 ? 124 PHE A CD2 1 
ATOM   458  C CE1 . PHE A 1 65 ? -2.831  -9.590  12.973  1.00 12.14 ? 124 PHE A CE1 1 
ATOM   459  C CE2 . PHE A 1 65 ? -3.148  -8.525  10.839  1.00 11.82 ? 124 PHE A CE2 1 
ATOM   460  C CZ  . PHE A 1 65 ? -2.394  -9.341  11.677  1.00 11.82 ? 124 PHE A CZ  1 
ATOM   461  N N   . GLU A 1 66 ? -8.520  -7.719  15.272  1.00 12.19 ? 125 GLU A N   1 
ATOM   462  C CA  . GLU A 1 66 ? -9.463  -6.816  15.948  1.00 12.53 ? 125 GLU A CA  1 
ATOM   463  C C   . GLU A 1 66 ? -8.867  -5.444  16.209  1.00 12.77 ? 125 GLU A C   1 
ATOM   464  O O   . GLU A 1 66 ? -7.770  -5.346  16.761  1.00 12.33 ? 125 GLU A O   1 
ATOM   465  C CB  . GLU A 1 66 ? -9.863  -7.382  17.307  1.00 13.52 ? 125 GLU A CB  1 
ATOM   466  C CG  . GLU A 1 66 ? -10.753 -8.576  17.235  1.00 16.57 ? 125 GLU A CG  1 
ATOM   467  C CD  . GLU A 1 66 ? -12.215 -8.245  16.910  1.00 19.52 ? 125 GLU A CD  1 
ATOM   468  O OE1 . GLU A 1 66 ? -12.684 -7.109  17.140  1.00 21.81 ? 125 GLU A OE1 1 
ATOM   469  O OE2 . GLU A 1 66 ? -12.905 -9.157  16.433  1.00 23.57 ? 125 GLU A OE2 1 
ATOM   470  N N   . ASN A 1 67 ? -9.589  -4.385  15.835  1.00 13.05 ? 126 ASN A N   1 
ATOM   471  C CA  . ASN A 1 67 ? -9.226  -3.036  16.249  1.00 14.33 ? 126 ASN A CA  1 
ATOM   472  C C   . ASN A 1 67 ? -9.335  -2.918  17.763  1.00 14.88 ? 126 ASN A C   1 
ATOM   473  O O   . ASN A 1 67 ? -10.224 -3.525  18.373  1.00 14.49 ? 126 ASN A O   1 
ATOM   474  C CB  . ASN A 1 67 ? -10.127 -1.983  15.583  1.00 14.06 ? 126 ASN A CB  1 
ATOM   475  C CG  . ASN A 1 67 ? -9.922  -1.890  14.081  1.00 14.70 ? 126 ASN A CG  1 
ATOM   476  O OD1 . ASN A 1 67 ? -8.855  -2.209  13.557  1.00 14.14 ? 126 ASN A OD1 1 
ATOM   477  N ND2 . ASN A 1 67 ? -10.961 -1.457  13.379  1.00 15.70 ? 126 ASN A ND2 1 
ATOM   478  N N   . ALA A 1 68 ? -8.423  -2.154  18.357  1.00 16.19 ? 127 ALA A N   1 
ATOM   479  C CA  . ALA A 1 68 ? -8.454  -1.882  19.792  1.00 18.24 ? 127 ALA A CA  1 
ATOM   480  C C   . ALA A 1 68 ? -9.673  -1.024  20.133  1.00 19.93 ? 127 ALA A C   1 
ATOM   481  O O   . ALA A 1 68 ? -9.914  -0.004  19.476  1.00 20.95 ? 127 ALA A O   1 
ATOM   482  C CB  . ALA A 1 68 ? -7.164  -1.182  20.222  1.00 18.35 ? 127 ALA A CB  1 
ATOM   483  N N   . GLU A 1 69 ? -10.451 -1.454  21.129  1.00 21.40 ? 128 GLU A N   1 
ATOM   484  C CA  . GLU A 1 69 ? -11.589 -0.680  21.633  1.00 23.60 ? 128 GLU A CA  1 
ATOM   485  C C   . GLU A 1 69 ? -11.102 0.338   22.661  1.00 24.10 ? 128 GLU A C   1 
ATOM   486  O O   . GLU A 1 69 ? -10.418 1.301   22.311  1.00 25.41 ? 128 GLU A O   1 
ATOM   487  C CB  . GLU A 1 69 ? -12.644 -1.589  22.278  1.00 24.01 ? 128 GLU A CB  1 
ATOM   488  C CG  . GLU A 1 69 ? -13.892 -0.842  22.774  1.00 27.05 ? 128 GLU A CG  1 
ATOM   489  C CD  . GLU A 1 69 ? -14.461 -1.406  24.073  1.00 30.50 ? 128 GLU A CD  1 
ATOM   490  O OE1 . GLU A 1 69 ? -13.717 -1.483  25.078  1.00 32.02 ? 128 GLU A OE1 1 
ATOM   491  O OE2 . GLU A 1 69 ? -15.664 -1.752  24.093  1.00 32.00 ? 128 GLU A OE2 1 
ATOM   492  N N   . LYS B 1 11 ? 1.045   16.816  -3.612  1.00 24.80 ? 70  LYS B N   1 
ATOM   493  C CA  . LYS B 1 11 ? 0.402   15.973  -2.565  1.00 24.34 ? 70  LYS B CA  1 
ATOM   494  C C   . LYS B 1 11 ? 1.406   15.018  -1.909  1.00 23.64 ? 70  LYS B C   1 
ATOM   495  O O   . LYS B 1 11 ? 2.268   14.445  -2.581  1.00 23.93 ? 70  LYS B O   1 
ATOM   496  C CB  . LYS B 1 11 ? -0.781  15.192  -3.150  1.00 24.77 ? 70  LYS B CB  1 
ATOM   497  C CG  . LYS B 1 11 ? -2.011  16.048  -3.493  1.00 26.06 ? 70  LYS B CG  1 
ATOM   498  C CD  . LYS B 1 11 ? -3.152  15.227  -4.110  1.00 27.52 ? 70  LYS B CD  1 
ATOM   499  C CE  . LYS B 1 11 ? -3.883  14.358  -3.081  1.00 28.37 ? 70  LYS B CE  1 
ATOM   500  N NZ  . LYS B 1 11 ? -4.551  15.140  -2.005  1.00 29.72 ? 70  LYS B NZ  1 
ATOM   501  N N   . MET B 1 12 ? 1.277   14.855  -0.594  1.00 23.02 ? 71  MET B N   1 
ATOM   502  C CA  . MET B 1 12 ? 2.159   13.990  0.192   1.00 22.26 ? 71  MET B CA  1 
ATOM   503  C C   . MET B 1 12 ? 1.424   12.802  0.819   1.00 20.46 ? 71  MET B C   1 
ATOM   504  O O   . MET B 1 12 ? 2.044   11.962  1.475   1.00 19.63 ? 71  MET B O   1 
ATOM   505  C CB  . MET B 1 12 ? 2.819   14.792  1.308   1.00 23.53 ? 71  MET B CB  1 
ATOM   506  C CG  . MET B 1 12 ? 3.900   15.753  0.850   1.00 27.10 ? 71  MET B CG  1 
ATOM   507  S SD  . MET B 1 12 ? 4.666   16.527  2.278   1.00 35.88 ? 71  MET B SD  1 
ATOM   508  C CE  . MET B 1 12 ? 5.538   15.141  3.012   1.00 34.11 ? 71  MET B CE  1 
ATOM   509  N N   . THR B 1 13 ? 0.108   12.749  0.631   1.00 18.70 ? 72  THR B N   1 
ATOM   510  C CA  . THR B 1 13 ? -0.715  11.687  1.206   1.00 17.21 ? 72  THR B CA  1 
ATOM   511  C C   . THR B 1 13 ? -1.453  10.946  0.102   1.00 16.22 ? 72  THR B C   1 
ATOM   512  O O   . THR B 1 13 ? -1.545  11.439  -1.024  1.00 16.11 ? 72  THR B O   1 
ATOM   513  C CB  . THR B 1 13 ? -1.773  12.247  2.195   1.00 17.19 ? 72  THR B CB  1 
ATOM   514  O OG1 . THR B 1 13 ? -2.771  12.981  1.473   1.00 19.05 ? 72  THR B OG1 1 
ATOM   515  C CG2 . THR B 1 13 ? -1.120  13.147  3.266   1.00 17.75 ? 72  THR B CG2 1 
ATOM   516  N N   . VAL B 1 14 ? -1.955  9.754   0.432   1.00 14.91 ? 73  VAL B N   1 
ATOM   517  C CA  . VAL B 1 14 ? -2.992  9.088   -0.363  1.00 14.20 ? 73  VAL B CA  1 
ATOM   518  C C   . VAL B 1 14 ? -4.229  8.861   0.511   1.00 13.36 ? 73  VAL B C   1 
ATOM   519  O O   . VAL B 1 14 ? -4.116  8.631   1.713   1.00 13.39 ? 73  VAL B O   1 
ATOM   520  C CB  . VAL B 1 14 ? -2.508  7.747   -1.022  1.00 13.97 ? 73  VAL B CB  1 
ATOM   521  C CG1 . VAL B 1 14 ? -1.404  8.011   -2.055  1.00 14.15 ? 73  VAL B CG1 1 
ATOM   522  C CG2 . VAL B 1 14 ? -2.041  6.735   0.023   1.00 14.69 ? 73  VAL B CG2 1 
ATOM   523  N N   . THR B 1 15 ? -5.402  8.938   -0.100  1.00 13.23 ? 74  THR B N   1 
ATOM   524  C CA  . THR B 1 15 ? -6.661  8.725   0.599   1.00 13.34 ? 74  THR B CA  1 
ATOM   525  C C   . THR B 1 15 ? -6.902  7.237   0.773   1.00 12.57 ? 74  THR B C   1 
ATOM   526  O O   . THR B 1 15 ? -6.729  6.458   -0.162  1.00 11.90 ? 74  THR B O   1 
ATOM   527  C CB  . THR B 1 15 ? -7.833  9.329   -0.207  1.00 13.88 ? 74  THR B CB  1 
ATOM   528  O OG1 . THR B 1 15 ? -7.569  10.711  -0.450  1.00 16.97 ? 74  THR B OG1 1 
ATOM   529  C CG2 . THR B 1 15 ? -9.162  9.175   0.527   1.00 14.54 ? 74  THR B CG2 1 
ATOM   530  N N   . VAL B 1 16 ? -7.312  6.851   1.975   1.00 12.07 ? 75  VAL B N   1 
ATOM   531  C CA  . VAL B 1 16 ? -7.635  5.456   2.257   1.00 11.87 ? 75  VAL B CA  1 
ATOM   532  C C   . VAL B 1 16 ? -9.011  5.266   2.901   1.00 11.27 ? 75  VAL B C   1 
ATOM   533  O O   . VAL B 1 16 ? -9.565  4.181   2.833   1.00 12.17 ? 75  VAL B O   1 
ATOM   534  C CB  . VAL B 1 16 ? -6.526  4.748   3.110   1.00 11.75 ? 75  VAL B CB  1 
ATOM   535  C CG1 . VAL B 1 16 ? -5.196  4.766   2.384   1.00 13.75 ? 75  VAL B CG1 1 
ATOM   536  C CG2 . VAL B 1 16 ? -6.388  5.374   4.507   1.00 12.19 ? 75  VAL B CG2 1 
ATOM   537  N N   . GLY B 1 17 ? -9.540  6.311   3.536   1.00 11.81 ? 76  GLY B N   1 
ATOM   538  C CA  . GLY B 1 17 ? -10.780 6.190   4.301   1.00 12.75 ? 76  GLY B CA  1 
ATOM   539  C C   . GLY B 1 17 ? -10.533 5.833   5.760   1.00 13.25 ? 76  GLY B C   1 
ATOM   540  O O   . GLY B 1 17 ? -9.485  5.273   6.106   1.00 12.83 ? 76  GLY B O   1 
ATOM   541  N N   . GLU B 1 18 ? -11.502 6.154   6.613   1.00 14.15 ? 77  GLU B N   1 
ATOM   542  C CA  . GLU B 1 18 ? -11.370 5.979   8.063   1.00 14.90 ? 77  GLU B CA  1 
ATOM   543  C C   . GLU B 1 18 ? -11.172 4.515   8.460   1.00 14.54 ? 77  GLU B C   1 
ATOM   544  O O   . GLU B 1 18 ? -10.258 4.212   9.228   1.00 14.14 ? 77  GLU B O   1 
ATOM   545  C CB  . GLU B 1 18 ? -12.577 6.588   8.800   1.00 15.99 ? 77  GLU B CB  1 
ATOM   546  C CG  . GLU B 1 18 ? -12.548 6.434   10.332  1.00 19.18 ? 77  GLU B CG  1 
ATOM   547  C CD  . GLU B 1 18 ? -13.819 6.942   11.014  1.00 22.82 ? 77  GLU B CD  1 
ATOM   548  O OE1 . GLU B 1 18 ? -14.818 7.232   10.318  1.00 25.27 ? 77  GLU B OE1 1 
ATOM   549  O OE2 . GLU B 1 18 ? -13.814 7.051   12.260  1.00 25.54 ? 77  GLU B OE2 1 
ATOM   550  N N   . GLU B 1 19 ? -11.996 3.620   7.930   1.00 14.28 ? 78  GLU B N   1 
ATOM   551  C CA  . GLU B 1 19 ? -11.928 2.213   8.330   1.00 14.32 ? 78  GLU B CA  1 
ATOM   552  C C   . GLU B 1 19 ? -10.643 1.543   7.865   1.00 12.78 ? 78  GLU B C   1 
ATOM   553  O O   . GLU B 1 19 ? -10.047 0.752   8.603   1.00 12.01 ? 78  GLU B O   1 
ATOM   554  C CB  . GLU B 1 19 ? -13.150 1.407   7.871   1.00 15.68 ? 78  GLU B CB  1 
ATOM   555  C CG  . GLU B 1 19 ? -14.488 1.782   8.550   1.00 20.06 ? 78  GLU B CG  1 
ATOM   556  C CD  . GLU B 1 19 ? -14.432 1.826   10.077  1.00 24.69 ? 78  GLU B CD  1 
ATOM   557  O OE1 . GLU B 1 19 ? -15.002 2.774   10.660  1.00 27.95 ? 78  GLU B OE1 1 
ATOM   558  O OE2 . GLU B 1 19 ? -13.824 0.925   10.702  1.00 27.06 ? 78  GLU B OE2 1 
ATOM   559  N N   . ARG B 1 20 ? -10.210 1.857   6.647   1.00 11.47 ? 79  ARG B N   1 
ATOM   560  C CA  . ARG B 1 20 ? -8.998  1.269   6.101   1.00 10.31 ? 79  ARG B CA  1 
ATOM   561  C C   . ARG B 1 20 ? -7.788  1.768   6.882   1.00 9.89  ? 79  ARG B C   1 
ATOM   562  O O   . ARG B 1 20 ? -6.891  0.974   7.205   1.00 9.23  ? 79  ARG B O   1 
ATOM   563  C CB  . ARG B 1 20 ? -8.858  1.603   4.614   1.00 9.89  ? 79  ARG B CB  1 
ATOM   564  C CG  . ARG B 1 20 ? -7.572  1.079   3.994   1.00 10.37 ? 79  ARG B CG  1 
ATOM   565  C CD  . ARG B 1 20 ? -7.614  1.167   2.473   1.00 10.44 ? 79  ARG B CD  1 
ATOM   566  N NE  . ARG B 1 20 ? -8.540  0.190   1.916   1.00 10.23 ? 79  ARG B NE  1 
ATOM   567  C CZ  . ARG B 1 20 ? -9.754  0.460   1.429   1.00 8.99  ? 79  ARG B CZ  1 
ATOM   568  N NH1 . ARG B 1 20 ? -10.218 1.709   1.389   1.00 9.69  ? 79  ARG B NH1 1 
ATOM   569  N NH2 . ARG B 1 20 ? -10.474 -0.546  0.967   1.00 10.66 ? 79  ARG B NH2 1 
ATOM   570  N N   . ARG B 1 21 ? -7.751  3.054   7.209   1.00 9.54  ? 80  ARG B N   1 
ATOM   571  C CA  . ARG B 1 21 ? -6.651  3.548   8.026   1.00 10.12 ? 80  ARG B CA  1 
ATOM   572  C C   . ARG B 1 21 ? -6.589  2.805   9.361   1.00 10.31 ? 80  ARG B C   1 
ATOM   573  O O   . ARG B 1 21 ? -5.500  2.454   9.828   1.00 10.09 ? 80  ARG B O   1 
ATOM   574  C CB  . ARG B 1 21 ? -6.704  5.061   8.257   1.00 10.48 ? 80  ARG B CB  1 
ATOM   575  C CG  . ARG B 1 21 ? -5.413  5.557   8.902   1.00 13.19 ? 80  ARG B CG  1 
ATOM   576  C CD  . ARG B 1 21 ? -5.397  7.029   9.216   1.00 14.36 ? 80  ARG B CD  1 
ATOM   577  N NE  . ARG B 1 21 ? -4.392  7.317   10.244  1.00 18.60 ? 80  ARG B NE  1 
ATOM   578  C CZ  . ARG B 1 21 ? -3.146  7.715   10.007  1.00 19.53 ? 80  ARG B CZ  1 
ATOM   579  N NH1 . ARG B 1 21 ? -2.710  7.896   8.766   1.00 20.69 ? 80  ARG B NH1 1 
ATOM   580  N NH2 . ARG B 1 21 ? -2.325  7.929   11.024  1.00 19.36 ? 80  ARG B NH2 1 
ATOM   581  N N   . ALA B 1 22 ? -7.749  2.564   9.968   1.00 9.99  ? 81  ALA B N   1 
ATOM   582  C CA  . ALA B 1 22 ? -7.793  1.857   11.243  1.00 9.94  ? 81  ALA B CA  1 
ATOM   583  C C   . ALA B 1 22 ? -7.279  0.428   11.094  1.00 9.52  ? 81  ALA B C   1 
ATOM   584  O O   . ALA B 1 22 ? -6.532  -0.052  11.956  1.00 9.31  ? 81  ALA B O   1 
ATOM   585  C CB  . ALA B 1 22 ? -9.205  1.878   11.822  1.00 10.69 ? 81  ALA B CB  1 
ATOM   586  N N   . ARG B 1 23 ? -7.648  -0.264  10.018  1.00 9.24  ? 82  ARG B N   1 
ATOM   587  C CA  . ARG B 1 23 ? -7.133  -1.613  9.772   1.00 8.92  ? 82  ARG B CA  1 
ATOM   588  C C   . ARG B 1 23 ? -5.616  -1.609  9.569   1.00 8.58  ? 82  ARG B C   1 
ATOM   589  O O   . ARG B 1 23 ? -4.920  -2.542  10.016  1.00 8.74  ? 82  ARG B O   1 
ATOM   590  C CB  . ARG B 1 23 ? -7.809  -2.278  8.563   1.00 9.43  ? 82  ARG B CB  1 
ATOM   591  C CG  . ARG B 1 23 ? -9.293  -2.563  8.734   1.00 10.48 ? 82  ARG B CG  1 
ATOM   592  C CD  . ARG B 1 23 ? -9.810  -3.472  7.622   1.00 12.74 ? 82  ARG B CD  1 
ATOM   593  N NE  . ARG B 1 23 ? -9.649  -2.898  6.282   1.00 13.71 ? 82  ARG B NE  1 
ATOM   594  C CZ  . ARG B 1 23 ? -10.544 -2.125  5.673   1.00 16.00 ? 82  ARG B CZ  1 
ATOM   595  N NH1 . ARG B 1 23 ? -11.682 -1.796  6.267   1.00 15.91 ? 82  ARG B NH1 1 
ATOM   596  N NH2 . ARG B 1 23 ? -10.295 -1.676  4.450   1.00 15.06 ? 82  ARG B NH2 1 
ATOM   597  N N   . LEU B 1 24 ? -5.103  -0.595  8.880   1.00 8.66  ? 83  LEU B N   1 
ATOM   598  C CA  . LEU B 1 24 ? -3.662  -0.478  8.662   1.00 8.20  ? 83  LEU B CA  1 
ATOM   599  C C   . LEU B 1 24 ? -2.935  -0.217  9.975   1.00 8.22  ? 83  LEU B C   1 
ATOM   600  O O   . LEU B 1 24 ? -1.915  -0.852  10.264  1.00 7.64  ? 83  LEU B O   1 
ATOM   601  C CB  . LEU B 1 24 ? -3.355  0.620   7.637   1.00 8.64  ? 83  LEU B CB  1 
ATOM   602  C CG  . LEU B 1 24 ? -3.709  0.257   6.191   1.00 8.75  ? 83  LEU B CG  1 
ATOM   603  C CD1 . LEU B 1 24 ? -3.821  1.516   5.358   1.00 10.02 ? 83  LEU B CD1 1 
ATOM   604  C CD2 . LEU B 1 24 ? -2.688  -0.708  5.590   1.00 9.63  ? 83  LEU B CD2 1 
ATOM   605  N N   . ARG B 1 25 ? -3.474  0.685   10.786  1.00 8.49  ? 84  ARG B N   1 
ATOM   606  C CA  . ARG B 1 25 ? -2.880  0.948   12.087  1.00 9.62  ? 84  ARG B CA  1 
ATOM   607  C C   . ARG B 1 25 ? -2.878  -0.293  12.972  1.00 9.14  ? 84  ARG B C   1 
ATOM   608  O O   . ARG B 1 25 ? -1.856  -0.598  13.604  1.00 9.06  ? 84  ARG B O   1 
ATOM   609  C CB  . ARG B 1 25 ? -3.574  2.123   12.765  1.00 10.05 ? 84  ARG B CB  1 
ATOM   610  C CG  . ARG B 1 25 ? -3.090  3.481   12.288  1.00 15.57 ? 84  ARG B CG  1 
ATOM   611  C CD  . ARG B 1 25 ? -2.583  4.324   13.458  1.00 20.59 ? 84  ARG B CD  1 
ATOM   612  N NE  . ARG B 1 25 ? -1.369  3.792   14.059  1.00 19.15 ? 84  ARG B NE  1 
ATOM   613  C CZ  . ARG B 1 25 ? -0.188  4.406   14.094  1.00 19.52 ? 84  ARG B CZ  1 
ATOM   614  N NH1 . ARG B 1 25 ? -0.030  5.636   13.608  1.00 20.21 ? 84  ARG B NH1 1 
ATOM   615  N NH2 . ARG B 1 25 ? 0.849   3.791   14.639  1.00 20.81 ? 84  ARG B NH2 1 
ATOM   616  N N   . THR B 1 26 ? -3.980  -1.031  12.990  1.00 8.96  ? 85  THR B N   1 
ATOM   617  C CA  . THR B 1 26 ? -4.043  -2.265  13.782  1.00 9.03  ? 85  THR B CA  1 
ATOM   618  C C   . THR B 1 26 ? -3.031  -3.304  13.301  1.00 8.99  ? 85  THR B C   1 
ATOM   619  O O   . THR B 1 26 ? -2.285  -3.869  14.103  1.00 9.11  ? 85  THR B O   1 
ATOM   620  C CB  . THR B 1 26 ? -5.457  -2.843  13.758  1.00 9.06  ? 85  THR B CB  1 
ATOM   621  O OG1 . THR B 1 26 ? -6.330  -1.907  14.387  1.00 10.59 ? 85  THR B OG1 1 
ATOM   622  C CG2 . THR B 1 26 ? -5.539  -4.195  14.494  1.00 9.60  ? 85  THR B CG2 1 
ATOM   623  N N   . ALA B 1 27 ? -2.976  -3.551  11.997  1.00 9.00  ? 86  ALA B N   1 
ATOM   624  C CA  . ALA B 1 27 ? -2.059  -4.554  11.463  1.00 8.96  ? 86  ALA B CA  1 
ATOM   625  C C   . ALA B 1 27 ? -0.616  -4.180  11.768  1.00 8.79  ? 86  ALA B C   1 
ATOM   626  O O   . ALA B 1 27 ? 0.183   -5.035  12.186  1.00 9.24  ? 86  ALA B O   1 
ATOM   627  C CB  . ALA B 1 27 ? -2.262  -4.707  9.962   1.00 9.53  ? 86  ALA B CB  1 
ATOM   628  N N   . TYR B 1 28 ? -0.288  -2.905  11.572  1.00 8.47  ? 87  TYR B N   1 
ATOM   629  C CA  . TYR B 1 28 ? 1.027   -2.386  11.928  1.00 9.07  ? 87  TYR B CA  1 
ATOM   630  C C   . TYR B 1 28 ? 1.356   -2.624  13.406  1.00 9.94  ? 87  TYR B C   1 
ATOM   631  O O   . TYR B 1 28 ? 2.417   -3.163  13.744  1.00 9.87  ? 87  TYR B O   1 
ATOM   632  C CB  . TYR B 1 28 ? 1.107   -0.891  11.626  1.00 9.85  ? 87  TYR B CB  1 
ATOM   633  C CG  . TYR B 1 28 ? 2.333   -0.252  12.234  1.00 10.64 ? 87  TYR B CG  1 
ATOM   634  C CD1 . TYR B 1 28 ? 3.584   -0.430  11.646  1.00 11.60 ? 87  TYR B CD1 1 
ATOM   635  C CD2 . TYR B 1 28 ? 2.248   0.518   13.389  1.00 12.18 ? 87  TYR B CD2 1 
ATOM   636  C CE1 . TYR B 1 28 ? 4.719   0.147   12.193  1.00 11.95 ? 87  TYR B CE1 1 
ATOM   637  C CE2 . TYR B 1 28 ? 3.388   1.090   13.947  1.00 12.97 ? 87  TYR B CE2 1 
ATOM   638  C CZ  . TYR B 1 28 ? 4.613   0.890   13.342  1.00 12.51 ? 87  TYR B CZ  1 
ATOM   639  O OH  . TYR B 1 28 ? 5.755   1.449   13.872  1.00 15.20 ? 87  TYR B OH  1 
ATOM   640  N N   . THR B 1 29 ? 0.444   -2.226  14.285  1.00 10.11 ? 88  THR B N   1 
ATOM   641  C CA  . THR B 1 29 ? 0.676   -2.346  15.729  1.00 11.35 ? 88  THR B CA  1 
ATOM   642  C C   . THR B 1 29 ? 1.010   -3.782  16.105  1.00 11.11 ? 88  THR B C   1 
ATOM   643  O O   . THR B 1 29 ? 1.903   -4.021  16.924  1.00 11.93 ? 88  THR B O   1 
ATOM   644  C CB  . THR B 1 29 ? -0.557  -1.882  16.525  1.00 11.12 ? 88  THR B CB  1 
ATOM   645  O OG1 . THR B 1 29 ? -0.791  -0.496  16.271  1.00 14.66 ? 88  THR B OG1 1 
ATOM   646  C CG2 . THR B 1 29 ? -0.351  -2.085  18.027  1.00 13.21 ? 88  THR B CG2 1 
ATOM   647  N N   . LEU B 1 30 ? 0.330   -4.744  15.492  1.00 9.55  ? 89  LEU B N   1 
ATOM   648  C CA  . LEU B 1 30 ? 0.439   -6.147  15.897  1.00 10.03 ? 89  LEU B CA  1 
ATOM   649  C C   . LEU B 1 30 ? 1.550   -6.942  15.203  1.00 10.79 ? 89  LEU B C   1 
ATOM   650  O O   . LEU B 1 30 ? 1.819   -8.093  15.576  1.00 11.80 ? 89  LEU B O   1 
ATOM   651  C CB  . LEU B 1 30 ? -0.919  -6.852  15.740  1.00 9.60  ? 89  LEU B CB  1 
ATOM   652  C CG  . LEU B 1 30 ? -2.053  -6.230  16.562  1.00 9.73  ? 89  LEU B CG  1 
ATOM   653  C CD1 . LEU B 1 30 ? -3.373  -6.873  16.231  1.00 9.49  ? 89  LEU B CD1 1 
ATOM   654  C CD2 . LEU B 1 30 ? -1.741  -6.398  18.044  1.00 10.42 ? 89  LEU B CD2 1 
ATOM   655  N N   . THR B 1 31 ? 2.214   -6.339  14.215  1.00 9.99  ? 90  THR B N   1 
ATOM   656  C CA  . THR B 1 31 ? 3.180   -7.092  13.401  1.00 10.34 ? 90  THR B CA  1 
ATOM   657  C C   . THR B 1 31 ? 4.495   -6.383  13.099  1.00 10.23 ? 90  THR B C   1 
ATOM   658  O O   . THR B 1 31 ? 5.394   -6.985  12.502  1.00 10.66 ? 90  THR B O   1 
ATOM   659  C CB  . THR B 1 31 ? 2.574   -7.512  12.028  1.00 10.24 ? 90  THR B CB  1 
ATOM   660  O OG1 . THR B 1 31 ? 2.321   -6.354  11.229  1.00 10.84 ? 90  THR B OG1 1 
ATOM   661  C CG2 . THR B 1 31 ? 1.281   -8.290  12.198  1.00 9.84  ? 90  THR B CG2 1 
ATOM   662  N N   . HIS B 1 32 ? 4.623   -5.120  13.504  1.00 10.19 ? 91  HIS B N   1 
ATOM   663  C CA  . HIS B 1 32 ? 5.729   -4.280  13.013  1.00 10.93 ? 91  HIS B CA  1 
ATOM   664  C C   . HIS B 1 32 ? 7.125   -4.798  13.349  1.00 10.65 ? 91  HIS B C   1 
ATOM   665  O O   . HIS B 1 32 ? 8.045   -4.669  12.539  1.00 11.16 ? 91  HIS B O   1 
ATOM   666  C CB  . HIS B 1 32 ? 5.592   -2.823  13.473  1.00 11.59 ? 91  HIS B CB  1 
ATOM   667  C CG  . HIS B 1 32 ? 5.726   -2.639  14.949  1.00 14.70 ? 91  HIS B CG  1 
ATOM   668  N ND1 . HIS B 1 32 ? 6.943   -2.475  15.578  1.00 18.77 ? 91  HIS B ND1 1 
ATOM   669  C CD2 . HIS B 1 32 ? 4.792   -2.618  15.931  1.00 18.07 ? 91  HIS B CD2 1 
ATOM   670  C CE1 . HIS B 1 32 ? 6.751   -2.349  16.880  1.00 20.04 ? 91  HIS B CE1 1 
ATOM   671  N NE2 . HIS B 1 32 ? 5.456   -2.426  17.119  1.00 21.83 ? 91  HIS B NE2 1 
ATOM   672  N N   . LEU B 1 33 ? 7.305   -5.366  14.539  1.00 10.64 ? 92  LEU B N   1 
ATOM   673  C CA  . LEU B 1 33 ? 8.656   -5.753  14.949  1.00 10.61 ? 92  LEU B CA  1 
ATOM   674  C C   . LEU B 1 33 ? 9.198   -6.862  14.062  1.00 11.21 ? 92  LEU B C   1 
ATOM   675  O O   . LEU B 1 33 ? 10.290  -6.744  13.506  1.00 11.09 ? 92  LEU B O   1 
ATOM   676  C CB  . LEU B 1 33 ? 8.707   -6.142  16.436  1.00 10.82 ? 92  LEU B CB  1 
ATOM   677  C CG  . LEU B 1 33 ? 10.106  -6.511  16.965  1.00 10.67 ? 92  LEU B CG  1 
ATOM   678  C CD1 . LEU B 1 33 ? 11.062  -5.339  16.917  1.00 11.81 ? 92  LEU B CD1 1 
ATOM   679  C CD2 . LEU B 1 33 ? 10.017  -7.073  18.375  1.00 11.78 ? 92  LEU B CD2 1 
ATOM   680  N N   . GLN B 1 34 ? 8.428   -7.926  13.895  1.00 10.59 ? 93  GLN B N   1 
ATOM   681  C CA  . GLN B 1 34 ? 8.900   -9.023  13.054  1.00 12.05 ? 93  GLN B CA  1 
ATOM   682  C C   . GLN B 1 34 ? 8.903   -8.679  11.565  1.00 12.13 ? 93  GLN B C   1 
ATOM   683  O O   . GLN B 1 34 ? 9.629   -9.300  10.803  1.00 12.15 ? 93  GLN B O   1 
ATOM   684  C CB  . GLN B 1 34 ? 8.151   -10.325 13.344  1.00 12.35 ? 93  GLN B CB  1 
ATOM   685  C CG  . GLN B 1 34 ? 6.703   -10.341 12.894  1.00 13.47 ? 93  GLN B CG  1 
ATOM   686  C CD  . GLN B 1 34 ? 5.690   -9.961  13.978  1.00 13.41 ? 93  GLN B CD  1 
ATOM   687  O OE1 . GLN B 1 34 ? 4.523   -10.375 13.915  1.00 16.26 ? 93  GLN B OE1 1 
ATOM   688  N NE2 . GLN B 1 34 ? 6.107   -9.172  14.953  1.00 11.39 ? 93  GLN B NE2 1 
ATOM   689  N N   . GLU B 1 35 ? 8.132   -7.672  11.156  1.00 11.71 ? 94  GLU B N   1 
ATOM   690  C CA  . GLU B 1 35 ? 8.155   -7.202  9.765   1.00 12.09 ? 94  GLU B CA  1 
ATOM   691  C C   . GLU B 1 35 ? 9.246   -6.174  9.510   1.00 12.67 ? 94  GLU B C   1 
ATOM   692  O O   . GLU B 1 35 ? 9.474   -5.771  8.359   1.00 13.94 ? 94  GLU B O   1 
ATOM   693  C CB  . GLU B 1 35 ? 6.790   -6.634  9.372   1.00 12.05 ? 94  GLU B CB  1 
ATOM   694  C CG  . GLU B 1 35 ? 5.734   -7.711  9.193   1.00 13.06 ? 94  GLU B CG  1 
ATOM   695  C CD  . GLU B 1 35 ? 5.932   -8.501  7.917   1.00 14.72 ? 94  GLU B CD  1 
ATOM   696  O OE1 . GLU B 1 35 ? 5.851   -7.891  6.829   1.00 16.49 ? 94  GLU B OE1 1 
ATOM   697  O OE2 . GLU B 1 35 ? 6.152   -9.726  7.999   1.00 16.35 ? 94  GLU B OE2 1 
ATOM   698  N N   . GLY B 1 36 ? 9.918   -5.730  10.575  1.00 12.59 ? 95  GLY B N   1 
ATOM   699  C CA  . GLY B 1 36 ? 11.042  -4.806  10.453  1.00 13.54 ? 95  GLY B CA  1 
ATOM   700  C C   . GLY B 1 36 ? 10.722  -3.344  10.207  1.00 14.02 ? 95  GLY B C   1 
ATOM   701  O O   . GLY B 1 36 ? 11.503  -2.644  9.553   1.00 15.57 ? 95  GLY B O   1 
ATOM   702  N N   . HIS B 1 37 ? 9.585   -2.867  10.717  1.00 14.10 ? 96  HIS B N   1 
ATOM   703  C CA  . HIS B 1 37 ? 9.221   -1.455  10.576  1.00 14.75 ? 96  HIS B CA  1 
ATOM   704  C C   . HIS B 1 37 ? 9.183   -0.777  11.939  1.00 15.31 ? 96  HIS B C   1 
ATOM   705  O O   . HIS B 1 37 ? 8.500   -1.251  12.855  1.00 16.28 ? 96  HIS B O   1 
ATOM   706  C CB  . HIS B 1 37 ? 7.860   -1.278  9.885   1.00 14.54 ? 96  HIS B CB  1 
ATOM   707  C CG  . HIS B 1 37 ? 7.683   -2.111  8.651   1.00 14.80 ? 96  HIS B CG  1 
ATOM   708  N ND1 . HIS B 1 37 ? 8.473   -1.962  7.531   1.00 16.97 ? 96  HIS B ND1 1 
ATOM   709  C CD2 . HIS B 1 37 ? 6.785   -3.083  8.354   1.00 15.50 ? 96  HIS B CD2 1 
ATOM   710  C CE1 . HIS B 1 37 ? 8.085   -2.826  6.608   1.00 16.48 ? 96  HIS B CE1 1 
ATOM   711  N NE2 . HIS B 1 37 ? 7.063   -3.515  7.081   1.00 16.73 ? 96  HIS B NE2 1 
ATOM   712  N N   . ARG B 1 38 ? 9.895   0.342   12.059  1.00 15.58 ? 97  ARG B N   1 
ATOM   713  C CA  . ARG B 1 38 ? 9.970   1.091   13.311  1.00 16.12 ? 97  ARG B CA  1 
ATOM   714  C C   . ARG B 1 38 ? 8.926   2.195   13.399  1.00 15.49 ? 97  ARG B C   1 
ATOM   715  O O   . ARG B 1 38 ? 8.646   2.706   14.479  1.00 15.58 ? 97  ARG B O   1 
ATOM   716  C CB  . ARG B 1 38 ? 11.364  1.699   13.486  1.00 17.39 ? 97  ARG B CB  1 
ATOM   717  C CG  . ARG B 1 38 ? 12.482  0.681   13.624  1.00 20.12 ? 97  ARG B CG  1 
ATOM   718  C CD  . ARG B 1 38 ? 13.760  1.327   14.166  1.00 26.14 ? 97  ARG B CD  1 
ATOM   719  N NE  . ARG B 1 38 ? 13.740  1.458   15.624  1.00 30.34 ? 97  ARG B NE  1 
ATOM   720  C CZ  . ARG B 1 38 ? 13.474  2.583   16.291  1.00 32.61 ? 97  ARG B CZ  1 
ATOM   721  N NH1 . ARG B 1 38 ? 13.197  3.707   15.637  1.00 34.06 ? 97  ARG B NH1 1 
ATOM   722  N NH2 . ARG B 1 38 ? 13.486  2.585   17.620  1.00 33.97 ? 97  ARG B NH2 1 
ATOM   723  N N   . THR B 1 39 ? 8.376   2.590   12.254  1.00 14.38 ? 98  THR B N   1 
ATOM   724  C CA  . THR B 1 39 ? 7.357   3.624   12.207  1.00 13.42 ? 98  THR B CA  1 
ATOM   725  C C   . THR B 1 39 ? 6.207   3.194   11.306  1.00 12.33 ? 98  THR B C   1 
ATOM   726  O O   . THR B 1 39 ? 6.396   2.389   10.389  1.00 11.77 ? 98  THR B O   1 
ATOM   727  C CB  . THR B 1 39 ? 7.902   4.968   11.672  1.00 13.48 ? 98  THR B CB  1 
ATOM   728  O OG1 . THR B 1 39 ? 8.313   4.816   10.308  1.00 14.75 ? 98  THR B OG1 1 
ATOM   729  C CG2 . THR B 1 39 ? 9.087   5.460   12.519  1.00 15.12 ? 98  THR B CG2 1 
ATOM   730  N N   . PHE B 1 40 ? 5.027   3.735   11.584  1.00 11.83 ? 99  PHE B N   1 
ATOM   731  C CA  . PHE B 1 40 ? 3.855   3.502   10.751  1.00 11.41 ? 99  PHE B CA  1 
ATOM   732  C C   . PHE B 1 40 ? 4.101   3.956   9.310   1.00 12.23 ? 99  PHE B C   1 
ATOM   733  O O   . PHE B 1 40 ? 3.778   3.232   8.365   1.00 11.39 ? 99  PHE B O   1 
ATOM   734  C CB  . PHE B 1 40 ? 2.629   4.203   11.349  1.00 11.52 ? 99  PHE B CB  1 
ATOM   735  C CG  . PHE B 1 40 ? 1.353   3.991   10.558  1.00 10.27 ? 99  PHE B CG  1 
ATOM   736  C CD1 . PHE B 1 40 ? 0.743   2.736   10.499  1.00 10.79 ? 99  PHE B CD1 1 
ATOM   737  C CD2 . PHE B 1 40 ? 0.765   5.053   9.873   1.00 11.83 ? 99  PHE B CD2 1 
ATOM   738  C CE1 . PHE B 1 40 ? -0.434  2.542   9.780   1.00 11.21 ? 99  PHE B CE1 1 
ATOM   739  C CE2 . PHE B 1 40 ? -0.410  4.872   9.146   1.00 12.01 ? 99  PHE B CE2 1 
ATOM   740  C CZ  . PHE B 1 40 ? -1.013  3.620   9.108   1.00 11.42 ? 99  PHE B CZ  1 
ATOM   741  N N   . SER B 1 41 ? 4.702   5.130   9.134   1.00 12.58 ? 100 SER B N   1 
ATOM   742  C CA  . SER B 1 41 ? 4.994   5.630   7.790   1.00 13.02 ? 100 SER B CA  1 
ATOM   743  C C   . SER B 1 41 ? 5.981   4.735   7.043   1.00 12.58 ? 100 SER B C   1 
ATOM   744  O O   . SER B 1 41 ? 5.879   4.564   5.826   1.00 12.32 ? 100 SER B O   1 
ATOM   745  C CB  . SER B 1 41 ? 5.502   7.071   7.846   1.00 13.62 ? 100 SER B CB  1 
ATOM   746  O OG  . SER B 1 41 ? 4.500   7.928   8.364   1.00 16.14 ? 100 SER B OG  1 
ATOM   747  N N   . GLY B 1 42 ? 6.921   4.145   7.772   1.00 12.30 ? 101 GLY B N   1 
ATOM   748  C CA  . GLY B 1 42 ? 7.845   3.183   7.190   1.00 11.83 ? 101 GLY B CA  1 
ATOM   749  C C   . GLY B 1 42 ? 7.149   1.916   6.708   1.00 11.55 ? 101 GLY B C   1 
ATOM   750  O O   . GLY B 1 42 ? 7.472   1.376   5.644   1.00 12.02 ? 101 GLY B O   1 
ATOM   751  N N   . PHE B 1 43 ? 6.206   1.426   7.504   1.00 10.55 ? 102 PHE B N   1 
ATOM   752  C CA  . PHE B 1 43 ? 5.344   0.308   7.111   1.00 10.26 ? 102 PHE B CA  1 
ATOM   753  C C   . PHE B 1 43 ? 4.528   0.617   5.846   1.00 10.01 ? 102 PHE B C   1 
ATOM   754  O O   . PHE B 1 43 ? 4.506   -0.192  4.906   1.00 9.67  ? 102 PHE B O   1 
ATOM   755  C CB  . PHE B 1 43 ? 4.421   -0.055  8.279   1.00 10.64 ? 102 PHE B CB  1 
ATOM   756  C CG  . PHE B 1 43 ? 3.177   -0.823  7.878   1.00 10.70 ? 102 PHE B CG  1 
ATOM   757  C CD1 . PHE B 1 43 ? 3.267   -2.120  7.375   1.00 13.91 ? 102 PHE B CD1 1 
ATOM   758  C CD2 . PHE B 1 43 ? 1.919   -0.254  8.033   1.00 10.81 ? 102 PHE B CD2 1 
ATOM   759  C CE1 . PHE B 1 43 ? 2.118   -2.838  7.014   1.00 15.00 ? 102 PHE B CE1 1 
ATOM   760  C CE2 . PHE B 1 43 ? 0.752   -0.966  7.682   1.00 12.03 ? 102 PHE B CE2 1 
ATOM   761  C CZ  . PHE B 1 43 ? 0.858   -2.256  7.183   1.00 14.85 ? 102 PHE B CZ  1 
ATOM   762  N N   . ILE B 1 44 ? 3.875   1.780   5.832   1.00 9.30  ? 103 ILE B N   1 
ATOM   763  C CA  . ILE B 1 44 ? 3.085   2.221   4.676   1.00 9.83  ? 103 ILE B CA  1 
ATOM   764  C C   . ILE B 1 44 ? 3.969   2.326   3.431   1.00 10.46 ? 103 ILE B C   1 
ATOM   765  O O   . ILE B 1 44 ? 3.619   1.806   2.352   1.00 10.38 ? 103 ILE B O   1 
ATOM   766  C CB  . ILE B 1 44 ? 2.367   3.559   4.966   1.00 9.28  ? 103 ILE B CB  1 
ATOM   767  C CG1 . ILE B 1 44 ? 1.265   3.392   6.031   1.00 10.24 ? 103 ILE B CG1 1 
ATOM   768  C CG2 . ILE B 1 44 ? 1.796   4.155   3.676   1.00 11.11 ? 103 ILE B CG2 1 
ATOM   769  C CD1 . ILE B 1 44 ? 0.121   2.419   5.638   1.00 10.66 ? 103 ILE B CD1 1 
ATOM   770  N N   . ALA B 1 45 ? 5.136   2.951   3.584   1.00 10.60 ? 104 ALA B N   1 
ATOM   771  C CA  . ALA B 1 45 ? 6.077   3.116   2.471   1.00 10.49 ? 104 ALA B CA  1 
ATOM   772  C C   . ALA B 1 45 ? 6.520   1.771   1.917   1.00 10.68 ? 104 ALA B C   1 
ATOM   773  O O   . ALA B 1 45 ? 6.572   1.577   0.707   1.00 10.95 ? 104 ALA B O   1 
ATOM   774  C CB  . ALA B 1 45 ? 7.288   3.918   2.921   1.00 11.98 ? 104 ALA B CB  1 
ATOM   775  N N   . ALA B 1 46 ? 6.844   0.831   2.801   1.00 10.68 ? 105 ALA B N   1 
ATOM   776  C CA  . ALA B 1 46 ? 7.308   -0.483  2.373   1.00 11.19 ? 105 ALA B CA  1 
ATOM   777  C C   . ALA B 1 46 ? 6.219   -1.259  1.643   1.00 10.70 ? 105 ALA B C   1 
ATOM   778  O O   . ALA B 1 46 ? 6.495   -1.914  0.632   1.00 11.45 ? 105 ALA B O   1 
ATOM   779  C CB  . ALA B 1 46 ? 7.840   -1.299  3.561   1.00 11.43 ? 105 ALA B CB  1 
ATOM   780  N N   . ALA B 1 47 ? 4.988   -1.194  2.148   1.00 10.95 ? 106 ALA B N   1 
ATOM   781  C CA  . ALA B 1 47 ? 3.871   -1.887  1.505   1.00 10.17 ? 106 ALA B CA  1 
ATOM   782  C C   . ALA B 1 47 ? 3.655   -1.357  0.083   1.00 9.88  ? 106 ALA B C   1 
ATOM   783  O O   . ALA B 1 47 ? 3.499   -2.135  -0.866  1.00 10.05 ? 106 ALA B O   1 
ATOM   784  C CB  . ALA B 1 47 ? 2.611   -1.757  2.333   1.00 10.80 ? 106 ALA B CB  1 
ATOM   785  N N   . LEU B 1 48 ? 3.666   -0.040  -0.060  1.00 9.12  ? 107 LEU B N   1 
ATOM   786  C CA  . LEU B 1 48 ? 3.419   0.588   -1.361  1.00 9.14  ? 107 LEU B CA  1 
ATOM   787  C C   . LEU B 1 48 ? 4.601   0.415   -2.299  1.00 9.67  ? 107 LEU B C   1 
ATOM   788  O O   . LEU B 1 48 ? 4.405   0.180   -3.489  1.00 9.33  ? 107 LEU B O   1 
ATOM   789  C CB  . LEU B 1 48 ? 3.021   2.045   -1.185  1.00 8.80  ? 107 LEU B CB  1 
ATOM   790  C CG  . LEU B 1 48 ? 1.651   2.217   -0.521  1.00 9.27  ? 107 LEU B CG  1 
ATOM   791  C CD1 . LEU B 1 48 ? 1.462   3.655   -0.106  1.00 11.64 ? 107 LEU B CD1 1 
ATOM   792  C CD2 . LEU B 1 48 ? 0.535   1.758   -1.469  1.00 11.00 ? 107 LEU B CD2 1 
ATOM   793  N N   . ASP B 1 49 ? 5.823   0.495   -1.768  1.00 9.97  ? 108 ASP B N   1 
ATOM   794  C CA  . ASP B 1 49 ? 7.023   0.237   -2.582  1.00 10.15 ? 108 ASP B CA  1 
ATOM   795  C C   . ASP B 1 49 ? 7.066   -1.207  -3.070  1.00 10.41 ? 108 ASP B C   1 
ATOM   796  O O   . ASP B 1 49 ? 7.509   -1.470  -4.190  1.00 10.18 ? 108 ASP B O   1 
ATOM   797  C CB  . ASP B 1 49 ? 8.307   0.553   -1.794  1.00 10.93 ? 108 ASP B CB  1 
ATOM   798  C CG  . ASP B 1 49 ? 8.551   2.040   -1.621  1.00 11.90 ? 108 ASP B CG  1 
ATOM   799  O OD1 . ASP B 1 49 ? 7.876   2.874   -2.271  1.00 13.16 ? 108 ASP B OD1 1 
ATOM   800  O OD2 . ASP B 1 49 ? 9.431   2.398   -0.792  1.00 15.05 ? 108 ASP B OD2 1 
ATOM   801  N N   . ALA B 1 50 ? 6.608   -2.152  -2.253  1.00 10.19 ? 109 ALA B N   1 
ATOM   802  C CA  . ALA B 1 50 ? 6.603   -3.553  -2.659  1.00 9.90  ? 109 ALA B CA  1 
ATOM   803  C C   . ALA B 1 50 ? 5.625   -3.755  -3.807  1.00 9.94  ? 109 ALA B C   1 
ATOM   804  O O   . ALA B 1 50 ? 5.875   -4.558  -4.706  1.00 10.53 ? 109 ALA B O   1 
ATOM   805  C CB  . ALA B 1 50 ? 6.268   -4.481  -1.490  1.00 10.51 ? 109 ALA B CB  1 
ATOM   806  N N   . GLU B 1 51 ? 4.512   -3.023  -3.791  1.00 9.54  ? 110 GLU B N   1 
ATOM   807  C CA  . GLU B 1 51 ? 3.551   -3.115  -4.890  1.00 9.36  ? 110 GLU B CA  1 
ATOM   808  C C   . GLU B 1 51 ? 4.122   -2.537  -6.186  1.00 8.58  ? 110 GLU B C   1 
ATOM   809  O O   . GLU B 1 51 ? 3.974   -3.141  -7.253  1.00 8.38  ? 110 GLU B O   1 
ATOM   810  C CB  . GLU B 1 51 ? 2.212   -2.453  -4.536  1.00 9.95  ? 110 GLU B CB  1 
ATOM   811  C CG  . GLU B 1 51 ? 1.184   -2.465  -5.679  1.00 11.92 ? 110 GLU B CG  1 
ATOM   812  C CD  . GLU B 1 51 ? 0.806   -3.860  -6.188  1.00 13.68 ? 110 GLU B CD  1 
ATOM   813  O OE1 . GLU B 1 51 ? 1.125   -4.883  -5.540  1.00 14.73 ? 110 GLU B OE1 1 
ATOM   814  O OE2 . GLU B 1 51 ? 0.174   -3.934  -7.267  1.00 16.68 ? 110 GLU B OE2 1 
ATOM   815  N N   . VAL B 1 52 ? 4.784   -1.389  -6.093  1.00 8.50  ? 111 VAL B N   1 
ATOM   816  C CA  . VAL B 1 52 ? 5.408   -0.805  -7.277  1.00 8.16  ? 111 VAL B CA  1 
ATOM   817  C C   . VAL B 1 52 ? 6.451   -1.787  -7.833  1.00 8.10  ? 111 VAL B C   1 
ATOM   818  O O   . VAL B 1 52 ? 6.504   -2.008  -9.046  1.00 8.14  ? 111 VAL B O   1 
ATOM   819  C CB  . VAL B 1 52 ? 6.005   0.582   -6.989  1.00 7.64  ? 111 VAL B CB  1 
ATOM   820  C CG1 . VAL B 1 52 ? 6.804   1.085   -8.202  1.00 8.42  ? 111 VAL B CG1 1 
ATOM   821  C CG2 . VAL B 1 52 ? 4.904   1.579   -6.625  1.00 10.26 ? 111 VAL B CG2 1 
ATOM   822  N N   . GLN B 1 53 ? 7.244   -2.396  -6.956  1.00 8.12  ? 112 GLN B N   1 
ATOM   823  C CA  . GLN B 1 53 ? 8.258   -3.363  -7.390  1.00 8.97  ? 112 GLN B CA  1 
ATOM   824  C C   . GLN B 1 53 ? 7.622   -4.580  -8.076  1.00 8.29  ? 112 GLN B C   1 
ATOM   825  O O   . GLN B 1 53 ? 8.126   -5.058  -9.093  1.00 8.55  ? 112 GLN B O   1 
ATOM   826  C CB  . GLN B 1 53 ? 9.128   -3.791  -6.209  1.00 9.47  ? 112 GLN B CB  1 
ATOM   827  C CG  . GLN B 1 53 ? 10.194  -4.830  -6.531  1.00 13.27 ? 112 GLN B CG  1 
ATOM   828  C CD  . GLN B 1 53 ? 11.228  -4.938  -5.441  1.00 16.65 ? 112 GLN B CD  1 
ATOM   829  O OE1 . GLN B 1 53 ? 11.981  -3.998  -5.198  1.00 20.09 ? 112 GLN B OE1 1 
ATOM   830  N NE2 . GLN B 1 53 ? 11.272  -6.084  -4.774  1.00 19.65 ? 112 GLN B NE2 1 
ATOM   831  N N   . ARG B 1 54 ? 6.519   -5.087  -7.518  1.00 7.94  ? 113 ARG B N   1 
ATOM   832  C CA  . ARG B 1 54 ? 5.791   -6.196  -8.117  1.00 8.33  ? 113 ARG B CA  1 
ATOM   833  C C   . ARG B 1 54 ? 5.319   -5.828  -9.526  1.00 7.81  ? 113 ARG B C   1 
ATOM   834  O O   . ARG B 1 54 ? 5.456   -6.622  -10.471 1.00 8.00  ? 113 ARG B O   1 
ATOM   835  C CB  . ARG B 1 54 ? 4.593   -6.563  -7.237  1.00 8.67  ? 113 ARG B CB  1 
ATOM   836  C CG  . ARG B 1 54 ? 3.914   -7.868  -7.636  1.00 10.31 ? 113 ARG B CG  1 
ATOM   837  C CD  . ARG B 1 54 ? 2.657   -8.147  -6.824  1.00 12.06 ? 113 ARG B CD  1 
ATOM   838  N NE  . ARG B 1 54 ? 1.586   -7.221  -7.188  1.00 12.51 ? 113 ARG B NE  1 
ATOM   839  C CZ  . ARG B 1 54 ? 0.811   -7.349  -8.263  1.00 15.23 ? 113 ARG B CZ  1 
ATOM   840  N NH1 . ARG B 1 54 ? 0.964   -8.385  -9.084  1.00 16.81 ? 113 ARG B NH1 1 
ATOM   841  N NH2 . ARG B 1 54 ? -0.121  -6.438  -8.509  1.00 14.71 ? 113 ARG B NH2 1 
ATOM   842  N N   . LEU B 1 55 ? 4.790   -4.614  -9.674  1.00 7.90  ? 114 LEU B N   1 
ATOM   843  C CA  . LEU B 1 55 ? 4.344   -4.142  -10.975 1.00 7.54  ? 114 LEU B CA  1 
ATOM   844  C C   . LEU B 1 55 ? 5.500   -3.948  -11.957 1.00 7.58  ? 114 LEU B C   1 
ATOM   845  O O   . LEU B 1 55 ? 5.357   -4.264  -13.142 1.00 7.35  ? 114 LEU B O   1 
ATOM   846  C CB  . LEU B 1 55 ? 3.552   -2.841  -10.820 1.00 7.35  ? 114 LEU B CB  1 
ATOM   847  C CG  . LEU B 1 55 ? 2.220   -2.983  -10.054 1.00 7.91  ? 114 LEU B CG  1 
ATOM   848  C CD1 . LEU B 1 55 ? 1.668   -1.612  -9.698  1.00 9.11  ? 114 LEU B CD1 1 
ATOM   849  C CD2 . LEU B 1 55 ? 1.204   -3.753  -10.891 1.00 9.04  ? 114 LEU B CD2 1 
ATOM   850  N N   . GLU B 1 56 ? 6.632   -3.440  -11.469 1.00 7.31  ? 115 GLU B N   1 
ATOM   851  C CA  . GLU B 1 56 ? 7.825   -3.320  -12.310 1.00 7.70  ? 115 GLU B CA  1 
ATOM   852  C C   . GLU B 1 56 ? 8.239   -4.689  -12.858 1.00 7.81  ? 115 GLU B C   1 
ATOM   853  O O   . GLU B 1 56 ? 8.581   -4.815  -14.038 1.00 7.92  ? 115 GLU B O   1 
ATOM   854  C CB  . GLU B 1 56 ? 9.000   -2.720  -11.534 1.00 8.11  ? 115 GLU B CB  1 
ATOM   855  C CG  . GLU B 1 56 ? 8.893   -1.237  -11.177 1.00 9.67  ? 115 GLU B CG  1 
ATOM   856  C CD  . GLU B 1 56 ? 9.963   -0.800  -10.180 1.00 11.93 ? 115 GLU B CD  1 
ATOM   857  O OE1 . GLU B 1 56 ? 10.717  -1.657  -9.671  1.00 15.60 ? 115 GLU B OE1 1 
ATOM   858  O OE2 . GLU B 1 56 ? 10.046  0.403   -9.898  1.00 15.15 ? 115 GLU B OE2 1 
ATOM   859  N N   . GLN B 1 57 ? 8.240   -5.709  -11.998 1.00 7.82  ? 116 GLN B N   1 
ATOM   860  C CA  . GLN B 1 57 ? 8.590   -7.061  -12.425 1.00 8.25  ? 116 GLN B CA  1 
ATOM   861  C C   . GLN B 1 57 ? 7.607   -7.616  -13.454 1.00 8.43  ? 116 GLN B C   1 
ATOM   862  O O   . GLN B 1 57 ? 8.012   -8.225  -14.449 1.00 8.74  ? 116 GLN B O   1 
ATOM   863  C CB  . GLN B 1 57 ? 8.668   -7.999  -11.223 1.00 7.90  ? 116 GLN B CB  1 
ATOM   864  C CG  . GLN B 1 57 ? 9.852   -7.703  -10.322 1.00 8.37  ? 116 GLN B CG  1 
ATOM   865  C CD  . GLN B 1 57 ? 9.769   -8.422  -8.991  1.00 8.67  ? 116 GLN B CD  1 
ATOM   866  O OE1 . GLN B 1 57 ? 8.892   -9.259  -8.770  1.00 10.24 ? 116 GLN B OE1 1 
ATOM   867  N NE2 . GLN B 1 57 ? 10.687  -8.096  -8.090  1.00 10.71 ? 116 GLN B NE2 1 
ATOM   868  N N   . ARG B 1 58 ? 6.311   -7.413  -13.223 1.00 8.99  ? 117 ARG B N   1 
ATOM   869  C CA  . ARG B 1 58 ? 5.311   -7.967  -14.130 1.00 9.98  ? 117 ARG B CA  1 
ATOM   870  C C   . ARG B 1 58 ? 5.268   -7.260  -15.492 1.00 9.97  ? 117 ARG B C   1 
ATOM   871  O O   . ARG B 1 58 ? 5.132   -7.917  -16.523 1.00 10.96 ? 117 ARG B O   1 
ATOM   872  C CB  . ARG B 1 58 ? 3.921   -7.992  -13.481 1.00 10.93 ? 117 ARG B CB  1 
ATOM   873  C CG  . ARG B 1 58 ? 2.846   -8.490  -14.438 1.00 14.63 ? 117 ARG B CG  1 
ATOM   874  C CD  . ARG B 1 58 ? 1.551   -8.889  -13.742 1.00 18.91 ? 117 ARG B CD  1 
ATOM   875  N NE  . ARG B 1 58 ? 0.500   -9.145  -14.738 1.00 23.30 ? 117 ARG B NE  1 
ATOM   876  C CZ  . ARG B 1 58 ? 0.379   -10.258 -15.465 1.00 25.79 ? 117 ARG B CZ  1 
ATOM   877  N NH1 . ARG B 1 58 ? 1.234   -11.266 -15.323 1.00 26.60 ? 117 ARG B NH1 1 
ATOM   878  N NH2 . ARG B 1 58 ? -0.609  -10.365 -16.343 1.00 27.62 ? 117 ARG B NH2 1 
ATOM   879  N N   . TYR B 1 59 ? 5.389   -5.933  -15.494 1.00 9.52  ? 118 TYR B N   1 
ATOM   880  C CA  . TYR B 1 59 ? 5.096   -5.151  -16.698 1.00 9.98  ? 118 TYR B CA  1 
ATOM   881  C C   . TYR B 1 59 ? 6.285   -4.462  -17.333 1.00 10.43 ? 118 TYR B C   1 
ATOM   882  O O   . TYR B 1 59 ? 6.199   -4.043  -18.489 1.00 11.22 ? 118 TYR B O   1 
ATOM   883  C CB  . TYR B 1 59 ? 3.987   -4.129  -16.423 1.00 9.98  ? 118 TYR B CB  1 
ATOM   884  C CG  . TYR B 1 59 ? 2.680   -4.776  -16.053 1.00 9.82  ? 118 TYR B CG  1 
ATOM   885  C CD1 . TYR B 1 59 ? 1.927   -5.464  -17.007 1.00 10.97 ? 118 TYR B CD1 1 
ATOM   886  C CD2 . TYR B 1 59 ? 2.192   -4.713  -14.749 1.00 10.34 ? 118 TYR B CD2 1 
ATOM   887  C CE1 . TYR B 1 59 ? 0.733   -6.076  -16.665 1.00 11.25 ? 118 TYR B CE1 1 
ATOM   888  C CE2 . TYR B 1 59 ? 0.990   -5.313  -14.392 1.00 10.44 ? 118 TYR B CE2 1 
ATOM   889  C CZ  . TYR B 1 59 ? 0.264   -5.992  -15.357 1.00 11.76 ? 118 TYR B CZ  1 
ATOM   890  O OH  . TYR B 1 59 ? -0.919  -6.599  -15.018 1.00 13.06 ? 118 TYR B OH  1 
ATOM   891  N N   . ASN B 1 60 ? 7.381   -4.330  -16.595 1.00 9.76  ? 119 ASN B N   1 
ATOM   892  C CA  . ASN B 1 60 ? 8.541   -3.563  -17.077 1.00 10.56 ? 119 ASN B CA  1 
ATOM   893  C C   . ASN B 1 60 ? 9.873   -4.301  -16.912 1.00 10.73 ? 119 ASN B C   1 
ATOM   894  O O   . ASN B 1 60 ? 10.922  -3.678  -16.814 1.00 10.62 ? 119 ASN B O   1 
ATOM   895  C CB  . ASN B 1 60 ? 8.598   -2.202  -16.367 1.00 10.93 ? 119 ASN B CB  1 
ATOM   896  C CG  . ASN B 1 60 ? 9.164   -1.093  -17.244 1.00 11.36 ? 119 ASN B CG  1 
ATOM   897  O OD1 . ASN B 1 60 ? 8.911   -1.060  -18.452 1.00 14.35 ? 119 ASN B OD1 1 
ATOM   898  N ND2 . ASN B 1 60 ? 9.896   -0.170  -16.640 1.00 11.60 ? 119 ASN B ND2 1 
ATOM   899  N N   . GLU B 1 61 ? 9.804   -5.631  -16.844 1.00 11.91 ? 120 GLU B N   1 
ATOM   900  C CA  . GLU B 1 61 ? 10.994  -6.491  -16.737 1.00 12.90 ? 120 GLU B CA  1 
ATOM   901  C C   . GLU B 1 61 ? 11.894  -6.078  -15.565 1.00 12.59 ? 120 GLU B C   1 
ATOM   902  O O   . GLU B 1 61 ? 13.120  -6.188  -15.601 1.00 13.60 ? 120 GLU B O   1 
ATOM   903  C CB  . GLU B 1 61 ? 11.770  -6.546  -18.074 1.00 14.09 ? 120 GLU B CB  1 
ATOM   904  C CG  . GLU B 1 61 ? 10.935  -6.980  -19.275 1.00 17.12 ? 120 GLU B CG  1 
ATOM   905  C CD  . GLU B 1 61 ? 10.151  -5.838  -19.920 1.00 21.20 ? 120 GLU B CD  1 
ATOM   906  O OE1 . GLU B 1 61 ? 10.672  -4.700  -20.004 1.00 23.68 ? 120 GLU B OE1 1 
ATOM   907  O OE2 . GLU B 1 61 ? 9.006   -6.077  -20.360 1.00 25.09 ? 120 GLU B OE2 1 
ATOM   908  N N   . GLY B 1 62 ? 11.264  -5.588  -14.507 1.00 10.98 ? 121 GLY B N   1 
ATOM   909  C CA  . GLY B 1 62 ? 11.988  -5.208  -13.311 1.00 10.45 ? 121 GLY B CA  1 
ATOM   910  C C   . GLY B 1 62 ? 12.615  -3.825  -13.306 1.00 10.01 ? 121 GLY B C   1 
ATOM   911  O O   . GLY B 1 62 ? 13.213  -3.435  -12.319 1.00 10.50 ? 121 GLY B O   1 
ATOM   912  N N   . ARG B 1 63 ? 12.449  -3.068  -14.396 1.00 9.70  ? 122 ARG B N   1 
ATOM   913  C CA  . ARG B 1 63 ? 13.016  -1.725  -14.470 1.00 10.08 ? 122 ARG B CA  1 
ATOM   914  C C   . ARG B 1 63 ? 12.090  -0.698  -13.835 1.00 9.91  ? 122 ARG B C   1 
ATOM   915  O O   . ARG B 1 63 ? 10.860  -0.881  -13.836 1.00 10.17 ? 122 ARG B O   1 
ATOM   916  C CB  . ARG B 1 63 ? 13.275  -1.330  -15.923 1.00 10.32 ? 122 ARG B CB  1 
ATOM   917  C CG  . ARG B 1 63 ? 14.403  -2.108  -16.597 1.00 10.81 ? 122 ARG B CG  1 
ATOM   918  C CD  . ARG B 1 63 ? 14.529  -1.716  -18.097 1.00 13.29 ? 122 ARG B CD  1 
ATOM   919  N NE  . ARG B 1 63 ? 13.354  -2.136  -18.862 1.00 15.94 ? 122 ARG B NE  1 
ATOM   920  C CZ  . ARG B 1 63 ? 12.369  -1.334  -19.278 1.00 19.64 ? 122 ARG B CZ  1 
ATOM   921  N NH1 . ARG B 1 63 ? 11.347  -1.860  -19.941 1.00 21.45 ? 122 ARG B NH1 1 
ATOM   922  N NH2 . ARG B 1 63 ? 12.398  -0.024  -19.055 1.00 20.81 ? 122 ARG B NH2 1 
ATOM   923  N N   . ARG B 1 64 ? 12.666  0.392   -13.326 1.00 10.55 ? 123 ARG B N   1 
ATOM   924  C CA  . ARG B 1 64 ? 11.884  1.534   -12.840 1.00 11.56 ? 123 ARG B CA  1 
ATOM   925  C C   . ARG B 1 64 ? 10.938  2.020   -13.917 1.00 11.51 ? 123 ARG B C   1 
ATOM   926  O O   . ARG B 1 64 ? 11.290  2.070   -15.102 1.00 12.63 ? 123 ARG B O   1 
ATOM   927  C CB  . ARG B 1 64 ? 12.762  2.730   -12.471 1.00 12.54 ? 123 ARG B CB  1 
ATOM   928  C CG  . ARG B 1 64 ? 13.889  2.488   -11.529 1.00 15.12 ? 123 ARG B CG  1 
ATOM   929  C CD  . ARG B 1 64 ? 14.687  3.783   -11.422 1.00 18.99 ? 123 ARG B CD  1 
ATOM   930  N NE  . ARG B 1 64 ? 15.931  3.674   -10.658 1.00 21.49 ? 123 ARG B NE  1 
ATOM   931  C CZ  . ARG B 1 64 ? 17.079  3.214   -11.143 1.00 20.83 ? 123 ARG B CZ  1 
ATOM   932  N NH1 . ARG B 1 64 ? 17.157  2.761   -12.391 1.00 20.60 ? 123 ARG B NH1 1 
ATOM   933  N NH2 . ARG B 1 64 ? 18.150  3.186   -10.364 1.00 22.95 ? 123 ARG B NH2 1 
ATOM   934  N N   . PHE B 1 65 ? 9.740   2.410   -13.496 1.00 10.96 ? 124 PHE B N   1 
ATOM   935  C CA  . PHE B 1 65 ? 8.783   3.013   -14.408 1.00 11.54 ? 124 PHE B CA  1 
ATOM   936  C C   . PHE B 1 65 ? 9.199   4.435   -14.781 1.00 12.36 ? 124 PHE B C   1 
ATOM   937  O O   . PHE B 1 65 ? 9.778   5.167   -13.959 1.00 12.83 ? 124 PHE B O   1 
ATOM   938  C CB  . PHE B 1 65 ? 7.400   3.065   -13.767 1.00 11.02 ? 124 PHE B CB  1 
ATOM   939  C CG  . PHE B 1 65 ? 6.732   1.724   -13.598 1.00 9.89  ? 124 PHE B CG  1 
ATOM   940  C CD1 . PHE B 1 65 ? 6.478   0.900   -14.687 1.00 10.35 ? 124 PHE B CD1 1 
ATOM   941  C CD2 . PHE B 1 65 ? 6.294   1.312   -12.343 1.00 9.32  ? 124 PHE B CD2 1 
ATOM   942  C CE1 . PHE B 1 65 ? 5.838   -0.322  -14.524 1.00 9.51  ? 124 PHE B CE1 1 
ATOM   943  C CE2 . PHE B 1 65 ? 5.649   0.084   -12.190 1.00 9.06  ? 124 PHE B CE2 1 
ATOM   944  C CZ  . PHE B 1 65 ? 5.411   -0.720  -13.275 1.00 7.96  ? 124 PHE B CZ  1 
ATOM   945  N N   . GLU B 1 66 ? 8.866   4.821   -16.011 1.00 13.47 ? 125 GLU B N   1 
ATOM   946  C CA  . GLU B 1 66 ? 9.082   6.189   -16.494 1.00 14.39 ? 125 GLU B CA  1 
ATOM   947  C C   . GLU B 1 66 ? 7.792   6.708   -17.106 1.00 14.49 ? 125 GLU B C   1 
ATOM   948  O O   . GLU B 1 66 ? 7.147   5.991   -17.871 1.00 14.70 ? 125 GLU B O   1 
ATOM   949  C CB  . GLU B 1 66 ? 10.149  6.217   -17.593 1.00 14.80 ? 125 GLU B CB  1 
ATOM   950  C CG  . GLU B 1 66 ? 11.474  5.562   -17.261 1.00 17.23 ? 125 GLU B CG  1 
ATOM   951  C CD  . GLU B 1 66 ? 12.320  5.363   -18.503 1.00 18.54 ? 125 GLU B CD  1 
ATOM   952  O OE1 . GLU B 1 66 ? 12.280  4.254   -19.084 1.00 18.28 ? 125 GLU B OE1 1 
ATOM   953  O OE2 . GLU B 1 66 ? 12.994  6.333   -18.919 1.00 21.52 ? 125 GLU B OE2 1 
ATOM   954  N N   . ASN B 1 67 ? 7.440   7.959   -16.807 1.00 15.23 ? 126 ASN B N   1 
ATOM   955  C CA  . ASN B 1 67 ? 6.302   8.606   -17.475 1.00 16.23 ? 126 ASN B CA  1 
ATOM   956  C C   . ASN B 1 67 ? 6.510   8.685   -18.986 1.00 16.56 ? 126 ASN B C   1 
ATOM   957  O O   . ASN B 1 67 ? 7.643   8.889   -19.442 1.00 16.50 ? 126 ASN B O   1 
ATOM   958  C CB  . ASN B 1 67 ? 6.100   10.037  -16.967 1.00 16.27 ? 126 ASN B CB  1 
ATOM   959  C CG  . ASN B 1 67 ? 5.698   10.102  -15.507 1.00 17.12 ? 126 ASN B CG  1 
ATOM   960  O OD1 . ASN B 1 67 ? 4.860   9.337   -15.042 1.00 16.75 ? 126 ASN B OD1 1 
ATOM   961  N ND2 . ASN B 1 67 ? 6.277   11.049  -14.787 1.00 19.20 ? 126 ASN B ND2 1 
ATOM   962  N N   . ALA B 1 68 ? 5.431   8.538   -19.752 1.00 17.23 ? 127 ALA B N   1 
ATOM   963  C CA  . ALA B 1 68 ? 5.455   8.854   -21.184 1.00 18.46 ? 127 ALA B CA  1 
ATOM   964  C C   . ALA B 1 68 ? 5.818   10.327  -21.354 1.00 19.52 ? 127 ALA B C   1 
ATOM   965  O O   . ALA B 1 68 ? 5.386   11.170  -20.563 1.00 20.04 ? 127 ALA B O   1 
ATOM   966  C CB  . ALA B 1 68 ? 4.101   8.562   -21.821 1.00 18.63 ? 127 ALA B CB  1 
ATOM   967  N N   . GLU B 1 69 ? 6.634   10.632  -22.359 1.00 20.11 ? 128 GLU B N   1 
ATOM   968  C CA  . GLU B 1 69 ? 7.002   12.016  -22.663 1.00 20.76 ? 128 GLU B CA  1 
ATOM   969  C C   . GLU B 1 69 ? 6.680   12.312  -24.113 1.00 21.35 ? 128 GLU B C   1 
ATOM   970  O O   . GLU B 1 69 ? 7.191   11.627  -24.993 1.00 22.08 ? 128 GLU B O   1 
ATOM   971  C CB  . GLU B 1 69 ? 8.497   12.260  -22.423 1.00 20.95 ? 128 GLU B CB  1 
ATOM   972  C CG  . GLU B 1 69 ? 8.990   11.946  -21.022 1.00 21.25 ? 128 GLU B CG  1 
ATOM   973  C CD  . GLU B 1 69 ? 8.645   13.023  -20.000 1.00 22.03 ? 128 GLU B CD  1 
ATOM   974  O OE1 . GLU B 1 69 ? 8.119   14.097  -20.378 1.00 23.37 ? 128 GLU B OE1 1 
ATOM   975  O OE2 . GLU B 1 69 ? 8.923   12.799  -18.806 1.00 23.40 ? 128 GLU B OE2 1 
HETATM 976  S S   . SO4 C 2 .  ? -12.646 -13.832 10.518  1.00 56.49 ? 5   SO4 A S   1 
HETATM 977  O O1  . SO4 C 2 .  ? -12.086 -14.940 11.285  1.00 56.97 ? 5   SO4 A O1  1 
HETATM 978  O O2  . SO4 C 2 .  ? -11.600 -13.180 9.737   1.00 56.76 ? 5   SO4 A O2  1 
HETATM 979  O O3  . SO4 C 2 .  ? -13.668 -14.349 9.612   1.00 56.89 ? 5   SO4 A O3  1 
HETATM 980  O O4  . SO4 C 2 .  ? -13.236 -12.857 11.431  1.00 56.66 ? 5   SO4 A O4  1 
HETATM 981  S S   . SO4 D 2 .  ? -1.605  13.309  -8.560  1.00 33.97 ? 6   SO4 A S   1 
HETATM 982  O O1  . SO4 D 2 .  ? -0.762  13.376  -7.368  1.00 34.06 ? 6   SO4 A O1  1 
HETATM 983  O O2  . SO4 D 2 .  ? -2.007  14.659  -8.939  1.00 34.93 ? 6   SO4 A O2  1 
HETATM 984  O O3  . SO4 D 2 .  ? -0.842  12.719  -9.658  1.00 34.81 ? 6   SO4 A O3  1 
HETATM 985  O O4  . SO4 D 2 .  ? -2.808  12.520  -8.301  1.00 34.47 ? 6   SO4 A O4  1 
HETATM 986  S S   . SO4 E 2 .  ? -10.708 -1.108  -8.716  0.50 12.05 ? 8   SO4 A S   1 
HETATM 987  O O1  . SO4 E 2 .  ? -10.234 -2.433  -9.112  0.50 11.86 ? 8   SO4 A O1  1 
HETATM 988  O O2  . SO4 E 2 .  ? -9.554  -0.273  -8.412  0.50 13.67 ? 8   SO4 A O2  1 
HETATM 989  O O3  . SO4 E 2 .  ? -11.479 -0.529  -9.816  0.50 14.35 ? 8   SO4 A O3  1 
HETATM 990  O O4  . SO4 E 2 .  ? -11.521 -1.234  -7.518  0.50 10.85 ? 8   SO4 A O4  1 
HETATM 991  S S   . SO4 F 2 .  ? -7.641  9.353   -11.135 1.00 39.60 ? 9   SO4 A S   1 
HETATM 992  O O1  . SO4 F 2 .  ? -6.551  9.279   -12.107 1.00 39.06 ? 9   SO4 A O1  1 
HETATM 993  O O2  . SO4 F 2 .  ? -7.163  9.965   -9.896  1.00 39.12 ? 9   SO4 A O2  1 
HETATM 994  O O3  . SO4 F 2 .  ? -8.728  10.169  -11.681 1.00 39.51 ? 9   SO4 A O3  1 
HETATM 995  O O4  . SO4 F 2 .  ? -8.133  8.008   -10.848 1.00 36.97 ? 9   SO4 A O4  1 
HETATM 996  S S   . SO4 G 2 .  ? 0.411   9.537   8.874   1.00 25.04 ? 1   SO4 B S   1 
HETATM 997  O O1  . SO4 G 2 .  ? 0.012   8.488   7.931   1.00 23.66 ? 1   SO4 B O1  1 
HETATM 998  O O2  . SO4 G 2 .  ? 1.863   9.510   8.969   1.00 27.42 ? 1   SO4 B O2  1 
HETATM 999  O O3  . SO4 G 2 .  ? -0.006  10.855  8.418   1.00 27.75 ? 1   SO4 B O3  1 
HETATM 1000 O O4  . SO4 G 2 .  ? -0.144  9.267   10.192  1.00 26.85 ? 1   SO4 B O4  1 
HETATM 1001 S S   . SO4 H 2 .  ? 11.049  2.374   9.369   1.00 28.46 ? 2   SO4 B S   1 
HETATM 1002 O O1  . SO4 H 2 .  ? 10.961  3.744   9.850   1.00 30.36 ? 2   SO4 B O1  1 
HETATM 1003 O O2  . SO4 H 2 .  ? 11.483  2.377   7.972   1.00 31.45 ? 2   SO4 B O2  1 
HETATM 1004 O O3  . SO4 H 2 .  ? 11.973  1.601   10.196  1.00 31.13 ? 2   SO4 B O3  1 
HETATM 1005 O O4  . SO4 H 2 .  ? 9.723   1.776   9.465   1.00 29.62 ? 2   SO4 B O4  1 
HETATM 1006 S S   . SO4 I 2 .  ? -1.898  16.307  0.718   1.00 33.54 ? 3   SO4 B S   1 
HETATM 1007 O O1  . SO4 I 2 .  ? -0.477  16.645  0.787   1.00 33.87 ? 3   SO4 B O1  1 
HETATM 1008 O O2  . SO4 I 2 .  ? -2.631  17.339  -0.018  1.00 34.36 ? 3   SO4 B O2  1 
HETATM 1009 O O3  . SO4 I 2 .  ? -2.056  15.025  0.026   1.00 33.68 ? 3   SO4 B O3  1 
HETATM 1010 O O4  . SO4 I 2 .  ? -2.431  16.215  2.076   1.00 33.84 ? 3   SO4 B O4  1 
HETATM 1011 S S   . SO4 J 2 .  ? -4.033  7.129   14.172  1.00 39.55 ? 4   SO4 B S   1 
HETATM 1012 O O1  . SO4 J 2 .  ? -2.627  7.388   13.872  1.00 40.13 ? 4   SO4 B O1  1 
HETATM 1013 O O2  . SO4 J 2 .  ? -4.596  8.323   14.797  1.00 40.47 ? 4   SO4 B O2  1 
HETATM 1014 O O3  . SO4 J 2 .  ? -4.772  6.852   12.941  1.00 40.25 ? 4   SO4 B O3  1 
HETATM 1015 O O4  . SO4 J 2 .  ? -4.163  6.005   15.097  1.00 40.27 ? 4   SO4 B O4  1 
HETATM 1016 S S   . SO4 K 2 .  ? 3.860   6.020   14.730  1.00 29.90 ? 7   SO4 B S   1 
HETATM 1017 O O1  . SO4 K 2 .  ? 4.969   5.583   13.885  1.00 28.61 ? 7   SO4 B O1  1 
HETATM 1018 O O2  . SO4 K 2 .  ? 4.382   6.825   15.835  1.00 30.88 ? 7   SO4 B O2  1 
HETATM 1019 O O3  . SO4 K 2 .  ? 2.902   6.796   13.943  1.00 30.26 ? 7   SO4 B O3  1 
HETATM 1020 O O4  . SO4 K 2 .  ? 3.194   4.845   15.281  1.00 29.94 ? 7   SO4 B O4  1 
HETATM 1021 S S   . SO4 L 2 .  ? -6.459  10.326  -3.726  1.00 24.64 ? 10  SO4 B S   1 
HETATM 1022 O O1  . SO4 L 2 .  ? -5.345  10.075  -2.799  1.00 23.53 ? 10  SO4 B O1  1 
HETATM 1023 O O2  . SO4 L 2 .  ? -5.907  10.914  -4.946  1.00 25.34 ? 10  SO4 B O2  1 
HETATM 1024 O O3  . SO4 L 2 .  ? -7.087  9.051   -4.076  1.00 24.42 ? 10  SO4 B O3  1 
HETATM 1025 O O4  . SO4 L 2 .  ? -7.466  11.210  -3.130  1.00 25.25 ? 10  SO4 B O4  1 
HETATM 1026 O O   . HOH M 3 .  ? 6.980   4.288   -10.467 1.00 13.33 ? 4   HOH A O   1 
HETATM 1027 O O   . HOH M 3 .  ? -2.134  -1.109  -11.209 1.00 17.47 ? 7   HOH A O   1 
HETATM 1028 O O   . HOH M 3 .  ? 1.547   -4.392  -20.355 1.00 19.01 ? 10  HOH A O   1 
HETATM 1029 O O   . HOH M 3 .  ? -10.786 -11.222 14.860  1.00 29.80 ? 11  HOH A O   1 
HETATM 1030 O O   . HOH M 3 .  ? -8.627  -4.503  11.966  1.00 14.75 ? 16  HOH A O   1 
HETATM 1031 O O   . HOH M 3 .  ? 0.956   -7.371  0.011   1.00 20.17 ? 19  HOH A O   1 
HETATM 1032 O O   . HOH M 3 .  ? 9.582   12.654  -1.030  1.00 32.47 ? 22  HOH A O   1 
HETATM 1033 O O   . HOH M 3 .  ? -0.033  -5.095  -1.528  1.00 15.94 ? 26  HOH A O   1 
HETATM 1034 O O   . HOH M 3 .  ? -7.633  -7.267  9.748   1.00 13.29 ? 27  HOH A O   1 
HETATM 1035 O O   . HOH M 3 .  ? -2.576  -10.432 0.056   1.00 20.28 ? 31  HOH A O   1 
HETATM 1036 O O   . HOH M 3 .  ? 0.452   0.992   -20.271 1.00 24.26 ? 33  HOH A O   1 
HETATM 1037 O O   . HOH M 3 .  ? -7.965  12.775  7.109   1.00 37.34 ? 34  HOH A O   1 
HETATM 1038 O O   . HOH M 3 .  ? -7.444  6.710   -14.554 1.00 25.36 ? 35  HOH A O   1 
HETATM 1039 O O   . HOH M 3 .  ? 8.398   9.968   -0.834  1.00 18.55 ? 40  HOH A O   1 
HETATM 1040 O O   . HOH M 3 .  ? 7.707   8.675   -12.093 1.00 25.15 ? 41  HOH A O   1 
HETATM 1041 O O   . HOH M 3 .  ? -6.434  -15.956 15.135  1.00 26.07 ? 47  HOH A O   1 
HETATM 1042 O O   . HOH M 3 .  ? 3.914   10.947  -11.366 1.00 19.36 ? 54  HOH A O   1 
HETATM 1043 O O   . HOH M 3 .  ? -0.841  -17.288 11.118  1.00 21.75 ? 55  HOH A O   1 
HETATM 1044 O O   . HOH M 3 .  ? -7.108  -13.342 5.656   1.00 33.20 ? 56  HOH A O   1 
HETATM 1045 O O   . HOH M 3 .  ? -3.366  -2.309  -6.346  1.00 19.15 ? 57  HOH A O   1 
HETATM 1046 O O   . HOH M 3 .  ? -7.368  -3.658  4.906   1.00 18.87 ? 58  HOH A O   1 
HETATM 1047 O O   . HOH M 3 .  ? -12.110 -4.913  14.499  1.00 28.35 ? 59  HOH A O   1 
HETATM 1048 O O   . HOH M 3 .  ? 10.314  7.938   -1.633  1.00 22.01 ? 140 HOH A O   1 
HETATM 1049 O O   . HOH M 3 .  ? -2.561  1.051   -17.988 1.00 12.92 ? 141 HOH A O   1 
HETATM 1050 O O   . HOH M 3 .  ? -8.298  -11.905 15.891  1.00 12.61 ? 142 HOH A O   1 
HETATM 1051 O O   . HOH M 3 .  ? -16.273 2.969   -14.651 1.00 31.75 ? 143 HOH A O   1 
HETATM 1052 O O   . HOH M 3 .  ? -16.523 0.799   -13.217 1.00 37.09 ? 144 HOH A O   1 
HETATM 1053 O O   . HOH M 3 .  ? -11.848 2.336   -8.954  1.00 11.70 ? 145 HOH A O   1 
HETATM 1054 O O   . HOH M 3 .  ? -8.594  8.308   -8.082  1.00 15.11 ? 146 HOH A O   1 
HETATM 1055 O O   . HOH M 3 .  ? 2.185   7.096   6.838   1.00 18.86 ? 147 HOH A O   1 
HETATM 1056 O O   . HOH M 3 .  ? -10.254 -6.224  9.588   1.00 25.63 ? 148 HOH A O   1 
HETATM 1057 O O   . HOH M 3 .  ? -9.053  -0.556  -15.596 1.00 30.50 ? 149 HOH A O   1 
HETATM 1058 O O   . HOH M 3 .  ? -8.808  -19.406 11.292  1.00 35.97 ? 150 HOH A O   1 
HETATM 1059 O O   . HOH M 3 .  ? -9.013  -7.637  5.831   1.00 33.50 ? 151 HOH A O   1 
HETATM 1060 O O   . HOH M 3 .  ? -7.745  -6.191  3.967   1.00 28.40 ? 152 HOH A O   1 
HETATM 1061 O O   . HOH M 3 .  ? 8.116   14.344  0.730   1.00 35.17 ? 153 HOH A O   1 
HETATM 1062 O O   . HOH M 3 .  ? 1.970   12.827  -7.269  1.00 30.13 ? 154 HOH A O   1 
HETATM 1063 O O   . HOH M 3 .  ? -1.834  -12.305 16.189  1.00 29.81 ? 155 HOH A O   1 
HETATM 1064 O O   . HOH M 3 .  ? -3.165  8.400   -14.367 1.00 24.93 ? 156 HOH A O   1 
HETATM 1065 O O   . HOH M 3 .  ? -0.170  -9.562  -1.130  1.00 30.24 ? 157 HOH A O   1 
HETATM 1066 O O   . HOH M 3 .  ? 8.659   10.561  -10.432 1.00 31.04 ? 158 HOH A O   1 
HETATM 1067 O O   . HOH M 3 .  ? 3.608   14.022  -5.424  1.00 30.79 ? 159 HOH A O   1 
HETATM 1068 O O   . HOH M 3 .  ? -12.685 -4.608  17.786  1.00 21.31 ? 160 HOH A O   1 
HETATM 1069 O O   . HOH M 3 .  ? -1.006  -8.828  -11.126 1.00 23.72 ? 161 HOH A O   1 
HETATM 1070 O O   . HOH M 3 .  ? 9.133   10.331  -7.693  1.00 25.93 ? 162 HOH A O   1 
HETATM 1071 O O   . HOH M 3 .  ? -8.960  -2.802  -17.213 1.00 27.01 ? 163 HOH A O   1 
HETATM 1072 O O   . HOH M 3 .  ? 0.873   9.655   -15.086 1.00 30.59 ? 164 HOH A O   1 
HETATM 1073 O O   . HOH M 3 .  ? -2.563  5.297   -19.201 1.00 42.02 ? 165 HOH A O   1 
HETATM 1074 O O   . HOH M 3 .  ? -7.334  -6.150  -17.698 1.00 34.69 ? 166 HOH A O   1 
HETATM 1075 O O   . HOH M 3 .  ? 1.418   14.380  5.583   1.00 29.94 ? 167 HOH A O   1 
HETATM 1076 O O   . HOH M 3 .  ? -2.041  11.440  6.427   1.00 29.30 ? 168 HOH A O   1 
HETATM 1077 O O   . HOH M 3 .  ? 2.351   11.352  -13.649 1.00 36.23 ? 169 HOH A O   1 
HETATM 1078 O O   . HOH M 3 .  ? -0.423  11.054  -17.075 1.00 39.20 ? 170 HOH A O   1 
HETATM 1079 O O   . HOH M 3 .  ? 0.608   -8.668  -3.687  1.00 39.37 ? 171 HOH A O   1 
HETATM 1080 O O   . HOH M 3 .  ? -12.454 6.303   -13.733 1.00 33.26 ? 172 HOH A O   1 
HETATM 1081 O O   . HOH M 3 .  ? -8.409  -7.093  -15.462 1.00 43.00 ? 173 HOH A O   1 
HETATM 1082 O O   . HOH M 3 .  ? -9.792  9.167   -3.052  1.00 31.61 ? 174 HOH A O   1 
HETATM 1083 O O   . HOH M 3 .  ? 11.228  8.862   -6.993  1.00 31.82 ? 175 HOH A O   1 
HETATM 1084 O O   . HOH M 3 .  ? -5.001  -8.680  -13.868 1.00 44.32 ? 176 HOH A O   1 
HETATM 1085 O O   . HOH M 3 .  ? -15.184 -10.011 15.531  1.00 40.38 ? 177 HOH A O   1 
HETATM 1086 O O   . HOH M 3 .  ? -8.870  0.892   16.856  1.00 38.18 ? 178 HOH A O   1 
HETATM 1087 O O   . HOH M 3 .  ? -2.802  -18.528 7.899   1.00 31.62 ? 179 HOH A O   1 
HETATM 1088 O O   . HOH M 3 .  ? 11.042  6.687   2.250   1.00 41.38 ? 180 HOH A O   1 
HETATM 1089 O O   . HOH M 3 .  ? -3.206  -4.839  -5.454  1.00 24.18 ? 181 HOH A O   1 
HETATM 1090 O O   . HOH M 3 .  ? -7.993  -14.463 16.754  1.00 17.63 ? 182 HOH A O   1 
HETATM 1091 O O   . HOH M 3 .  ? -2.220  -10.862 18.437  1.00 18.70 ? 183 HOH A O   1 
HETATM 1092 O O   . HOH M 3 .  ? 2.691   12.814  -9.906  1.00 26.48 ? 184 HOH A O   1 
HETATM 1093 O O   . HOH M 3 .  ? -11.410 7.373   -2.043  1.00 18.20 ? 185 HOH A O   1 
HETATM 1094 O O   . HOH M 3 .  ? -15.049 5.222   -13.880 1.00 21.19 ? 186 HOH A O   1 
HETATM 1095 O O   . HOH M 3 .  ? -10.884 8.440   -12.579 1.00 30.62 ? 187 HOH A O   1 
HETATM 1096 O O   . HOH N 3 .  ? -6.230  -5.015  10.551  1.00 11.70 ? 8   HOH B O   1 
HETATM 1097 O O   . HOH N 3 .  ? 5.065   6.527   4.075   1.00 14.17 ? 12  HOH B O   1 
HETATM 1098 O O   . HOH N 3 .  ? 10.027  -10.053 -13.987 1.00 12.66 ? 13  HOH B O   1 
HETATM 1099 O O   . HOH N 3 .  ? 2.657   -4.684  -0.958  1.00 16.71 ? 14  HOH B O   1 
HETATM 1100 O O   . HOH N 3 .  ? 10.197  -2.434  14.736  1.00 28.71 ? 15  HOH B O   1 
HETATM 1101 O O   . HOH N 3 .  ? 15.419  1.089   -14.014 1.00 16.94 ? 17  HOH B O   1 
HETATM 1102 O O   . HOH N 3 .  ? 9.598   0.519   -20.640 1.00 16.13 ? 18  HOH B O   1 
HETATM 1103 O O   . HOH N 3 .  ? 12.046  -3.974  -9.863  1.00 19.05 ? 20  HOH B O   1 
HETATM 1104 O O   . HOH N 3 .  ? 9.144   -2.822  0.359   1.00 23.45 ? 21  HOH B O   1 
HETATM 1105 O O   . HOH N 3 .  ? -11.527 -0.548  10.595  1.00 15.42 ? 23  HOH B O   1 
HETATM 1106 O O   . HOH N 3 .  ? 8.740   6.224   -11.440 1.00 14.77 ? 24  HOH B O   1 
HETATM 1107 O O   . HOH N 3 .  ? 4.027   -4.546  9.819   1.00 16.25 ? 25  HOH B O   1 
HETATM 1108 O O   . HOH N 3 .  ? -1.859  -2.919  -8.766  1.00 18.66 ? 28  HOH B O   1 
HETATM 1109 O O   . HOH N 3 .  ? 13.861  2.431   -16.101 1.00 18.33 ? 29  HOH B O   1 
HETATM 1110 O O   . HOH N 3 .  ? 7.078   8.338   4.197   1.00 25.24 ? 30  HOH B O   1 
HETATM 1111 O O   . HOH N 3 .  ? 10.259  1.242   1.573   1.00 24.97 ? 32  HOH B O   1 
HETATM 1112 O O   . HOH N 3 .  ? -5.957  6.923   -2.892  1.00 20.43 ? 36  HOH B O   1 
HETATM 1113 O O   . HOH N 3 .  ? 7.864   2.975   -5.050  1.00 20.91 ? 37  HOH B O   1 
HETATM 1114 O O   . HOH N 3 .  ? -6.698  1.172   14.635  1.00 18.17 ? 38  HOH B O   1 
HETATM 1115 O O   . HOH N 3 .  ? 11.364  -4.990  6.586   1.00 37.90 ? 39  HOH B O   1 
HETATM 1116 O O   . HOH N 3 .  ? 10.798  2.350   -17.827 1.00 20.27 ? 42  HOH B O   1 
HETATM 1117 O O   . HOH N 3 .  ? 4.285   -5.167  -20.153 1.00 24.30 ? 43  HOH B O   1 
HETATM 1118 O O   . HOH N 3 .  ? 8.919   9.203   -14.601 1.00 25.43 ? 44  HOH B O   1 
HETATM 1119 O O   . HOH N 3 .  ? 0.725   -9.349  18.356  1.00 19.50 ? 45  HOH B O   1 
HETATM 1120 O O   . HOH N 3 .  ? 9.872   9.917   -18.345 1.00 20.04 ? 46  HOH B O   1 
HETATM 1121 O O   . HOH N 3 .  ? 9.801   -4.663  -1.818  1.00 31.40 ? 48  HOH B O   1 
HETATM 1122 O O   . HOH N 3 .  ? 7.253   -10.002 17.512  1.00 15.89 ? 49  HOH B O   1 
HETATM 1123 O O   . HOH N 3 .  ? 7.332   4.907   15.717  1.00 36.45 ? 50  HOH B O   1 
HETATM 1124 O O   . HOH N 3 .  ? -8.233  4.431   -1.420  1.00 13.83 ? 51  HOH B O   1 
HETATM 1125 O O   . HOH N 3 .  ? 5.007   7.187   11.272  1.00 18.95 ? 52  HOH B O   1 
HETATM 1126 O O   . HOH N 3 .  ? 9.904   1.851   4.408   1.00 25.60 ? 53  HOH B O   1 
HETATM 1127 O O   . HOH N 3 .  ? 4.169   11.262  12.361  1.00 40.88 ? 140 HOH B O   1 
HETATM 1128 O O   . HOH N 3 .  ? 19.215  5.320   -13.042 1.00 25.93 ? 141 HOH B O   1 
HETATM 1129 O O   . HOH N 3 .  ? 11.201  4.456   -9.648  1.00 31.16 ? 142 HOH B O   1 
HETATM 1130 O O   . HOH N 3 .  ? -11.918 3.039   4.455   1.00 15.01 ? 143 HOH B O   1 
HETATM 1131 O O   . HOH N 3 .  ? -6.048  -1.095  16.925  1.00 16.34 ? 144 HOH B O   1 
HETATM 1132 O O   . HOH N 3 .  ? 2.653   -6.163  -3.418  1.00 17.55 ? 145 HOH B O   1 
HETATM 1133 O O   . HOH N 3 .  ? 5.339   2.924   16.129  1.00 35.89 ? 146 HOH B O   1 
HETATM 1134 O O   . HOH N 3 .  ? 12.688  -5.408  13.477  1.00 21.07 ? 147 HOH B O   1 
HETATM 1135 O O   . HOH N 3 .  ? -12.370 0.275   4.061   1.00 18.46 ? 148 HOH B O   1 
HETATM 1136 O O   . HOH N 3 .  ? -0.961  -5.741  -4.083  1.00 21.48 ? 149 HOH B O   1 
HETATM 1137 O O   . HOH N 3 .  ? 12.246  6.246   -13.741 1.00 26.05 ? 150 HOH B O   1 
HETATM 1138 O O   . HOH N 3 .  ? -7.118  10.331  -7.243  1.00 23.76 ? 151 HOH B O   1 
HETATM 1139 O O   . HOH N 3 .  ? 9.192   2.642   -10.606 1.00 14.47 ? 152 HOH B O   1 
HETATM 1140 O O   . HOH N 3 .  ? -4.683  12.282  -0.158  1.00 25.08 ? 153 HOH B O   1 
HETATM 1141 O O   . HOH N 3 .  ? -2.473  -8.379  -16.838 1.00 40.00 ? 154 HOH B O   1 
HETATM 1142 O O   . HOH N 3 .  ? 7.627   -7.322  -17.728 1.00 21.28 ? 155 HOH B O   1 
HETATM 1143 O O   . HOH N 3 .  ? 11.846  -11.093 -15.789 1.00 22.04 ? 156 HOH B O   1 
HETATM 1144 O O   . HOH N 3 .  ? 0.943   1.555   16.725  1.00 21.97 ? 157 HOH B O   1 
HETATM 1145 O O   . HOH N 3 .  ? 4.700   -7.855  -3.459  1.00 24.16 ? 158 HOH B O   1 
HETATM 1146 O O   . HOH N 3 .  ? -3.192  -0.782  20.097  1.00 35.20 ? 159 HOH B O   1 
HETATM 1147 O O   . HOH N 3 .  ? -0.742  -0.260  21.087  1.00 38.47 ? 160 HOH B O   1 
HETATM 1148 O O   . HOH N 3 .  ? -7.574  14.035  -2.956  1.00 26.42 ? 161 HOH B O   1 
HETATM 1149 O O   . HOH N 3 .  ? -8.085  13.289  0.085   1.00 25.50 ? 162 HOH B O   1 
HETATM 1150 O O   . HOH N 3 .  ? 4.496   -5.346  6.812   1.00 20.07 ? 163 HOH B O   1 
HETATM 1151 O O   . HOH N 3 .  ? 2.848   7.991   -18.659 1.00 22.14 ? 164 HOH B O   1 
HETATM 1152 O O   . HOH N 3 .  ? -9.223  5.808   11.133  1.00 28.38 ? 165 HOH B O   1 
HETATM 1153 O O   . HOH N 3 .  ? 6.323   12.132  -12.080 1.00 27.01 ? 166 HOH B O   1 
HETATM 1154 O O   . HOH N 3 .  ? 9.441   0.240   -5.316  1.00 23.04 ? 167 HOH B O   1 
HETATM 1155 O O   . HOH N 3 .  ? 12.698  9.092   -18.311 1.00 32.34 ? 168 HOH B O   1 
HETATM 1156 O O   . HOH N 3 .  ? 0.072   -10.698 15.248  1.00 21.12 ? 169 HOH B O   1 
HETATM 1157 O O   . HOH N 3 .  ? 7.321   8.661   11.052  1.00 31.52 ? 170 HOH B O   1 
HETATM 1158 O O   . HOH N 3 .  ? -12.724 -2.492  8.983   1.00 26.19 ? 171 HOH B O   1 
HETATM 1159 O O   . HOH N 3 .  ? -6.695  3.806   14.211  1.00 26.78 ? 172 HOH B O   1 
HETATM 1160 O O   . HOH N 3 .  ? 10.334  -9.961  8.091   1.00 40.57 ? 173 HOH B O   1 
HETATM 1161 O O   . HOH N 3 .  ? -6.734  5.310   12.070  1.00 22.85 ? 174 HOH B O   1 
HETATM 1162 O O   . HOH N 3 .  ? 2.768   7.919   -16.041 1.00 27.46 ? 175 HOH B O   1 
HETATM 1163 O O   . HOH N 3 .  ? 8.185   1.117   16.795  1.00 32.82 ? 176 HOH B O   1 
HETATM 1164 O O   . HOH N 3 .  ? 6.320   -11.150 5.773   1.00 25.16 ? 177 HOH B O   1 
HETATM 1165 O O   . HOH N 3 .  ? -15.754 7.877   7.710   1.00 27.79 ? 178 HOH B O   1 
HETATM 1166 O O   . HOH N 3 .  ? 15.255  7.115   -17.544 1.00 33.00 ? 179 HOH B O   1 
HETATM 1167 O O   . HOH N 3 .  ? 10.575  4.468   4.700   1.00 33.32 ? 180 HOH B O   1 
HETATM 1168 O O   . HOH N 3 .  ? -2.730  1.081   17.650  1.00 32.21 ? 181 HOH B O   1 
HETATM 1169 O O   . HOH N 3 .  ? 4.762   -3.061  4.762   1.00 30.95 ? 182 HOH B O   1 
HETATM 1170 O O   . HOH N 3 .  ? 11.975  3.712   -1.904  1.00 33.78 ? 183 HOH B O   1 
HETATM 1171 O O   . HOH N 3 .  ? 12.560  -8.377  12.652  1.00 34.86 ? 184 HOH B O   1 
HETATM 1172 O O   . HOH N 3 .  ? 16.851  5.029   -14.506 1.00 42.88 ? 185 HOH B O   1 
HETATM 1173 O O   . HOH N 3 .  ? 14.359  5.305   -15.506 1.00 30.50 ? 186 HOH B O   1 
HETATM 1174 O O   . HOH N 3 .  ? 6.797   10.496  5.711   1.00 42.07 ? 187 HOH B O   1 
HETATM 1175 O O   . HOH N 3 .  ? 9.039   7.297   9.033   1.00 40.84 ? 188 HOH B O   1 
HETATM 1176 O O   . HOH N 3 .  ? 10.339  -0.052  7.169   1.00 33.95 ? 189 HOH B O   1 
HETATM 1177 O O   . HOH N 3 .  ? 12.815  7.238   -11.432 1.00 40.90 ? 190 HOH B O   1 
HETATM 1178 O O   . HOH N 3 .  ? -15.382 -1.936  8.794   1.00 41.66 ? 191 HOH B O   1 
HETATM 1179 O O   . HOH N 3 .  ? 7.865   -9.023  4.934   1.00 36.98 ? 192 HOH B O   1 
HETATM 1180 O O   . HOH N 3 .  ? 2.523   8.300   11.273  1.00 29.96 ? 193 HOH B O   1 
HETATM 1181 O O   . HOH N 3 .  ? 5.352   10.486  7.991   1.00 43.64 ? 194 HOH B O   1 
HETATM 1182 O O   . HOH N 3 .  ? 1.004   6.493   -20.412 1.00 36.26 ? 195 HOH B O   1 
HETATM 1183 O O   . HOH N 3 .  ? 3.277   11.353  -18.849 1.00 38.77 ? 196 HOH B O   1 
HETATM 1184 O O   . HOH N 3 .  ? 13.570  -0.510  10.092  1.00 40.20 ? 197 HOH B O   1 
HETATM 1185 O O   . HOH N 3 .  ? 3.134   0.320   17.703  1.00 34.73 ? 198 HOH B O   1 
HETATM 1186 O O   . HOH N 3 .  ? 5.856   -4.560  3.008   1.00 28.95 ? 199 HOH B O   1 
HETATM 1187 O O   . HOH N 3 .  ? 13.855  -7.025  10.728  1.00 36.43 ? 200 HOH B O   1 
# 
